data_2LTV
#
_entry.id   2LTV
#
loop_
_entity.id
_entity.type
_entity.pdbx_description
1 polymer 'Yorkie homolog'
2 polymer 'Smad7 derived peptide'
#
loop_
_entity_poly.entity_id
_entity_poly.type
_entity_poly.pdbx_seq_one_letter_code
_entity_poly.pdbx_strand_id
1 'polypeptide(L)' GPLPDGWEQAMTQDGEIYYINHKNKTTSWLDPRLDP A
2 'polypeptide(L)' SPPPPYSRYPMD B
#
# COMPACT_ATOMS: atom_id res chain seq x y z
N GLY A 1 2.48 -11.81 2.10
CA GLY A 1 3.27 -12.44 3.20
C GLY A 1 3.56 -11.45 4.30
N PRO A 2 4.59 -11.71 5.13
CA PRO A 2 5.00 -10.78 6.18
C PRO A 2 5.76 -9.60 5.60
N LEU A 3 5.24 -8.40 5.78
CA LEU A 3 5.87 -7.21 5.20
C LEU A 3 7.00 -6.70 6.08
N PRO A 4 7.91 -5.88 5.49
CA PRO A 4 9.05 -5.30 6.22
C PRO A 4 8.63 -4.42 7.40
N ASP A 5 7.32 -4.16 7.49
CA ASP A 5 6.68 -3.44 8.62
C ASP A 5 6.76 -1.93 8.41
N GLY A 6 7.18 -1.53 7.22
CA GLY A 6 7.10 -0.13 6.85
C GLY A 6 5.75 0.19 6.24
N TRP A 7 5.14 -0.82 5.64
CA TRP A 7 3.89 -0.64 4.91
C TRP A 7 2.84 -1.70 5.21
N GLU A 8 1.60 -1.26 5.10
CA GLU A 8 0.42 -2.05 5.45
C GLU A 8 -0.51 -2.09 4.22
N GLN A 9 -1.08 -3.25 3.93
CA GLN A 9 -1.93 -3.40 2.75
C GLN A 9 -3.39 -3.10 3.08
N ALA A 10 -3.90 -1.98 2.58
CA ALA A 10 -5.30 -1.62 2.77
C ALA A 10 -6.06 -1.82 1.47
N MET A 11 -7.35 -2.14 1.57
CA MET A 11 -8.15 -2.41 0.39
C MET A 11 -9.05 -1.22 0.07
N THR A 12 -8.94 -0.69 -1.15
CA THR A 12 -9.79 0.39 -1.58
C THR A 12 -11.00 -0.18 -2.33
N GLN A 13 -12.13 0.51 -2.27
CA GLN A 13 -13.41 -0.01 -2.78
C GLN A 13 -13.39 -0.17 -4.30
N ASP A 14 -12.46 0.52 -4.95
CA ASP A 14 -12.23 0.35 -6.38
C ASP A 14 -11.81 -1.09 -6.70
N GLY A 15 -11.45 -1.83 -5.67
CA GLY A 15 -11.06 -3.22 -5.84
C GLY A 15 -9.57 -3.39 -6.00
N GLU A 16 -8.80 -2.57 -5.31
CA GLU A 16 -7.35 -2.60 -5.41
C GLU A 16 -6.73 -2.45 -4.02
N ILE A 17 -5.70 -3.23 -3.76
CA ILE A 17 -5.01 -3.17 -2.47
C ILE A 17 -3.76 -2.31 -2.58
N TYR A 18 -3.54 -1.43 -1.60
CA TYR A 18 -2.41 -0.51 -1.65
C TYR A 18 -1.64 -0.54 -0.31
N TYR A 19 -0.32 -0.50 -0.38
CA TYR A 19 0.51 -0.46 0.81
C TYR A 19 0.86 0.96 1.18
N ILE A 20 0.45 1.37 2.38
CA ILE A 20 0.83 2.66 2.91
C ILE A 20 2.12 2.53 3.71
N ASN A 21 3.21 3.08 3.17
CA ASN A 21 4.49 2.97 3.83
C ASN A 21 4.67 4.16 4.79
N HIS A 22 4.64 3.91 6.12
CA HIS A 22 4.69 4.98 7.11
C HIS A 22 6.12 5.45 7.32
N LYS A 23 7.07 4.65 6.86
CA LYS A 23 8.49 4.98 7.04
C LYS A 23 8.99 5.87 5.91
N ASN A 24 8.66 5.50 4.67
CA ASN A 24 9.14 6.23 3.51
C ASN A 24 8.07 7.18 2.99
N LYS A 25 6.87 7.12 3.57
CA LYS A 25 5.77 8.01 3.21
C LYS A 25 5.39 7.82 1.73
N THR A 26 5.36 6.56 1.31
CA THR A 26 5.16 6.23 -0.10
C THR A 26 4.15 5.10 -0.28
N THR A 27 3.42 5.09 -1.40
CA THR A 27 2.42 4.07 -1.66
C THR A 27 2.88 3.10 -2.75
N SER A 28 2.63 1.81 -2.54
CA SER A 28 2.93 0.77 -3.52
C SER A 28 1.89 -0.34 -3.41
N TRP A 29 1.31 -0.76 -4.53
CA TRP A 29 0.13 -1.64 -4.50
C TRP A 29 0.39 -2.99 -3.81
N LEU A 30 1.45 -3.67 -4.20
CA LEU A 30 1.60 -5.08 -3.84
C LEU A 30 2.83 -5.39 -3.00
N ASP A 31 2.75 -6.56 -2.35
CA ASP A 31 3.75 -7.02 -1.39
C ASP A 31 5.12 -7.14 -2.04
N PRO A 32 6.07 -6.32 -1.56
CA PRO A 32 7.43 -6.27 -2.08
C PRO A 32 8.32 -7.40 -1.56
N ARG A 33 7.91 -8.01 -0.45
CA ARG A 33 8.67 -9.08 0.16
C ARG A 33 8.39 -10.40 -0.58
N LEU A 34 7.28 -10.43 -1.32
CA LEU A 34 6.96 -11.56 -2.18
C LEU A 34 7.74 -11.50 -3.49
N ASP A 35 8.39 -10.36 -3.73
CA ASP A 35 9.15 -10.15 -4.96
C ASP A 35 10.25 -11.21 -5.16
N PRO A 36 11.07 -11.50 -4.14
CA PRO A 36 12.03 -12.61 -4.17
C PRO A 36 11.33 -13.97 -4.31
N SER B 1 -2.75 1.91 -12.54
CA SER B 1 -2.92 3.21 -11.85
C SER B 1 -1.78 3.44 -10.87
N PRO B 2 -1.34 4.70 -10.71
CA PRO B 2 -0.45 5.07 -9.61
C PRO B 2 -1.19 5.02 -8.28
N PRO B 3 -0.55 4.54 -7.21
CA PRO B 3 -1.22 4.37 -5.92
C PRO B 3 -1.53 5.70 -5.27
N PRO B 4 -2.76 5.84 -4.74
CA PRO B 4 -3.24 7.06 -4.08
C PRO B 4 -2.28 7.58 -3.02
N PRO B 5 -2.23 8.91 -2.86
CA PRO B 5 -1.38 9.56 -1.85
C PRO B 5 -1.54 8.95 -0.46
N TYR B 6 -0.42 8.55 0.11
CA TYR B 6 -0.38 7.91 1.43
C TYR B 6 -0.92 8.82 2.54
N SER B 7 -1.15 10.09 2.21
CA SER B 7 -1.62 11.06 3.19
C SER B 7 -2.97 10.64 3.80
N ARG B 8 -3.84 10.07 2.98
CA ARG B 8 -5.10 9.53 3.49
C ARG B 8 -5.58 8.36 2.65
N TYR B 9 -6.53 7.61 3.19
CA TYR B 9 -7.03 6.40 2.55
C TYR B 9 -8.20 6.73 1.64
N PRO B 10 -8.12 6.31 0.37
CA PRO B 10 -9.22 6.49 -0.59
C PRO B 10 -10.47 5.71 -0.17
N MET B 11 -11.62 6.36 -0.22
CA MET B 11 -12.87 5.72 0.15
C MET B 11 -13.57 5.18 -1.09
N ASP B 12 -12.86 5.24 -2.21
CA ASP B 12 -13.40 4.78 -3.49
C ASP B 12 -12.36 3.94 -4.22
N GLY A 1 1.52 -11.03 2.18
CA GLY A 1 1.89 -11.89 3.33
C GLY A 1 2.60 -11.13 4.41
N PRO A 2 3.85 -11.50 4.74
CA PRO A 2 4.67 -10.77 5.69
C PRO A 2 5.41 -9.62 5.03
N LEU A 3 5.15 -8.41 5.49
CA LEU A 3 5.77 -7.23 4.89
C LEU A 3 6.92 -6.73 5.74
N PRO A 4 7.81 -5.91 5.16
CA PRO A 4 8.97 -5.33 5.87
C PRO A 4 8.56 -4.48 7.07
N ASP A 5 7.25 -4.24 7.18
CA ASP A 5 6.62 -3.62 8.36
C ASP A 5 6.68 -2.11 8.27
N GLY A 6 7.06 -1.61 7.11
CA GLY A 6 6.97 -0.20 6.86
C GLY A 6 5.64 0.19 6.24
N TRP A 7 4.97 -0.81 5.67
CA TRP A 7 3.74 -0.58 4.92
C TRP A 7 2.63 -1.56 5.18
N GLU A 8 1.42 -1.04 5.03
CA GLU A 8 0.19 -1.70 5.41
C GLU A 8 -0.66 -1.87 4.15
N GLN A 9 -1.30 -3.02 3.98
CA GLN A 9 -2.09 -3.28 2.78
C GLN A 9 -3.55 -2.82 2.99
N ALA A 10 -3.92 -1.70 2.36
CA ALA A 10 -5.28 -1.19 2.48
C ALA A 10 -6.06 -1.50 1.21
N MET A 11 -7.37 -1.67 1.34
CA MET A 11 -8.21 -2.09 0.23
C MET A 11 -9.15 -0.96 -0.20
N THR A 12 -9.18 -0.67 -1.50
CA THR A 12 -10.15 0.28 -2.02
C THR A 12 -11.11 -0.42 -2.97
N GLN A 13 -12.39 -0.01 -2.90
CA GLN A 13 -13.46 -0.64 -3.65
C GLN A 13 -13.29 -0.41 -5.15
N ASP A 14 -12.35 0.46 -5.50
CA ASP A 14 -12.03 0.72 -6.89
C ASP A 14 -11.44 -0.54 -7.56
N GLY A 15 -11.22 -1.56 -6.74
CA GLY A 15 -10.85 -2.87 -7.26
C GLY A 15 -9.37 -3.15 -7.15
N GLU A 16 -8.67 -2.48 -6.24
CA GLU A 16 -7.23 -2.67 -6.11
C GLU A 16 -6.79 -2.47 -4.67
N ILE A 17 -5.81 -3.26 -4.24
CA ILE A 17 -5.26 -3.12 -2.90
C ILE A 17 -3.93 -2.39 -2.96
N TYR A 18 -3.71 -1.47 -2.03
CA TYR A 18 -2.55 -0.60 -2.08
C TYR A 18 -1.80 -0.59 -0.74
N TYR A 19 -0.47 -0.65 -0.78
CA TYR A 19 0.35 -0.55 0.41
C TYR A 19 0.78 0.88 0.66
N ILE A 20 0.40 1.40 1.81
CA ILE A 20 0.87 2.70 2.23
C ILE A 20 2.06 2.54 3.18
N ASN A 21 3.20 3.11 2.83
CA ASN A 21 4.39 2.99 3.65
C ASN A 21 4.43 4.13 4.68
N HIS A 22 4.38 3.81 5.99
CA HIS A 22 4.18 4.83 7.02
C HIS A 22 5.52 5.42 7.43
N LYS A 23 6.56 4.63 7.27
CA LYS A 23 7.90 5.03 7.68
C LYS A 23 8.65 5.77 6.57
N ASN A 24 8.24 5.57 5.32
CA ASN A 24 8.86 6.25 4.20
C ASN A 24 7.89 7.22 3.54
N LYS A 25 6.61 7.15 3.93
CA LYS A 25 5.58 8.04 3.38
C LYS A 25 5.43 7.79 1.87
N THR A 26 5.62 6.54 1.46
CA THR A 26 5.64 6.19 0.04
C THR A 26 4.49 5.27 -0.34
N THR A 27 4.03 5.35 -1.59
CA THR A 27 2.92 4.52 -2.05
C THR A 27 3.42 3.44 -3.01
N SER A 28 3.02 2.20 -2.75
CA SER A 28 3.36 1.07 -3.61
C SER A 28 2.22 0.05 -3.60
N TRP A 29 1.96 -0.60 -4.73
CA TRP A 29 0.77 -1.44 -4.86
C TRP A 29 0.83 -2.73 -4.06
N LEU A 30 1.71 -3.63 -4.44
CA LEU A 30 1.65 -5.02 -3.98
C LEU A 30 2.89 -5.45 -3.21
N ASP A 31 2.70 -6.54 -2.45
CA ASP A 31 3.68 -7.03 -1.47
C ASP A 31 5.01 -7.38 -2.15
N PRO A 32 6.03 -6.57 -1.85
CA PRO A 32 7.37 -6.72 -2.41
C PRO A 32 8.21 -7.79 -1.73
N ARG A 33 7.75 -8.29 -0.60
CA ARG A 33 8.55 -9.19 0.23
C ARG A 33 8.49 -10.61 -0.32
N LEU A 34 7.61 -10.85 -1.28
CA LEU A 34 7.51 -12.14 -1.93
C LEU A 34 8.60 -12.31 -3.00
N ASP A 35 9.20 -11.20 -3.42
CA ASP A 35 10.19 -11.26 -4.51
C ASP A 35 11.58 -11.80 -4.09
N PRO A 36 12.09 -11.51 -2.88
CA PRO A 36 13.37 -12.06 -2.42
C PRO A 36 13.28 -13.55 -2.09
N SER B 1 -2.25 1.41 -12.77
CA SER B 1 -2.91 2.54 -12.10
C SER B 1 -1.92 3.23 -11.16
N PRO B 2 -1.97 4.57 -11.05
CA PRO B 2 -1.24 5.29 -10.00
C PRO B 2 -1.87 5.00 -8.65
N PRO B 3 -1.05 4.67 -7.62
CA PRO B 3 -1.57 4.30 -6.31
C PRO B 3 -2.05 5.50 -5.53
N PRO B 4 -3.25 5.42 -4.93
CA PRO B 4 -3.83 6.49 -4.11
C PRO B 4 -2.82 7.00 -3.08
N PRO B 5 -2.56 8.32 -3.10
CA PRO B 5 -1.54 8.95 -2.25
C PRO B 5 -1.64 8.55 -0.78
N TYR B 6 -0.49 8.27 -0.19
CA TYR B 6 -0.37 7.85 1.20
C TYR B 6 -0.90 8.93 2.17
N SER B 7 -1.19 10.11 1.64
CA SER B 7 -1.75 11.18 2.45
C SER B 7 -3.09 10.74 3.07
N ARG B 8 -4.04 10.36 2.23
CA ARG B 8 -5.30 9.81 2.72
C ARG B 8 -5.91 8.81 1.74
N TYR B 9 -6.87 8.04 2.23
CA TYR B 9 -7.29 6.82 1.58
C TYR B 9 -8.58 7.01 0.79
N PRO B 10 -8.71 6.31 -0.34
CA PRO B 10 -9.96 6.27 -1.13
C PRO B 10 -11.07 5.48 -0.43
N MET B 11 -10.85 5.19 0.85
CA MET B 11 -11.85 4.48 1.65
C MET B 11 -12.17 5.27 2.92
N ASP B 12 -11.14 5.81 3.56
CA ASP B 12 -11.31 6.56 4.80
C ASP B 12 -10.68 7.94 4.65
N GLY A 1 1.73 -10.97 2.53
CA GLY A 1 2.34 -11.87 3.54
C GLY A 1 3.04 -11.11 4.64
N PRO A 2 4.28 -11.47 4.97
CA PRO A 2 5.08 -10.72 5.93
C PRO A 2 5.78 -9.53 5.27
N LEU A 3 5.34 -8.33 5.62
CA LEU A 3 5.93 -7.14 5.02
C LEU A 3 7.07 -6.61 5.86
N PRO A 4 7.95 -5.76 5.26
CA PRO A 4 9.13 -5.19 5.94
C PRO A 4 8.78 -4.36 7.18
N ASP A 5 7.48 -4.10 7.37
CA ASP A 5 6.95 -3.35 8.53
C ASP A 5 7.02 -1.86 8.30
N GLY A 6 7.32 -1.49 7.08
CA GLY A 6 7.23 -0.10 6.70
C GLY A 6 5.85 0.23 6.19
N TRP A 7 5.16 -0.78 5.69
CA TRP A 7 3.87 -0.59 5.04
C TRP A 7 2.81 -1.61 5.38
N GLU A 8 1.57 -1.12 5.33
CA GLU A 8 0.38 -1.85 5.69
C GLU A 8 -0.52 -1.99 4.45
N GLN A 9 -1.07 -3.18 4.21
CA GLN A 9 -1.88 -3.41 3.02
C GLN A 9 -3.36 -3.08 3.29
N ALA A 10 -3.83 -1.95 2.79
CA ALA A 10 -5.23 -1.57 2.93
C ALA A 10 -5.99 -1.91 1.65
N MET A 11 -7.26 -2.22 1.75
CA MET A 11 -8.04 -2.62 0.59
C MET A 11 -9.05 -1.54 0.21
N THR A 12 -8.90 -0.97 -0.98
CA THR A 12 -9.88 -0.02 -1.47
C THR A 12 -10.91 -0.75 -2.33
N GLN A 13 -12.18 -0.54 -1.98
CA GLN A 13 -13.32 -1.20 -2.63
C GLN A 13 -13.37 -0.86 -4.12
N ASP A 14 -12.54 0.10 -4.52
CA ASP A 14 -12.38 0.46 -5.92
C ASP A 14 -11.80 -0.71 -6.72
N GLY A 15 -11.35 -1.75 -6.01
CA GLY A 15 -10.91 -2.96 -6.68
C GLY A 15 -9.49 -3.39 -6.33
N GLU A 16 -8.71 -2.55 -5.69
CA GLU A 16 -7.29 -2.83 -5.50
C GLU A 16 -6.88 -2.74 -4.04
N ILE A 17 -5.87 -3.52 -3.68
CA ILE A 17 -5.21 -3.35 -2.40
C ILE A 17 -3.99 -2.46 -2.59
N TYR A 18 -3.66 -1.67 -1.58
CA TYR A 18 -2.53 -0.76 -1.70
C TYR A 18 -1.76 -0.67 -0.37
N TYR A 19 -0.44 -0.61 -0.45
CA TYR A 19 0.42 -0.52 0.72
C TYR A 19 0.78 0.91 1.01
N ILE A 20 0.39 1.38 2.19
CA ILE A 20 0.80 2.69 2.65
C ILE A 20 2.02 2.57 3.54
N ASN A 21 3.13 3.13 3.11
CA ASN A 21 4.39 3.00 3.83
C ASN A 21 4.51 4.16 4.83
N HIS A 22 4.38 3.90 6.13
CA HIS A 22 4.39 4.95 7.14
C HIS A 22 5.83 5.36 7.47
N LYS A 23 6.79 4.53 7.08
CA LYS A 23 8.19 4.83 7.35
C LYS A 23 8.81 5.67 6.23
N ASN A 24 8.46 5.38 4.99
CA ASN A 24 8.99 6.12 3.85
C ASN A 24 7.99 7.12 3.32
N LYS A 25 6.75 7.05 3.80
CA LYS A 25 5.68 7.94 3.36
C LYS A 25 5.39 7.72 1.87
N THR A 26 5.53 6.46 1.46
CA THR A 26 5.41 6.10 0.04
C THR A 26 4.27 5.09 -0.18
N THR A 27 3.66 5.13 -1.35
CA THR A 27 2.60 4.18 -1.67
C THR A 27 3.05 3.20 -2.76
N SER A 28 2.82 1.92 -2.52
CA SER A 28 3.16 0.87 -3.49
C SER A 28 2.00 -0.12 -3.56
N TRP A 29 1.80 -0.75 -4.70
CA TRP A 29 0.63 -1.60 -4.91
C TRP A 29 0.68 -2.91 -4.12
N LEU A 30 1.62 -3.77 -4.46
CA LEU A 30 1.61 -5.15 -4.01
C LEU A 30 2.84 -5.54 -3.20
N ASP A 31 2.70 -6.63 -2.46
CA ASP A 31 3.67 -7.07 -1.46
C ASP A 31 5.03 -7.33 -2.11
N PRO A 32 5.99 -6.47 -1.75
CA PRO A 32 7.33 -6.48 -2.33
C PRO A 32 8.23 -7.54 -1.73
N ARG A 33 7.84 -8.05 -0.57
CA ARG A 33 8.65 -9.03 0.15
C ARG A 33 8.44 -10.41 -0.46
N LEU A 34 7.24 -10.64 -0.98
CA LEU A 34 6.92 -11.88 -1.67
C LEU A 34 7.44 -11.89 -3.10
N ASP A 35 7.88 -10.75 -3.60
CA ASP A 35 8.37 -10.65 -4.98
C ASP A 35 9.60 -11.54 -5.26
N PRO A 36 10.66 -11.48 -4.41
CA PRO A 36 11.82 -12.37 -4.53
C PRO A 36 11.43 -13.84 -4.38
N SER B 1 1.69 2.94 -12.86
CA SER B 1 0.48 3.73 -12.59
C SER B 1 0.45 4.13 -11.13
N PRO B 2 0.38 5.45 -10.85
CA PRO B 2 0.45 5.97 -9.48
C PRO B 2 -0.70 5.49 -8.59
N PRO B 3 -0.36 4.86 -7.46
CA PRO B 3 -1.33 4.43 -6.46
C PRO B 3 -1.94 5.61 -5.71
N PRO B 4 -3.13 5.43 -5.11
CA PRO B 4 -3.81 6.45 -4.31
C PRO B 4 -2.88 7.11 -3.29
N PRO B 5 -2.96 8.45 -3.18
CA PRO B 5 -2.12 9.24 -2.28
C PRO B 5 -2.09 8.69 -0.86
N TYR B 6 -0.87 8.60 -0.31
CA TYR B 6 -0.66 8.12 1.05
C TYR B 6 -1.29 9.07 2.08
N SER B 7 -1.73 10.23 1.63
CA SER B 7 -2.38 11.21 2.49
C SER B 7 -3.72 10.67 3.01
N ARG B 8 -4.59 10.22 2.11
CA ARG B 8 -5.88 9.69 2.51
C ARG B 8 -6.37 8.62 1.53
N TYR B 9 -7.37 7.86 1.96
CA TYR B 9 -7.77 6.62 1.29
C TYR B 9 -8.80 6.91 0.22
N PRO B 10 -8.70 6.23 -0.92
CA PRO B 10 -9.62 6.37 -2.05
C PRO B 10 -11.02 5.83 -1.75
N MET B 11 -11.20 5.35 -0.53
CA MET B 11 -12.50 4.82 -0.11
C MET B 11 -12.82 5.26 1.32
N ASP B 12 -11.94 6.05 1.92
CA ASP B 12 -12.12 6.49 3.30
C ASP B 12 -11.51 7.87 3.50
N GLY A 1 2.18 -11.65 2.07
CA GLY A 1 2.99 -12.30 3.13
C GLY A 1 3.28 -11.35 4.28
N PRO A 2 4.37 -11.59 5.03
CA PRO A 2 4.81 -10.67 6.08
C PRO A 2 5.60 -9.51 5.50
N LEU A 3 5.20 -8.29 5.82
CA LEU A 3 5.82 -7.11 5.27
C LEU A 3 6.93 -6.56 6.15
N PRO A 4 7.83 -5.73 5.57
CA PRO A 4 8.96 -5.11 6.30
C PRO A 4 8.52 -4.24 7.47
N ASP A 5 7.21 -4.01 7.56
CA ASP A 5 6.57 -3.22 8.63
C ASP A 5 6.64 -1.74 8.33
N GLY A 6 7.06 -1.43 7.12
CA GLY A 6 6.99 -0.07 6.67
C GLY A 6 5.63 0.24 6.10
N TRP A 7 5.03 -0.78 5.49
CA TRP A 7 3.76 -0.62 4.81
C TRP A 7 2.74 -1.70 5.12
N GLU A 8 1.48 -1.28 5.05
CA GLU A 8 0.33 -2.12 5.35
C GLU A 8 -0.56 -2.17 4.10
N GLN A 9 -1.07 -3.35 3.77
CA GLN A 9 -1.87 -3.52 2.55
C GLN A 9 -3.35 -3.25 2.83
N ALA A 10 -3.87 -2.14 2.33
CA ALA A 10 -5.28 -1.84 2.49
C ALA A 10 -6.02 -2.10 1.19
N MET A 11 -7.26 -2.58 1.29
CA MET A 11 -8.04 -2.91 0.11
C MET A 11 -8.97 -1.75 -0.25
N THR A 12 -8.87 -1.26 -1.48
CA THR A 12 -9.84 -0.29 -1.95
C THR A 12 -11.00 -1.02 -2.61
N GLN A 13 -12.20 -0.49 -2.44
CA GLN A 13 -13.43 -1.21 -2.76
C GLN A 13 -13.56 -1.55 -4.24
N ASP A 14 -12.85 -0.82 -5.08
CA ASP A 14 -12.90 -1.04 -6.53
C ASP A 14 -12.14 -2.32 -6.91
N GLY A 15 -11.45 -2.90 -5.93
CA GLY A 15 -10.79 -4.16 -6.16
C GLY A 15 -9.28 -4.05 -6.36
N GLU A 16 -8.65 -3.11 -5.68
CA GLU A 16 -7.20 -2.96 -5.74
C GLU A 16 -6.63 -2.69 -4.36
N ILE A 17 -5.55 -3.38 -4.03
CA ILE A 17 -4.93 -3.24 -2.73
C ILE A 17 -3.70 -2.34 -2.82
N TYR A 18 -3.52 -1.47 -1.84
CA TYR A 18 -2.40 -0.54 -1.85
C TYR A 18 -1.68 -0.53 -0.51
N TYR A 19 -0.35 -0.52 -0.52
CA TYR A 19 0.45 -0.46 0.69
C TYR A 19 0.75 0.98 1.07
N ILE A 20 0.33 1.37 2.26
CA ILE A 20 0.68 2.66 2.80
C ILE A 20 1.95 2.54 3.63
N ASN A 21 3.03 3.13 3.13
CA ASN A 21 4.33 3.02 3.80
C ASN A 21 4.48 4.17 4.81
N HIS A 22 4.49 3.87 6.12
CA HIS A 22 4.51 4.90 7.15
C HIS A 22 5.91 5.45 7.34
N LYS A 23 6.91 4.63 7.02
CA LYS A 23 8.30 5.01 7.26
C LYS A 23 8.85 5.84 6.11
N ASN A 24 8.32 5.64 4.90
CA ASN A 24 8.80 6.36 3.74
C ASN A 24 7.72 7.29 3.19
N LYS A 25 6.52 7.20 3.76
CA LYS A 25 5.40 8.06 3.35
C LYS A 25 5.09 7.84 1.86
N THR A 26 5.21 6.59 1.43
CA THR A 26 5.06 6.24 0.02
C THR A 26 3.94 5.21 -0.18
N THR A 27 3.29 5.24 -1.34
CA THR A 27 2.24 4.26 -1.64
C THR A 27 2.70 3.33 -2.78
N SER A 28 2.53 2.03 -2.58
CA SER A 28 2.85 1.05 -3.61
C SER A 28 1.87 -0.11 -3.52
N TRP A 29 1.31 -0.53 -4.64
CA TRP A 29 0.15 -1.43 -4.64
C TRP A 29 0.43 -2.78 -3.97
N LEU A 30 1.41 -3.52 -4.47
CA LEU A 30 1.54 -4.93 -4.13
C LEU A 30 2.75 -5.26 -3.25
N ASP A 31 2.63 -6.43 -2.62
CA ASP A 31 3.58 -6.93 -1.64
C ASP A 31 4.99 -7.07 -2.23
N PRO A 32 5.96 -6.35 -1.64
CA PRO A 32 7.34 -6.35 -2.11
C PRO A 32 8.14 -7.56 -1.65
N ARG A 33 7.65 -8.28 -0.65
CA ARG A 33 8.39 -9.40 -0.08
C ARG A 33 8.27 -10.64 -0.96
N LEU A 34 7.38 -10.60 -1.94
CA LEU A 34 7.08 -11.77 -2.77
C LEU A 34 8.17 -12.05 -3.81
N ASP A 35 9.09 -11.11 -3.98
CA ASP A 35 10.15 -11.27 -4.99
C ASP A 35 11.11 -12.44 -4.71
N PRO A 36 11.68 -12.55 -3.50
CA PRO A 36 12.54 -13.68 -3.13
C PRO A 36 11.79 -15.01 -3.14
N SER B 1 -0.24 2.17 -12.74
CA SER B 1 -1.25 3.05 -12.11
C SER B 1 -0.68 3.71 -10.87
N PRO B 2 -0.69 5.05 -10.81
CA PRO B 2 -0.22 5.80 -9.65
C PRO B 2 -1.14 5.57 -8.44
N PRO B 3 -0.59 5.06 -7.33
CA PRO B 3 -1.37 4.75 -6.14
C PRO B 3 -1.80 6.02 -5.41
N PRO B 4 -3.01 6.02 -4.83
CA PRO B 4 -3.56 7.16 -4.08
C PRO B 4 -2.56 7.70 -3.05
N PRO B 5 -2.47 9.04 -2.95
CA PRO B 5 -1.55 9.69 -2.02
C PRO B 5 -1.68 9.16 -0.60
N TYR B 6 -0.54 8.79 -0.02
CA TYR B 6 -0.49 8.20 1.32
C TYR B 6 -1.05 9.16 2.40
N SER B 7 -1.30 10.40 2.02
CA SER B 7 -1.85 11.38 2.94
C SER B 7 -3.26 10.98 3.39
N ARG B 8 -4.07 10.47 2.47
CA ARG B 8 -5.40 10.00 2.83
C ARG B 8 -5.84 8.86 1.90
N TYR B 9 -6.88 8.14 2.30
CA TYR B 9 -7.30 6.93 1.61
C TYR B 9 -8.33 7.26 0.55
N PRO B 10 -8.37 6.48 -0.54
CA PRO B 10 -9.40 6.62 -1.58
C PRO B 10 -10.76 6.15 -1.09
N MET B 11 -10.81 5.75 0.19
CA MET B 11 -12.05 5.29 0.81
C MET B 11 -12.70 6.42 1.60
N ASP B 12 -12.00 7.54 1.68
CA ASP B 12 -12.51 8.71 2.38
C ASP B 12 -13.36 9.56 1.43
N GLY A 1 2.51 -11.58 1.69
CA GLY A 1 3.20 -12.35 2.74
C GLY A 1 3.52 -11.50 3.94
N PRO A 2 4.58 -11.85 4.70
CA PRO A 2 5.04 -11.02 5.82
C PRO A 2 5.82 -9.80 5.35
N LEU A 3 5.33 -8.61 5.68
CA LEU A 3 5.94 -7.39 5.17
C LEU A 3 7.07 -6.88 6.05
N PRO A 4 7.96 -6.02 5.49
CA PRO A 4 9.07 -5.41 6.23
C PRO A 4 8.61 -4.57 7.44
N ASP A 5 7.29 -4.35 7.53
CA ASP A 5 6.67 -3.59 8.62
C ASP A 5 6.88 -2.09 8.43
N GLY A 6 7.37 -1.71 7.26
CA GLY A 6 7.36 -0.33 6.88
C GLY A 6 6.04 0.06 6.26
N TRP A 7 5.34 -0.95 5.72
CA TRP A 7 4.07 -0.74 5.06
C TRP A 7 3.00 -1.76 5.41
N GLU A 8 1.77 -1.27 5.35
CA GLU A 8 0.58 -2.01 5.73
C GLU A 8 -0.39 -2.03 4.54
N GLN A 9 -1.07 -3.15 4.35
CA GLN A 9 -1.95 -3.30 3.17
C GLN A 9 -3.37 -2.82 3.49
N ALA A 10 -3.82 -1.76 2.82
CA ALA A 10 -5.18 -1.25 2.98
C ALA A 10 -5.96 -1.45 1.69
N MET A 11 -7.27 -1.63 1.79
CA MET A 11 -8.10 -1.91 0.63
C MET A 11 -8.99 -0.73 0.29
N THR A 12 -8.95 -0.28 -0.96
CA THR A 12 -9.85 0.77 -1.41
C THR A 12 -11.07 0.15 -2.09
N GLN A 13 -12.22 0.81 -1.93
CA GLN A 13 -13.50 0.23 -2.28
C GLN A 13 -13.64 -0.05 -3.78
N ASP A 14 -12.79 0.57 -4.59
CA ASP A 14 -12.76 0.30 -6.03
C ASP A 14 -12.35 -1.15 -6.31
N GLY A 15 -11.86 -1.83 -5.27
CA GLY A 15 -11.44 -3.20 -5.40
C GLY A 15 -9.94 -3.37 -5.55
N GLU A 16 -9.17 -2.35 -5.16
CA GLU A 16 -7.72 -2.39 -5.31
C GLU A 16 -7.05 -2.22 -3.96
N ILE A 17 -6.05 -3.05 -3.70
CA ILE A 17 -5.35 -3.00 -2.42
C ILE A 17 -4.03 -2.24 -2.58
N TYR A 18 -3.74 -1.34 -1.65
CA TYR A 18 -2.55 -0.51 -1.73
C TYR A 18 -1.76 -0.56 -0.42
N TYR A 19 -0.43 -0.61 -0.50
CA TYR A 19 0.43 -0.57 0.67
C TYR A 19 0.80 0.86 1.01
N ILE A 20 0.48 1.27 2.22
CA ILE A 20 0.91 2.55 2.72
C ILE A 20 2.18 2.40 3.54
N ASN A 21 3.28 2.96 3.05
CA ASN A 21 4.56 2.83 3.74
C ASN A 21 4.71 3.99 4.73
N HIS A 22 4.60 3.72 6.04
CA HIS A 22 4.55 4.75 7.04
C HIS A 22 5.94 5.32 7.33
N LYS A 23 6.96 4.52 7.05
CA LYS A 23 8.34 4.92 7.34
C LYS A 23 8.98 5.68 6.18
N ASN A 24 8.52 5.43 4.97
CA ASN A 24 9.09 6.10 3.81
C ASN A 24 8.09 7.06 3.17
N LYS A 25 6.84 7.02 3.67
CA LYS A 25 5.78 7.90 3.16
C LYS A 25 5.47 7.57 1.71
N THR A 26 5.66 6.32 1.33
CA THR A 26 5.57 5.93 -0.07
C THR A 26 4.37 5.00 -0.32
N THR A 27 3.81 5.06 -1.53
CA THR A 27 2.66 4.25 -1.88
C THR A 27 3.02 3.23 -2.95
N SER A 28 2.86 1.96 -2.62
CA SER A 28 3.15 0.87 -3.56
C SER A 28 2.02 -0.15 -3.51
N TRP A 29 1.57 -0.63 -4.66
CA TRP A 29 0.38 -1.48 -4.73
C TRP A 29 0.51 -2.79 -3.94
N LEU A 30 1.43 -3.63 -4.38
CA LEU A 30 1.47 -5.04 -3.96
C LEU A 30 2.75 -5.45 -3.25
N ASP A 31 2.63 -6.57 -2.54
CA ASP A 31 3.60 -7.04 -1.54
C ASP A 31 4.98 -7.24 -2.14
N PRO A 32 5.97 -6.52 -1.58
CA PRO A 32 7.36 -6.54 -2.05
C PRO A 32 8.17 -7.75 -1.56
N ARG A 33 7.63 -8.50 -0.62
CA ARG A 33 8.40 -9.58 0.00
C ARG A 33 8.41 -10.81 -0.91
N LEU A 34 7.60 -10.78 -1.95
CA LEU A 34 7.57 -11.85 -2.93
C LEU A 34 8.77 -11.74 -3.88
N ASP A 35 9.47 -10.61 -3.82
CA ASP A 35 10.61 -10.37 -4.70
C ASP A 35 11.76 -11.37 -4.47
N PRO A 36 12.19 -11.58 -3.21
CA PRO A 36 13.16 -12.63 -2.88
C PRO A 36 12.56 -14.03 -3.04
N SER B 1 -0.74 2.60 -13.41
CA SER B 1 -1.83 3.15 -12.58
C SER B 1 -1.26 3.67 -11.25
N PRO B 2 -1.44 4.98 -10.98
CA PRO B 2 -0.94 5.61 -9.76
C PRO B 2 -1.76 5.23 -8.54
N PRO B 3 -1.11 4.78 -7.46
CA PRO B 3 -1.78 4.44 -6.21
C PRO B 3 -2.23 5.68 -5.47
N PRO B 4 -3.45 5.65 -4.90
CA PRO B 4 -4.00 6.76 -4.12
C PRO B 4 -3.01 7.26 -3.06
N PRO B 5 -2.89 8.59 -2.94
CA PRO B 5 -1.90 9.22 -2.05
C PRO B 5 -1.89 8.64 -0.65
N TYR B 6 -0.69 8.32 -0.18
CA TYR B 6 -0.46 7.76 1.16
C TYR B 6 -0.96 8.73 2.25
N SER B 7 -1.20 9.97 1.86
CA SER B 7 -1.60 11.01 2.79
C SER B 7 -2.92 10.64 3.50
N ARG B 8 -3.88 10.10 2.75
CA ARG B 8 -5.15 9.70 3.35
C ARG B 8 -5.78 8.53 2.62
N TYR B 9 -6.76 7.90 3.26
CA TYR B 9 -7.36 6.67 2.75
C TYR B 9 -8.56 6.97 1.87
N PRO B 10 -8.49 6.59 0.59
CA PRO B 10 -9.59 6.77 -0.36
C PRO B 10 -10.79 5.88 -0.03
N MET B 11 -11.98 6.46 -0.12
CA MET B 11 -13.22 5.71 0.07
C MET B 11 -13.74 5.27 -1.30
N ASP B 12 -12.92 5.53 -2.31
CA ASP B 12 -13.29 5.27 -3.69
C ASP B 12 -13.08 3.81 -4.05
N GLY A 1 2.56 -11.67 2.19
CA GLY A 1 3.32 -12.35 3.26
C GLY A 1 3.70 -11.40 4.38
N PRO A 2 4.82 -11.63 5.06
CA PRO A 2 5.33 -10.73 6.08
C PRO A 2 6.02 -9.52 5.44
N LEU A 3 5.43 -8.35 5.62
CA LEU A 3 5.99 -7.14 5.04
C LEU A 3 7.09 -6.56 5.91
N PRO A 4 7.96 -5.69 5.33
CA PRO A 4 9.09 -5.07 6.05
C PRO A 4 8.64 -4.24 7.25
N ASP A 5 7.32 -4.03 7.36
CA ASP A 5 6.66 -3.37 8.51
C ASP A 5 6.63 -1.87 8.35
N GLY A 6 7.00 -1.40 7.19
CA GLY A 6 6.81 -0.01 6.88
C GLY A 6 5.44 0.24 6.30
N TRP A 7 4.94 -0.75 5.60
CA TRP A 7 3.68 -0.64 4.88
C TRP A 7 2.67 -1.73 5.19
N GLU A 8 1.40 -1.32 5.15
CA GLU A 8 0.29 -2.16 5.51
C GLU A 8 -0.64 -2.24 4.29
N GLN A 9 -1.23 -3.40 4.05
CA GLN A 9 -2.03 -3.62 2.84
C GLN A 9 -3.49 -3.24 3.08
N ALA A 10 -3.91 -2.09 2.54
CA ALA A 10 -5.28 -1.63 2.72
C ALA A 10 -6.09 -1.82 1.44
N MET A 11 -7.39 -2.04 1.58
CA MET A 11 -8.24 -2.30 0.43
C MET A 11 -9.12 -1.09 0.10
N THR A 12 -9.15 -0.70 -1.17
CA THR A 12 -10.03 0.36 -1.61
C THR A 12 -11.04 -0.15 -2.64
N GLN A 13 -12.23 0.46 -2.64
CA GLN A 13 -13.34 0.00 -3.47
C GLN A 13 -13.05 0.16 -4.96
N ASP A 14 -11.97 0.86 -5.28
CA ASP A 14 -11.51 0.97 -6.67
C ASP A 14 -11.14 -0.41 -7.22
N GLY A 15 -11.13 -1.40 -6.33
CA GLY A 15 -10.87 -2.77 -6.73
C GLY A 15 -9.43 -3.18 -6.57
N GLU A 16 -8.68 -2.44 -5.77
CA GLU A 16 -7.25 -2.64 -5.66
C GLU A 16 -6.80 -2.51 -4.21
N ILE A 17 -5.75 -3.23 -3.85
CA ILE A 17 -5.15 -3.08 -2.53
C ILE A 17 -3.87 -2.27 -2.64
N TYR A 18 -3.60 -1.44 -1.65
CA TYR A 18 -2.44 -0.57 -1.68
C TYR A 18 -1.70 -0.60 -0.34
N TYR A 19 -0.37 -0.59 -0.38
CA TYR A 19 0.45 -0.58 0.82
C TYR A 19 0.78 0.85 1.23
N ILE A 20 0.36 1.22 2.43
CA ILE A 20 0.67 2.52 2.99
C ILE A 20 1.98 2.45 3.77
N ASN A 21 3.05 3.00 3.21
CA ASN A 21 4.35 2.92 3.85
C ASN A 21 4.58 4.13 4.77
N HIS A 22 4.54 3.92 6.10
CA HIS A 22 4.59 5.02 7.05
C HIS A 22 6.02 5.42 7.35
N LYS A 23 6.97 4.57 6.95
CA LYS A 23 8.37 4.81 7.27
C LYS A 23 9.02 5.73 6.23
N ASN A 24 8.63 5.57 4.98
CA ASN A 24 9.18 6.41 3.91
C ASN A 24 8.12 7.33 3.34
N LYS A 25 6.87 7.17 3.79
CA LYS A 25 5.77 8.03 3.37
C LYS A 25 5.50 7.81 1.86
N THR A 26 5.64 6.57 1.43
CA THR A 26 5.55 6.23 0.01
C THR A 26 4.42 5.22 -0.24
N THR A 27 3.81 5.27 -1.43
CA THR A 27 2.74 4.35 -1.77
C THR A 27 3.20 3.32 -2.82
N SER A 28 2.85 2.06 -2.62
CA SER A 28 3.15 0.99 -3.55
C SER A 28 2.05 -0.07 -3.46
N TRP A 29 1.71 -0.71 -4.58
CA TRP A 29 0.53 -1.56 -4.64
C TRP A 29 0.69 -2.87 -3.86
N LEU A 30 1.64 -3.69 -4.27
CA LEU A 30 1.68 -5.08 -3.86
C LEU A 30 2.94 -5.47 -3.09
N ASP A 31 2.83 -6.59 -2.37
CA ASP A 31 3.85 -7.05 -1.44
C ASP A 31 5.18 -7.27 -2.13
N PRO A 32 6.17 -6.44 -1.76
CA PRO A 32 7.50 -6.46 -2.36
C PRO A 32 8.38 -7.58 -1.81
N ARG A 33 8.02 -8.08 -0.65
CA ARG A 33 8.83 -9.05 0.05
C ARG A 33 8.60 -10.45 -0.54
N LEU A 34 7.51 -10.61 -1.28
CA LEU A 34 7.20 -11.89 -1.90
C LEU A 34 7.99 -12.12 -3.18
N ASP A 35 8.66 -11.09 -3.69
CA ASP A 35 9.43 -11.22 -4.93
C ASP A 35 10.59 -12.24 -4.81
N PRO A 36 11.44 -12.15 -3.78
CA PRO A 36 12.50 -13.14 -3.54
C PRO A 36 11.96 -14.56 -3.40
N SER B 1 -2.16 2.03 -13.20
CA SER B 1 -2.80 2.91 -12.20
C SER B 1 -1.80 3.32 -11.12
N PRO B 2 -1.61 4.63 -10.91
CA PRO B 2 -0.79 5.16 -9.81
C PRO B 2 -1.51 4.96 -8.47
N PRO B 3 -0.79 4.61 -7.40
CA PRO B 3 -1.41 4.33 -6.10
C PRO B 3 -1.85 5.61 -5.41
N PRO B 4 -3.09 5.63 -4.90
CA PRO B 4 -3.66 6.78 -4.19
C PRO B 4 -2.72 7.34 -3.13
N PRO B 5 -2.62 8.68 -3.07
CA PRO B 5 -1.70 9.36 -2.15
C PRO B 5 -1.77 8.87 -0.72
N TYR B 6 -0.61 8.50 -0.19
CA TYR B 6 -0.45 8.01 1.18
C TYR B 6 -0.93 9.02 2.22
N SER B 7 -1.20 10.25 1.78
CA SER B 7 -1.58 11.32 2.69
C SER B 7 -2.85 10.96 3.45
N ARG B 8 -3.82 10.36 2.76
CA ARG B 8 -4.99 9.81 3.44
C ARG B 8 -5.53 8.61 2.67
N TYR B 9 -6.39 7.83 3.32
CA TYR B 9 -6.85 6.56 2.78
C TYR B 9 -8.16 6.77 2.03
N PRO B 10 -8.15 6.50 0.71
CA PRO B 10 -9.34 6.68 -0.14
C PRO B 10 -10.37 5.59 0.08
N MET B 11 -11.47 5.96 0.75
CA MET B 11 -12.55 5.02 1.00
C MET B 11 -13.84 5.54 0.38
N ASP B 12 -14.04 5.20 -0.89
CA ASP B 12 -15.24 5.58 -1.63
C ASP B 12 -15.11 5.07 -3.06
N GLY A 1 2.41 -11.49 2.14
CA GLY A 1 3.32 -12.23 3.05
C GLY A 1 3.67 -11.40 4.26
N PRO A 2 4.84 -11.64 4.88
CA PRO A 2 5.34 -10.83 5.98
C PRO A 2 6.10 -9.61 5.44
N LEU A 3 5.49 -8.44 5.57
CA LEU A 3 6.06 -7.24 4.98
C LEU A 3 7.23 -6.69 5.79
N PRO A 4 8.08 -5.84 5.17
CA PRO A 4 9.28 -5.26 5.81
C PRO A 4 8.97 -4.42 7.07
N ASP A 5 7.67 -4.18 7.30
CA ASP A 5 7.17 -3.51 8.52
C ASP A 5 7.08 -2.00 8.33
N GLY A 6 7.27 -1.56 7.11
CA GLY A 6 7.10 -0.15 6.80
C GLY A 6 5.72 0.14 6.26
N TRP A 7 5.09 -0.88 5.66
CA TRP A 7 3.84 -0.69 4.93
C TRP A 7 2.77 -1.73 5.24
N GLU A 8 1.52 -1.26 5.16
CA GLU A 8 0.34 -2.02 5.53
C GLU A 8 -0.60 -2.10 4.32
N GLN A 9 -1.27 -3.23 4.14
CA GLN A 9 -2.13 -3.44 2.99
C GLN A 9 -3.57 -2.97 3.26
N ALA A 10 -3.94 -1.81 2.71
CA ALA A 10 -5.30 -1.30 2.85
C ALA A 10 -6.09 -1.56 1.57
N MET A 11 -7.39 -1.73 1.70
CA MET A 11 -8.24 -2.02 0.55
C MET A 11 -9.14 -0.84 0.20
N THR A 12 -9.07 -0.38 -1.05
CA THR A 12 -9.94 0.69 -1.51
C THR A 12 -11.10 0.10 -2.32
N GLN A 13 -12.25 0.76 -2.27
CA GLN A 13 -13.47 0.21 -2.85
C GLN A 13 -13.44 0.29 -4.37
N ASP A 14 -12.46 1.00 -4.91
CA ASP A 14 -12.25 1.06 -6.35
C ASP A 14 -11.86 -0.32 -6.90
N GLY A 15 -11.65 -1.27 -5.98
CA GLY A 15 -11.37 -2.64 -6.36
C GLY A 15 -9.90 -2.94 -6.44
N GLU A 16 -9.11 -2.30 -5.58
CA GLU A 16 -7.66 -2.48 -5.58
C GLU A 16 -7.13 -2.38 -4.16
N ILE A 17 -6.05 -3.09 -3.90
CA ILE A 17 -5.40 -3.05 -2.61
C ILE A 17 -4.08 -2.29 -2.70
N TYR A 18 -3.78 -1.47 -1.70
CA TYR A 18 -2.59 -0.64 -1.74
C TYR A 18 -1.83 -0.68 -0.40
N TYR A 19 -0.51 -0.77 -0.45
CA TYR A 19 0.34 -0.71 0.74
C TYR A 19 0.74 0.73 1.03
N ILE A 20 0.44 1.17 2.24
CA ILE A 20 0.85 2.49 2.68
C ILE A 20 2.13 2.38 3.53
N ASN A 21 3.22 2.94 3.03
CA ASN A 21 4.49 2.87 3.74
C ASN A 21 4.61 4.06 4.70
N HIS A 22 4.54 3.82 6.03
CA HIS A 22 4.52 4.90 7.00
C HIS A 22 5.92 5.47 7.23
N LYS A 23 6.93 4.66 6.98
CA LYS A 23 8.31 5.05 7.27
C LYS A 23 8.96 5.78 6.10
N ASN A 24 8.46 5.55 4.88
CA ASN A 24 8.99 6.24 3.72
C ASN A 24 7.95 7.17 3.12
N LYS A 25 6.74 7.15 3.69
CA LYS A 25 5.65 8.01 3.23
C LYS A 25 5.35 7.76 1.74
N THR A 26 5.51 6.50 1.32
CA THR A 26 5.40 6.17 -0.09
C THR A 26 4.25 5.17 -0.32
N THR A 27 3.56 5.26 -1.46
CA THR A 27 2.51 4.31 -1.78
C THR A 27 3.04 3.22 -2.73
N SER A 28 2.54 2.01 -2.55
CA SER A 28 2.93 0.87 -3.37
C SER A 28 1.72 -0.02 -3.56
N TRP A 29 1.62 -0.74 -4.67
CA TRP A 29 0.45 -1.59 -4.89
C TRP A 29 0.52 -2.90 -4.10
N LEU A 30 1.42 -3.78 -4.49
CA LEU A 30 1.45 -5.15 -4.01
C LEU A 30 2.74 -5.52 -3.29
N ASP A 31 2.65 -6.62 -2.52
CA ASP A 31 3.66 -7.01 -1.54
C ASP A 31 5.02 -7.24 -2.19
N PRO A 32 5.98 -6.39 -1.80
CA PRO A 32 7.35 -6.39 -2.35
C PRO A 32 8.24 -7.45 -1.72
N ARG A 33 7.81 -7.99 -0.59
CA ARG A 33 8.59 -8.97 0.14
C ARG A 33 8.43 -10.35 -0.50
N LEU A 34 7.49 -10.45 -1.42
CA LEU A 34 7.33 -11.66 -2.25
C LEU A 34 8.50 -11.82 -3.23
N ASP A 35 9.34 -10.79 -3.31
CA ASP A 35 10.48 -10.77 -4.25
C ASP A 35 11.44 -11.96 -4.09
N PRO A 36 11.92 -12.27 -2.86
CA PRO A 36 12.81 -13.41 -2.61
C PRO A 36 12.32 -14.72 -3.23
N SER B 1 -1.55 2.52 -13.61
CA SER B 1 -2.38 3.26 -12.66
C SER B 1 -1.60 3.57 -11.39
N PRO B 2 -1.45 4.87 -11.08
CA PRO B 2 -0.74 5.32 -9.88
C PRO B 2 -1.56 5.09 -8.61
N PRO B 3 -0.91 4.66 -7.52
CA PRO B 3 -1.58 4.40 -6.25
C PRO B 3 -1.97 5.68 -5.54
N PRO B 4 -3.10 5.68 -4.82
CA PRO B 4 -3.59 6.84 -4.06
C PRO B 4 -2.55 7.36 -3.07
N PRO B 5 -2.46 8.69 -2.93
CA PRO B 5 -1.52 9.32 -1.99
C PRO B 5 -1.62 8.73 -0.59
N TYR B 6 -0.47 8.30 -0.06
CA TYR B 6 -0.40 7.66 1.25
C TYR B 6 -0.90 8.57 2.37
N SER B 7 -1.05 9.87 2.08
CA SER B 7 -1.47 10.83 3.08
C SER B 7 -2.84 10.51 3.66
N ARG B 8 -3.73 9.92 2.87
CA ARG B 8 -5.01 9.47 3.40
C ARG B 8 -5.56 8.27 2.65
N TYR B 9 -6.56 7.61 3.25
CA TYR B 9 -7.05 6.34 2.75
C TYR B 9 -8.35 6.52 1.97
N PRO B 10 -8.31 6.28 0.65
CA PRO B 10 -9.50 6.38 -0.21
C PRO B 10 -10.55 5.32 0.09
N MET B 11 -11.71 5.77 0.53
CA MET B 11 -12.82 4.86 0.83
C MET B 11 -13.77 4.81 -0.36
N ASP B 12 -13.37 5.49 -1.43
CA ASP B 12 -14.15 5.59 -2.65
C ASP B 12 -14.18 4.24 -3.37
N GLY A 1 2.28 -11.27 1.87
CA GLY A 1 2.54 -12.11 3.06
C GLY A 1 3.21 -11.32 4.16
N PRO A 2 4.48 -11.65 4.48
CA PRO A 2 5.27 -10.92 5.47
C PRO A 2 5.90 -9.68 4.87
N LEU A 3 5.38 -8.52 5.24
CA LEU A 3 5.89 -7.27 4.69
C LEU A 3 7.05 -6.74 5.51
N PRO A 4 7.86 -5.83 4.93
CA PRO A 4 9.04 -5.24 5.57
C PRO A 4 8.73 -4.50 6.88
N ASP A 5 7.43 -4.31 7.13
CA ASP A 5 6.92 -3.68 8.36
C ASP A 5 6.92 -2.17 8.25
N GLY A 6 7.17 -1.68 7.04
CA GLY A 6 7.07 -0.27 6.80
C GLY A 6 5.68 0.11 6.31
N TRP A 7 4.94 -0.87 5.82
CA TRP A 7 3.66 -0.62 5.18
C TRP A 7 2.58 -1.65 5.51
N GLU A 8 1.34 -1.16 5.50
CA GLU A 8 0.17 -1.94 5.83
C GLU A 8 -0.72 -2.04 4.59
N GLN A 9 -1.34 -3.18 4.35
CA GLN A 9 -2.14 -3.40 3.14
C GLN A 9 -3.60 -2.99 3.38
N ALA A 10 -3.98 -1.82 2.87
CA ALA A 10 -5.34 -1.34 2.98
C ALA A 10 -6.09 -1.61 1.67
N MET A 11 -7.39 -1.83 1.78
CA MET A 11 -8.20 -2.13 0.60
C MET A 11 -9.13 -0.97 0.28
N THR A 12 -9.01 -0.42 -0.92
CA THR A 12 -9.90 0.65 -1.35
C THR A 12 -11.12 0.06 -2.02
N GLN A 13 -12.27 0.70 -1.82
CA GLN A 13 -13.55 0.20 -2.30
C GLN A 13 -13.61 0.21 -3.83
N ASP A 14 -12.60 0.83 -4.45
CA ASP A 14 -12.46 0.80 -5.91
C ASP A 14 -12.01 -0.59 -6.38
N GLY A 15 -11.75 -1.47 -5.41
CA GLY A 15 -11.50 -2.87 -5.72
C GLY A 15 -10.04 -3.26 -5.72
N GLU A 16 -9.18 -2.46 -5.09
CA GLU A 16 -7.75 -2.73 -5.13
C GLU A 16 -7.12 -2.56 -3.75
N ILE A 17 -6.05 -3.32 -3.50
CA ILE A 17 -5.34 -3.24 -2.24
C ILE A 17 -4.00 -2.51 -2.44
N TYR A 18 -3.57 -1.76 -1.45
CA TYR A 18 -2.36 -0.98 -1.57
C TYR A 18 -1.63 -0.86 -0.22
N TYR A 19 -0.30 -0.89 -0.25
CA TYR A 19 0.50 -0.77 0.95
C TYR A 19 0.84 0.68 1.25
N ILE A 20 0.41 1.17 2.40
CA ILE A 20 0.76 2.50 2.85
C ILE A 20 1.99 2.45 3.74
N ASN A 21 3.10 2.99 3.24
CA ASN A 21 4.35 2.93 3.98
C ASN A 21 4.48 4.18 4.89
N HIS A 22 4.27 4.02 6.21
CA HIS A 22 4.34 5.16 7.13
C HIS A 22 5.77 5.57 7.41
N LYS A 23 6.71 4.66 7.17
CA LYS A 23 8.10 4.91 7.50
C LYS A 23 8.85 5.62 6.37
N ASN A 24 8.37 5.47 5.14
CA ASN A 24 9.02 6.10 4.00
C ASN A 24 8.07 7.02 3.23
N LYS A 25 6.82 7.09 3.69
CA LYS A 25 5.80 7.95 3.07
C LYS A 25 5.66 7.63 1.58
N THR A 26 5.50 6.36 1.27
CA THR A 26 5.43 5.91 -0.13
C THR A 26 4.36 4.83 -0.30
N THR A 27 3.76 4.76 -1.48
CA THR A 27 2.69 3.81 -1.75
C THR A 27 3.14 2.78 -2.79
N SER A 28 2.81 1.52 -2.55
CA SER A 28 3.09 0.45 -3.49
C SER A 28 1.98 -0.60 -3.43
N TRP A 29 1.54 -1.09 -4.57
CA TRP A 29 0.38 -1.99 -4.64
C TRP A 29 0.55 -3.28 -3.82
N LEU A 30 1.45 -4.15 -4.28
CA LEU A 30 1.53 -5.50 -3.73
C LEU A 30 2.85 -5.78 -3.04
N ASP A 31 2.82 -6.82 -2.20
CA ASP A 31 3.94 -7.18 -1.32
C ASP A 31 5.21 -7.48 -2.10
N PRO A 32 6.20 -6.59 -1.94
CA PRO A 32 7.48 -6.70 -2.63
C PRO A 32 8.45 -7.68 -1.99
N ARG A 33 8.12 -8.17 -0.78
CA ARG A 33 8.99 -9.11 -0.08
C ARG A 33 8.94 -10.47 -0.78
N LEU A 34 7.99 -10.63 -1.69
CA LEU A 34 7.92 -11.83 -2.51
C LEU A 34 8.92 -11.76 -3.66
N ASP A 35 9.42 -10.55 -3.93
CA ASP A 35 10.37 -10.33 -5.03
C ASP A 35 11.75 -10.99 -4.80
N PRO A 36 12.40 -10.79 -3.64
CA PRO A 36 13.68 -11.44 -3.33
C PRO A 36 13.55 -12.96 -3.26
N SER B 1 0.23 1.65 -13.07
CA SER B 1 -0.82 2.45 -12.41
C SER B 1 -0.28 3.07 -11.12
N PRO B 2 -0.33 4.41 -11.00
CA PRO B 2 0.11 5.12 -9.80
C PRO B 2 -0.86 4.90 -8.65
N PRO B 3 -0.37 4.35 -7.52
CA PRO B 3 -1.19 4.07 -6.35
C PRO B 3 -1.65 5.36 -5.66
N PRO B 4 -2.89 5.35 -5.12
CA PRO B 4 -3.48 6.49 -4.42
C PRO B 4 -2.54 7.09 -3.36
N PRO B 5 -2.63 8.42 -3.18
CA PRO B 5 -1.81 9.15 -2.20
C PRO B 5 -1.82 8.52 -0.81
N TYR B 6 -0.63 8.33 -0.26
CA TYR B 6 -0.45 7.74 1.06
C TYR B 6 -1.00 8.65 2.17
N SER B 7 -1.29 9.90 1.83
CA SER B 7 -1.73 10.88 2.82
C SER B 7 -3.02 10.44 3.52
N ARG B 8 -4.00 9.98 2.75
CA ARG B 8 -5.22 9.43 3.33
C ARG B 8 -5.80 8.37 2.41
N TYR B 9 -6.74 7.59 2.94
CA TYR B 9 -7.25 6.42 2.24
C TYR B 9 -8.45 6.80 1.38
N PRO B 10 -8.35 6.53 0.07
CA PRO B 10 -9.41 6.86 -0.90
C PRO B 10 -10.73 6.17 -0.57
N MET B 11 -11.69 6.97 -0.15
CA MET B 11 -13.02 6.48 0.20
C MET B 11 -14.07 7.25 -0.57
N ASP B 12 -15.04 6.52 -1.12
CA ASP B 12 -16.10 7.12 -1.91
C ASP B 12 -17.03 7.95 -1.04
N GLY A 1 1.61 -10.62 2.59
CA GLY A 1 2.05 -11.58 3.63
C GLY A 1 2.82 -10.90 4.74
N PRO A 2 4.05 -11.35 5.03
CA PRO A 2 4.91 -10.70 6.01
C PRO A 2 5.69 -9.54 5.38
N LEU A 3 5.34 -8.33 5.78
CA LEU A 3 5.94 -7.13 5.20
C LEU A 3 7.08 -6.59 6.05
N PRO A 4 7.95 -5.75 5.44
CA PRO A 4 9.09 -5.11 6.14
C PRO A 4 8.68 -4.25 7.33
N ASP A 5 7.36 -4.04 7.47
CA ASP A 5 6.76 -3.24 8.54
C ASP A 5 6.80 -1.77 8.18
N GLY A 6 7.15 -1.51 6.95
CA GLY A 6 7.05 -0.17 6.44
C GLY A 6 5.66 0.10 5.93
N TRP A 7 5.03 -0.94 5.39
CA TRP A 7 3.75 -0.79 4.72
C TRP A 7 2.74 -1.88 5.04
N GLU A 8 1.47 -1.48 4.98
CA GLU A 8 0.33 -2.32 5.30
C GLU A 8 -0.56 -2.41 4.05
N GLN A 9 -1.20 -3.56 3.84
CA GLN A 9 -2.01 -3.76 2.64
C GLN A 9 -3.46 -3.32 2.89
N ALA A 10 -3.80 -2.12 2.41
CA ALA A 10 -5.16 -1.62 2.51
C ALA A 10 -5.92 -1.91 1.24
N MET A 11 -7.23 -2.09 1.36
CA MET A 11 -8.06 -2.43 0.20
C MET A 11 -9.02 -1.31 -0.12
N THR A 12 -8.95 -0.80 -1.35
CA THR A 12 -9.94 0.16 -1.81
C THR A 12 -10.99 -0.54 -2.67
N GLN A 13 -12.25 -0.26 -2.38
CA GLN A 13 -13.39 -0.91 -3.03
C GLN A 13 -13.40 -0.64 -4.54
N ASP A 14 -12.54 0.27 -4.98
CA ASP A 14 -12.41 0.59 -6.40
C ASP A 14 -11.84 -0.61 -7.18
N GLY A 15 -11.48 -1.65 -6.45
CA GLY A 15 -11.08 -2.90 -7.08
C GLY A 15 -9.59 -3.19 -7.03
N GLU A 16 -8.83 -2.51 -6.18
CA GLU A 16 -7.39 -2.72 -6.10
C GLU A 16 -6.90 -2.55 -4.68
N ILE A 17 -5.84 -3.27 -4.34
CA ILE A 17 -5.25 -3.18 -3.01
C ILE A 17 -3.95 -2.39 -3.08
N TYR A 18 -3.70 -1.57 -2.07
CA TYR A 18 -2.54 -0.68 -2.07
C TYR A 18 -1.83 -0.69 -0.70
N TYR A 19 -0.50 -0.57 -0.72
CA TYR A 19 0.29 -0.55 0.49
C TYR A 19 0.57 0.88 0.95
N ILE A 20 0.27 1.16 2.20
CA ILE A 20 0.60 2.43 2.82
C ILE A 20 1.90 2.32 3.61
N ASN A 21 2.98 2.93 3.09
CA ASN A 21 4.28 2.85 3.74
C ASN A 21 4.44 4.00 4.75
N HIS A 22 4.38 3.70 6.06
CA HIS A 22 4.43 4.75 7.08
C HIS A 22 5.86 5.19 7.34
N LYS A 23 6.82 4.35 6.98
CA LYS A 23 8.22 4.64 7.27
C LYS A 23 8.82 5.60 6.24
N ASN A 24 8.34 5.51 5.01
CA ASN A 24 8.87 6.35 3.94
C ASN A 24 7.80 7.27 3.35
N LYS A 25 6.55 7.09 3.78
CA LYS A 25 5.44 7.88 3.26
C LYS A 25 5.30 7.67 1.75
N THR A 26 5.34 6.41 1.34
CA THR A 26 5.32 6.04 -0.07
C THR A 26 4.23 5.01 -0.36
N THR A 27 3.68 5.02 -1.57
CA THR A 27 2.64 4.06 -1.93
C THR A 27 3.14 3.07 -2.98
N SER A 28 2.78 1.80 -2.80
CA SER A 28 3.09 0.75 -3.77
C SER A 28 1.97 -0.29 -3.75
N TRP A 29 1.60 -0.80 -4.92
CA TRP A 29 0.44 -1.67 -5.05
C TRP A 29 0.56 -2.98 -4.24
N LEU A 30 1.54 -3.79 -4.59
CA LEU A 30 1.58 -5.18 -4.12
C LEU A 30 2.82 -5.52 -3.31
N ASP A 31 2.69 -6.61 -2.56
CA ASP A 31 3.66 -7.04 -1.55
C ASP A 31 5.04 -7.27 -2.16
N PRO A 32 6.04 -6.50 -1.69
CA PRO A 32 7.40 -6.53 -2.20
C PRO A 32 8.25 -7.69 -1.67
N ARG A 33 7.75 -8.41 -0.66
CA ARG A 33 8.56 -9.42 0.01
C ARG A 33 8.60 -10.71 -0.80
N LEU A 34 7.77 -10.79 -1.84
CA LEU A 34 7.76 -11.95 -2.71
C LEU A 34 8.99 -11.97 -3.61
N ASP A 35 9.71 -10.83 -3.68
CA ASP A 35 10.92 -10.77 -4.49
C ASP A 35 12.07 -11.64 -3.92
N PRO A 36 12.39 -11.51 -2.64
CA PRO A 36 13.30 -12.44 -1.94
C PRO A 36 12.64 -13.79 -1.66
N SER B 1 -0.78 2.61 -13.69
CA SER B 1 -1.75 3.05 -12.66
C SER B 1 -1.02 3.55 -11.42
N PRO B 2 -1.24 4.82 -11.05
CA PRO B 2 -0.63 5.40 -9.86
C PRO B 2 -1.41 5.05 -8.60
N PRO B 3 -0.73 4.55 -7.57
CA PRO B 3 -1.39 4.16 -6.32
C PRO B 3 -1.87 5.39 -5.55
N PRO B 4 -3.08 5.31 -4.97
CA PRO B 4 -3.70 6.42 -4.23
C PRO B 4 -2.76 7.05 -3.21
N PRO B 5 -2.82 8.38 -3.07
CA PRO B 5 -1.98 9.14 -2.14
C PRO B 5 -1.98 8.55 -0.74
N TYR B 6 -0.81 8.47 -0.14
CA TYR B 6 -0.63 7.88 1.18
C TYR B 6 -1.07 8.87 2.26
N SER B 7 -1.24 10.13 1.89
CA SER B 7 -1.59 11.17 2.84
C SER B 7 -2.93 10.86 3.51
N ARG B 8 -3.93 10.50 2.72
CA ARG B 8 -5.17 9.99 3.24
C ARG B 8 -5.81 9.03 2.26
N TYR B 9 -6.79 8.26 2.71
CA TYR B 9 -7.28 7.12 1.96
C TYR B 9 -8.40 7.54 1.03
N PRO B 10 -8.42 6.95 -0.18
CA PRO B 10 -9.43 7.23 -1.20
C PRO B 10 -10.81 6.70 -0.82
N MET B 11 -10.88 6.04 0.32
CA MET B 11 -12.11 5.49 0.83
C MET B 11 -12.36 5.98 2.25
N ASP B 12 -13.45 6.69 2.43
CA ASP B 12 -13.81 7.22 3.75
C ASP B 12 -15.32 7.27 3.88
N GLY A 1 1.16 -10.24 2.17
CA GLY A 1 1.57 -11.29 3.15
C GLY A 1 2.21 -10.69 4.38
N PRO A 2 3.37 -11.21 4.81
CA PRO A 2 4.14 -10.64 5.91
C PRO A 2 5.09 -9.55 5.42
N LEU A 3 4.85 -8.31 5.85
CA LEU A 3 5.59 -7.19 5.30
C LEU A 3 6.73 -6.74 6.20
N PRO A 4 7.69 -5.97 5.64
CA PRO A 4 8.84 -5.43 6.39
C PRO A 4 8.41 -4.50 7.54
N ASP A 5 7.12 -4.18 7.57
CA ASP A 5 6.50 -3.34 8.61
C ASP A 5 6.73 -1.86 8.35
N GLY A 6 7.25 -1.56 7.17
CA GLY A 6 7.26 -0.19 6.72
C GLY A 6 5.94 0.18 6.10
N TRP A 7 5.29 -0.82 5.52
CA TRP A 7 4.03 -0.62 4.81
C TRP A 7 2.99 -1.69 5.11
N GLU A 8 1.74 -1.25 5.03
CA GLU A 8 0.57 -2.07 5.32
C GLU A 8 -0.29 -2.11 4.05
N GLN A 9 -0.84 -3.27 3.72
CA GLN A 9 -1.64 -3.40 2.51
C GLN A 9 -3.11 -3.10 2.83
N ALA A 10 -3.62 -1.97 2.32
CA ALA A 10 -5.00 -1.60 2.53
C ALA A 10 -5.78 -1.74 1.22
N MET A 11 -7.05 -2.04 1.32
CA MET A 11 -7.88 -2.21 0.14
C MET A 11 -8.74 -0.98 -0.11
N THR A 12 -8.67 -0.45 -1.32
CA THR A 12 -9.51 0.65 -1.71
C THR A 12 -10.80 0.10 -2.30
N GLN A 13 -11.90 0.83 -2.10
CA GLN A 13 -13.23 0.35 -2.44
C GLN A 13 -13.40 0.16 -3.94
N ASP A 14 -12.45 0.67 -4.70
CA ASP A 14 -12.45 0.49 -6.15
C ASP A 14 -12.05 -0.94 -6.52
N GLY A 15 -11.57 -1.68 -5.52
CA GLY A 15 -11.26 -3.09 -5.72
C GLY A 15 -9.78 -3.36 -5.92
N GLU A 16 -8.92 -2.55 -5.31
CA GLU A 16 -7.48 -2.73 -5.46
C GLU A 16 -6.77 -2.57 -4.12
N ILE A 17 -5.67 -3.30 -3.95
CA ILE A 17 -4.90 -3.22 -2.73
C ILE A 17 -3.66 -2.35 -2.94
N TYR A 18 -3.31 -1.57 -1.92
CA TYR A 18 -2.18 -0.66 -2.02
C TYR A 18 -1.39 -0.62 -0.71
N TYR A 19 -0.08 -0.43 -0.81
CA TYR A 19 0.79 -0.42 0.36
C TYR A 19 1.12 1.00 0.80
N ILE A 20 0.71 1.33 2.02
CA ILE A 20 1.03 2.61 2.62
C ILE A 20 2.30 2.50 3.46
N ASN A 21 3.40 3.06 2.98
CA ASN A 21 4.66 2.97 3.70
C ASN A 21 4.78 4.16 4.67
N HIS A 22 4.61 3.94 5.98
CA HIS A 22 4.61 5.02 6.96
C HIS A 22 6.03 5.46 7.30
N LYS A 23 7.00 4.64 6.94
CA LYS A 23 8.39 4.94 7.24
C LYS A 23 9.07 5.76 6.15
N ASN A 24 8.59 5.64 4.91
CA ASN A 24 9.17 6.41 3.81
C ASN A 24 8.14 7.34 3.14
N LYS A 25 6.88 7.22 3.53
CA LYS A 25 5.80 8.03 2.97
C LYS A 25 5.66 7.74 1.46
N THR A 26 5.65 6.45 1.13
CA THR A 26 5.57 6.03 -0.26
C THR A 26 4.45 5.02 -0.47
N THR A 27 3.86 5.00 -1.68
CA THR A 27 2.80 4.06 -1.97
C THR A 27 3.25 3.07 -3.05
N SER A 28 3.28 1.79 -2.71
CA SER A 28 3.64 0.74 -3.64
C SER A 28 2.45 -0.18 -3.84
N TRP A 29 2.18 -0.59 -5.08
CA TRP A 29 1.00 -1.41 -5.37
C TRP A 29 1.02 -2.76 -4.65
N LEU A 30 2.02 -3.59 -4.96
CA LEU A 30 2.00 -4.98 -4.53
C LEU A 30 3.19 -5.37 -3.64
N ASP A 31 2.99 -6.47 -2.93
CA ASP A 31 3.84 -6.89 -1.81
C ASP A 31 5.29 -7.09 -2.24
N PRO A 32 6.20 -6.34 -1.60
CA PRO A 32 7.63 -6.37 -1.89
C PRO A 32 8.37 -7.55 -1.25
N ARG A 33 7.81 -8.11 -0.18
CA ARG A 33 8.45 -9.20 0.54
C ARG A 33 8.22 -10.53 -0.18
N LEU A 34 7.22 -10.54 -1.06
CA LEU A 34 6.93 -11.71 -1.87
C LEU A 34 7.87 -11.81 -3.07
N ASP A 35 8.55 -10.71 -3.38
CA ASP A 35 9.49 -10.68 -4.50
C ASP A 35 10.77 -11.53 -4.27
N PRO A 36 11.47 -11.37 -3.12
CA PRO A 36 12.66 -12.17 -2.79
C PRO A 36 12.34 -13.64 -2.59
N SER B 1 -1.67 3.09 -13.72
CA SER B 1 -2.44 3.79 -12.67
C SER B 1 -1.58 4.01 -11.43
N PRO B 2 -1.40 5.29 -11.03
CA PRO B 2 -0.67 5.64 -9.81
C PRO B 2 -1.43 5.20 -8.56
N PRO B 3 -0.71 4.69 -7.55
CA PRO B 3 -1.33 4.23 -6.31
C PRO B 3 -1.89 5.39 -5.50
N PRO B 4 -3.07 5.20 -4.88
CA PRO B 4 -3.73 6.23 -4.07
C PRO B 4 -2.79 6.89 -3.06
N PRO B 5 -2.92 8.22 -2.89
CA PRO B 5 -2.08 9.01 -1.99
C PRO B 5 -1.96 8.39 -0.60
N TYR B 6 -0.73 8.36 -0.10
CA TYR B 6 -0.44 7.77 1.20
C TYR B 6 -0.95 8.68 2.33
N SER B 7 -1.35 9.90 1.97
CA SER B 7 -1.77 10.88 2.96
C SER B 7 -2.97 10.37 3.75
N ARG B 8 -3.97 9.82 3.07
CA ARG B 8 -5.06 9.15 3.75
C ARG B 8 -5.65 8.04 2.88
N TYR B 9 -6.43 7.17 3.51
CA TYR B 9 -6.90 5.95 2.86
C TYR B 9 -8.25 6.18 2.21
N PRO B 10 -8.32 5.99 0.87
CA PRO B 10 -9.56 6.13 0.10
C PRO B 10 -10.66 5.18 0.56
N MET B 11 -11.82 5.74 0.87
CA MET B 11 -12.97 4.97 1.33
C MET B 11 -14.00 4.85 0.20
N ASP B 12 -13.64 5.38 -0.96
CA ASP B 12 -14.53 5.43 -2.10
C ASP B 12 -13.93 4.69 -3.29
N GLY A 1 2.48 -11.24 1.32
CA GLY A 1 2.66 -12.14 2.49
C GLY A 1 3.16 -11.36 3.69
N PRO A 2 4.37 -11.68 4.18
CA PRO A 2 4.99 -10.93 5.25
C PRO A 2 5.69 -9.69 4.71
N LEU A 3 5.21 -8.52 5.11
CA LEU A 3 5.74 -7.27 4.59
C LEU A 3 6.99 -6.82 5.34
N PRO A 4 7.79 -5.92 4.74
CA PRO A 4 9.05 -5.40 5.32
C PRO A 4 8.83 -4.70 6.67
N ASP A 5 7.55 -4.49 7.02
CA ASP A 5 7.13 -3.97 8.33
C ASP A 5 7.16 -2.45 8.34
N GLY A 6 7.35 -1.86 7.17
CA GLY A 6 7.28 -0.42 7.05
C GLY A 6 5.91 0.04 6.63
N TRP A 7 5.14 -0.87 6.07
CA TRP A 7 3.84 -0.53 5.51
C TRP A 7 2.74 -1.52 5.85
N GLU A 8 1.53 -0.98 5.91
CA GLU A 8 0.33 -1.71 6.22
C GLU A 8 -0.60 -1.71 5.00
N GLN A 9 -1.36 -2.78 4.82
CA GLN A 9 -2.20 -2.94 3.65
C GLN A 9 -3.61 -2.36 3.89
N ALA A 10 -4.00 -1.35 3.12
CA ALA A 10 -5.35 -0.81 3.18
C ALA A 10 -6.11 -1.20 1.93
N MET A 11 -7.42 -1.35 2.03
CA MET A 11 -8.22 -1.83 0.91
C MET A 11 -9.14 -0.72 0.39
N THR A 12 -8.99 -0.37 -0.89
CA THR A 12 -9.92 0.54 -1.51
C THR A 12 -11.01 -0.28 -2.21
N GLN A 13 -12.26 0.17 -2.09
CA GLN A 13 -13.40 -0.65 -2.50
C GLN A 13 -13.45 -0.84 -4.01
N ASP A 14 -12.61 -0.11 -4.73
CA ASP A 14 -12.41 -0.33 -6.16
C ASP A 14 -11.88 -1.75 -6.40
N GLY A 15 -11.52 -2.44 -5.32
CA GLY A 15 -11.09 -3.81 -5.40
C GLY A 15 -9.61 -4.00 -5.20
N GLU A 16 -8.88 -2.92 -4.99
CA GLU A 16 -7.44 -2.98 -4.96
C GLU A 16 -6.89 -2.61 -3.59
N ILE A 17 -6.01 -3.44 -3.06
CA ILE A 17 -5.34 -3.15 -1.81
C ILE A 17 -4.02 -2.43 -2.09
N TYR A 18 -3.62 -1.55 -1.19
CA TYR A 18 -2.40 -0.77 -1.37
C TYR A 18 -1.66 -0.62 -0.03
N TYR A 19 -0.33 -0.72 -0.07
CA TYR A 19 0.48 -0.59 1.13
C TYR A 19 0.91 0.86 1.34
N ILE A 20 0.55 1.41 2.48
CA ILE A 20 1.00 2.73 2.87
C ILE A 20 2.17 2.61 3.82
N ASN A 21 3.33 3.09 3.38
CA ASN A 21 4.55 2.96 4.17
C ASN A 21 4.69 4.16 5.10
N HIS A 22 4.50 3.95 6.42
CA HIS A 22 4.51 5.06 7.37
C HIS A 22 5.94 5.47 7.72
N LYS A 23 6.90 4.65 7.33
CA LYS A 23 8.31 4.94 7.63
C LYS A 23 8.94 5.77 6.52
N ASN A 24 8.64 5.42 5.27
CA ASN A 24 9.24 6.09 4.12
C ASN A 24 8.26 7.05 3.44
N LYS A 25 7.01 7.03 3.91
CA LYS A 25 5.96 7.92 3.37
C LYS A 25 5.69 7.56 1.91
N THR A 26 5.80 6.28 1.60
CA THR A 26 5.73 5.81 0.22
C THR A 26 4.58 4.83 0.00
N THR A 27 4.03 4.81 -1.21
CA THR A 27 2.92 3.91 -1.52
C THR A 27 3.32 2.86 -2.57
N SER A 28 2.89 1.62 -2.35
CA SER A 28 3.10 0.54 -3.31
C SER A 28 1.95 -0.46 -3.19
N TRP A 29 1.43 -0.93 -4.32
CA TRP A 29 0.21 -1.74 -4.34
C TRP A 29 0.35 -3.04 -3.53
N LEU A 30 1.15 -3.97 -4.02
CA LEU A 30 1.21 -5.32 -3.47
C LEU A 30 2.59 -5.64 -2.90
N ASP A 31 2.62 -6.66 -2.04
CA ASP A 31 3.79 -6.98 -1.23
C ASP A 31 5.01 -7.29 -2.10
N PRO A 32 6.01 -6.40 -2.01
CA PRO A 32 7.25 -6.50 -2.77
C PRO A 32 8.24 -7.48 -2.15
N ARG A 33 7.96 -7.94 -0.95
CA ARG A 33 8.86 -8.87 -0.28
C ARG A 33 8.70 -10.27 -0.88
N LEU A 34 7.59 -10.48 -1.59
CA LEU A 34 7.39 -11.69 -2.37
C LEU A 34 8.15 -11.63 -3.69
N ASP A 35 8.66 -10.44 -4.01
CA ASP A 35 9.34 -10.19 -5.29
C ASP A 35 10.54 -11.13 -5.50
N PRO A 36 11.44 -11.26 -4.50
CA PRO A 36 12.54 -12.23 -4.54
C PRO A 36 12.03 -13.67 -4.50
N SER B 1 -0.61 2.03 -13.06
CA SER B 1 -1.53 2.95 -12.36
C SER B 1 -0.94 3.40 -11.03
N PRO B 2 -0.75 4.72 -10.86
CA PRO B 2 -0.22 5.29 -9.61
C PRO B 2 -1.17 5.08 -8.43
N PRO B 3 -0.65 4.60 -7.29
CA PRO B 3 -1.46 4.34 -6.10
C PRO B 3 -1.90 5.63 -5.42
N PRO B 4 -3.09 5.62 -4.79
CA PRO B 4 -3.65 6.78 -4.10
C PRO B 4 -2.66 7.40 -3.11
N PRO B 5 -2.66 8.74 -3.01
CA PRO B 5 -1.76 9.49 -2.13
C PRO B 5 -1.73 8.94 -0.70
N TYR B 6 -0.53 8.73 -0.19
CA TYR B 6 -0.32 8.17 1.13
C TYR B 6 -0.80 9.12 2.25
N SER B 7 -1.13 10.35 1.90
CA SER B 7 -1.52 11.33 2.89
C SER B 7 -2.85 10.92 3.54
N ARG B 8 -3.85 10.58 2.73
CA ARG B 8 -5.09 10.05 3.26
C ARG B 8 -5.76 9.08 2.28
N TYR B 9 -6.72 8.31 2.79
CA TYR B 9 -7.28 7.17 2.08
C TYR B 9 -8.46 7.58 1.21
N PRO B 10 -8.69 6.83 0.12
CA PRO B 10 -9.79 7.07 -0.81
C PRO B 10 -11.06 6.36 -0.38
N MET B 11 -12.18 6.71 -1.01
CA MET B 11 -13.46 6.10 -0.66
C MET B 11 -14.01 5.32 -1.86
N ASP B 12 -13.19 5.20 -2.89
CA ASP B 12 -13.60 4.53 -4.12
C ASP B 12 -13.47 3.03 -3.99
N GLY A 1 1.51 -11.33 1.76
CA GLY A 1 2.20 -12.18 2.76
C GLY A 1 2.79 -11.34 3.87
N PRO A 2 3.97 -11.74 4.40
CA PRO A 2 4.67 -10.94 5.40
C PRO A 2 5.31 -9.70 4.77
N LEU A 3 5.19 -8.55 5.41
CA LEU A 3 5.78 -7.32 4.89
C LEU A 3 6.92 -6.83 5.76
N PRO A 4 7.79 -5.97 5.21
CA PRO A 4 8.89 -5.34 5.98
C PRO A 4 8.35 -4.54 7.17
N ASP A 5 7.03 -4.36 7.20
CA ASP A 5 6.30 -3.78 8.33
C ASP A 5 6.37 -2.27 8.32
N GLY A 6 6.88 -1.72 7.24
CA GLY A 6 6.83 -0.28 7.06
C GLY A 6 5.55 0.14 6.37
N TRP A 7 4.86 -0.84 5.80
CA TRP A 7 3.65 -0.59 5.04
C TRP A 7 2.55 -1.61 5.28
N GLU A 8 1.32 -1.12 5.13
CA GLU A 8 0.12 -1.90 5.42
C GLU A 8 -0.74 -1.89 4.14
N GLN A 9 -1.30 -3.05 3.78
CA GLN A 9 -2.02 -3.15 2.52
C GLN A 9 -3.53 -2.94 2.71
N ALA A 10 -4.03 -1.77 2.33
CA ALA A 10 -5.45 -1.47 2.45
C ALA A 10 -6.14 -1.67 1.10
N MET A 11 -7.42 -2.04 1.15
CA MET A 11 -8.18 -2.27 -0.07
C MET A 11 -9.00 -1.04 -0.44
N THR A 12 -8.90 -0.62 -1.70
CA THR A 12 -9.76 0.44 -2.20
C THR A 12 -10.87 -0.16 -3.04
N GLN A 13 -12.05 0.46 -2.99
CA GLN A 13 -13.26 -0.02 -3.66
C GLN A 13 -13.07 -0.13 -5.16
N ASP A 14 -12.08 0.59 -5.67
CA ASP A 14 -11.69 0.52 -7.09
C ASP A 14 -11.28 -0.91 -7.47
N GLY A 15 -11.00 -1.72 -6.45
CA GLY A 15 -10.68 -3.11 -6.68
C GLY A 15 -9.19 -3.38 -6.71
N GLU A 16 -8.44 -2.66 -5.88
CA GLU A 16 -7.00 -2.83 -5.82
C GLU A 16 -6.49 -2.59 -4.40
N ILE A 17 -5.41 -3.26 -4.04
CA ILE A 17 -4.84 -3.17 -2.71
C ILE A 17 -3.55 -2.35 -2.72
N TYR A 18 -3.46 -1.35 -1.86
CA TYR A 18 -2.32 -0.43 -1.89
C TYR A 18 -1.58 -0.42 -0.54
N TYR A 19 -0.25 -0.39 -0.57
CA TYR A 19 0.57 -0.31 0.63
C TYR A 19 0.84 1.13 1.02
N ILE A 20 0.38 1.52 2.19
CA ILE A 20 0.73 2.80 2.75
C ILE A 20 1.99 2.66 3.58
N ASN A 21 3.10 3.14 3.06
CA ASN A 21 4.38 2.98 3.73
C ASN A 21 4.61 4.17 4.67
N HIS A 22 4.73 3.92 5.99
CA HIS A 22 4.76 4.99 6.97
C HIS A 22 6.18 5.52 7.14
N LYS A 23 7.15 4.80 6.57
CA LYS A 23 8.56 5.16 6.73
C LYS A 23 9.00 6.18 5.70
N ASN A 24 8.50 6.06 4.47
CA ASN A 24 8.92 6.93 3.38
C ASN A 24 7.76 7.76 2.85
N LYS A 25 6.58 7.60 3.45
CA LYS A 25 5.40 8.35 3.02
C LYS A 25 5.11 8.06 1.54
N THR A 26 5.11 6.78 1.18
CA THR A 26 5.00 6.39 -0.22
C THR A 26 4.01 5.22 -0.38
N THR A 27 3.35 5.14 -1.54
CA THR A 27 2.39 4.08 -1.81
C THR A 27 2.94 3.10 -2.84
N SER A 28 2.68 1.81 -2.65
CA SER A 28 3.08 0.78 -3.59
C SER A 28 2.07 -0.36 -3.58
N TRP A 29 1.66 -0.82 -4.76
CA TRP A 29 0.53 -1.75 -4.86
C TRP A 29 0.76 -3.11 -4.17
N LEU A 30 1.65 -3.92 -4.73
CA LEU A 30 1.71 -5.34 -4.38
C LEU A 30 2.90 -5.71 -3.51
N ASP A 31 2.77 -6.87 -2.87
CA ASP A 31 3.67 -7.33 -1.82
C ASP A 31 5.11 -7.45 -2.32
N PRO A 32 6.00 -6.66 -1.72
CA PRO A 32 7.42 -6.62 -2.09
C PRO A 32 8.25 -7.76 -1.48
N ARG A 33 7.85 -8.24 -0.30
CA ARG A 33 8.68 -9.15 0.47
C ARG A 33 8.59 -10.59 -0.04
N LEU A 34 7.60 -10.86 -0.87
CA LEU A 34 7.48 -12.17 -1.51
C LEU A 34 8.45 -12.31 -2.69
N ASP A 35 9.08 -11.21 -3.07
CA ASP A 35 10.02 -11.22 -4.19
C ASP A 35 11.27 -12.11 -3.96
N PRO A 36 11.96 -11.99 -2.82
CA PRO A 36 13.12 -12.84 -2.49
C PRO A 36 12.76 -14.32 -2.44
N SER B 1 -2.45 1.80 -12.66
CA SER B 1 -2.77 3.11 -12.06
C SER B 1 -1.73 3.48 -11.01
N PRO B 2 -1.33 4.76 -10.94
CA PRO B 2 -0.49 5.26 -9.84
C PRO B 2 -1.22 5.08 -8.51
N PRO B 3 -0.52 4.59 -7.47
CA PRO B 3 -1.15 4.28 -6.18
C PRO B 3 -1.67 5.54 -5.48
N PRO B 4 -2.91 5.47 -4.96
CA PRO B 4 -3.57 6.58 -4.25
C PRO B 4 -2.70 7.21 -3.19
N PRO B 5 -2.89 8.52 -2.96
CA PRO B 5 -2.11 9.29 -1.99
C PRO B 5 -2.05 8.65 -0.61
N TYR B 6 -0.86 8.62 -0.04
CA TYR B 6 -0.63 8.13 1.30
C TYR B 6 -1.16 9.13 2.33
N SER B 7 -1.53 10.31 1.85
CA SER B 7 -2.04 11.37 2.72
C SER B 7 -3.30 10.91 3.44
N ARG B 8 -4.26 10.38 2.69
CA ARG B 8 -5.43 9.76 3.30
C ARG B 8 -5.97 8.66 2.41
N TYR B 9 -6.84 7.82 2.97
CA TYR B 9 -7.28 6.60 2.31
C TYR B 9 -8.53 6.89 1.48
N PRO B 10 -8.50 6.51 0.19
CA PRO B 10 -9.64 6.70 -0.73
C PRO B 10 -10.84 5.82 -0.37
N MET B 11 -10.72 5.08 0.72
CA MET B 11 -11.78 4.21 1.18
C MET B 11 -12.54 4.87 2.35
N ASP B 12 -12.08 6.05 2.74
CA ASP B 12 -12.73 6.81 3.81
C ASP B 12 -13.94 7.55 3.26
N GLY A 1 1.70 -11.61 1.75
CA GLY A 1 2.49 -12.32 2.78
C GLY A 1 2.79 -11.43 3.95
N PRO A 2 3.90 -11.69 4.68
CA PRO A 2 4.34 -10.83 5.77
C PRO A 2 5.19 -9.66 5.27
N LEU A 3 4.70 -8.45 5.48
CA LEU A 3 5.38 -7.28 4.98
C LEU A 3 6.51 -6.84 5.91
N PRO A 4 7.46 -6.03 5.39
CA PRO A 4 8.61 -5.52 6.17
C PRO A 4 8.19 -4.71 7.39
N ASP A 5 6.89 -4.40 7.47
CA ASP A 5 6.28 -3.67 8.60
C ASP A 5 6.52 -2.17 8.45
N GLY A 6 7.01 -1.78 7.29
CA GLY A 6 7.10 -0.38 6.97
C GLY A 6 5.82 0.09 6.32
N TRP A 7 5.06 -0.86 5.79
CA TRP A 7 3.82 -0.57 5.09
C TRP A 7 2.72 -1.57 5.37
N GLU A 8 1.50 -1.05 5.36
CA GLU A 8 0.30 -1.82 5.61
C GLU A 8 -0.55 -1.81 4.33
N GLN A 9 -1.26 -2.90 4.10
CA GLN A 9 -2.05 -3.04 2.89
C GLN A 9 -3.46 -2.50 3.11
N ALA A 10 -3.73 -1.30 2.61
CA ALA A 10 -5.05 -0.72 2.71
C ALA A 10 -5.88 -1.11 1.50
N MET A 11 -7.17 -1.21 1.69
CA MET A 11 -8.06 -1.69 0.63
C MET A 11 -9.06 -0.63 0.23
N THR A 12 -9.05 -0.24 -1.04
CA THR A 12 -10.11 0.60 -1.56
C THR A 12 -11.21 -0.32 -2.08
N GLN A 13 -12.44 -0.06 -1.65
CA GLN A 13 -13.53 -1.03 -1.82
C GLN A 13 -13.90 -1.22 -3.29
N ASP A 14 -13.36 -0.39 -4.16
CA ASP A 14 -13.61 -0.51 -5.60
C ASP A 14 -12.86 -1.70 -6.20
N GLY A 15 -11.99 -2.32 -5.39
CA GLY A 15 -11.33 -3.54 -5.81
C GLY A 15 -9.84 -3.41 -6.10
N GLU A 16 -9.13 -2.58 -5.34
CA GLU A 16 -7.67 -2.48 -5.46
C GLU A 16 -7.04 -2.25 -4.09
N ILE A 17 -6.03 -3.03 -3.78
CA ILE A 17 -5.31 -2.88 -2.53
C ILE A 17 -4.02 -2.09 -2.76
N TYR A 18 -3.65 -1.26 -1.81
CA TYR A 18 -2.45 -0.44 -1.94
C TYR A 18 -1.72 -0.33 -0.60
N TYR A 19 -0.40 -0.34 -0.65
CA TYR A 19 0.43 -0.30 0.55
C TYR A 19 0.83 1.13 0.89
N ILE A 20 0.44 1.56 2.08
CA ILE A 20 0.87 2.84 2.60
C ILE A 20 2.09 2.64 3.50
N ASN A 21 3.24 3.17 3.08
CA ASN A 21 4.48 2.97 3.82
C ASN A 21 4.64 4.08 4.85
N HIS A 22 4.50 3.77 6.15
CA HIS A 22 4.51 4.78 7.20
C HIS A 22 5.94 5.16 7.58
N LYS A 23 6.89 4.35 7.15
CA LYS A 23 8.30 4.61 7.46
C LYS A 23 8.97 5.47 6.38
N ASN A 24 8.68 5.18 5.12
CA ASN A 24 9.28 5.89 4.00
C ASN A 24 8.33 6.95 3.45
N LYS A 25 7.08 6.93 3.92
CA LYS A 25 6.06 7.88 3.46
C LYS A 25 5.85 7.69 1.96
N THR A 26 5.83 6.44 1.52
CA THR A 26 5.80 6.10 0.10
C THR A 26 4.60 5.18 -0.21
N THR A 27 4.04 5.29 -1.42
CA THR A 27 3.00 4.37 -1.84
C THR A 27 3.56 3.27 -2.75
N SER A 28 3.05 2.06 -2.57
CA SER A 28 3.42 0.91 -3.39
C SER A 28 2.16 0.09 -3.64
N TRP A 29 2.07 -0.60 -4.76
CA TRP A 29 0.86 -1.37 -5.06
C TRP A 29 0.80 -2.68 -4.27
N LEU A 30 1.66 -3.62 -4.63
CA LEU A 30 1.55 -4.99 -4.15
C LEU A 30 2.78 -5.45 -3.38
N ASP A 31 2.59 -6.53 -2.61
CA ASP A 31 3.52 -6.98 -1.59
C ASP A 31 4.90 -7.29 -2.16
N PRO A 32 5.90 -6.50 -1.73
CA PRO A 32 7.28 -6.56 -2.20
C PRO A 32 8.09 -7.69 -1.57
N ARG A 33 7.54 -8.32 -0.54
CA ARG A 33 8.24 -9.37 0.18
C ARG A 33 8.30 -10.64 -0.69
N LEU A 34 7.40 -10.70 -1.67
CA LEU A 34 7.36 -11.82 -2.59
C LEU A 34 8.42 -11.69 -3.69
N ASP A 35 8.99 -10.49 -3.82
CA ASP A 35 9.97 -10.22 -4.87
C ASP A 35 11.29 -11.00 -4.74
N PRO A 36 11.93 -11.00 -3.55
CA PRO A 36 13.18 -11.75 -3.32
C PRO A 36 12.96 -13.26 -3.39
N SER B 1 -0.06 2.47 -13.59
CA SER B 1 -1.05 3.31 -12.91
C SER B 1 -0.52 3.80 -11.57
N PRO B 2 -0.55 5.13 -11.33
CA PRO B 2 -0.09 5.72 -10.08
C PRO B 2 -1.00 5.35 -8.90
N PRO B 3 -0.41 4.87 -7.79
CA PRO B 3 -1.17 4.47 -6.61
C PRO B 3 -1.63 5.67 -5.80
N PRO B 4 -2.82 5.55 -5.18
CA PRO B 4 -3.41 6.61 -4.33
C PRO B 4 -2.42 7.15 -3.30
N PRO B 5 -2.49 8.47 -3.04
CA PRO B 5 -1.58 9.16 -2.11
C PRO B 5 -1.55 8.52 -0.71
N TYR B 6 -0.35 8.43 -0.16
CA TYR B 6 -0.15 7.89 1.19
C TYR B 6 -0.71 8.84 2.26
N SER B 7 -1.05 10.05 1.86
CA SER B 7 -1.54 11.05 2.80
C SER B 7 -2.85 10.62 3.45
N ARG B 8 -3.86 10.32 2.64
CA ARG B 8 -5.13 9.86 3.15
C ARG B 8 -5.82 8.93 2.17
N TYR B 9 -6.85 8.22 2.65
CA TYR B 9 -7.43 7.11 1.92
C TYR B 9 -8.55 7.60 1.01
N PRO B 10 -8.62 7.05 -0.21
CA PRO B 10 -9.55 7.51 -1.23
C PRO B 10 -10.99 7.08 -0.96
N MET B 11 -11.35 5.88 -1.40
CA MET B 11 -12.71 5.40 -1.25
C MET B 11 -12.74 4.10 -0.43
N ASP B 12 -13.30 4.19 0.76
CA ASP B 12 -13.45 3.03 1.62
C ASP B 12 -14.88 2.98 2.14
N GLY A 1 2.81 -12.06 1.95
CA GLY A 1 3.58 -12.57 3.10
C GLY A 1 3.74 -11.52 4.19
N PRO A 2 4.70 -11.69 5.10
CA PRO A 2 5.01 -10.68 6.11
C PRO A 2 5.73 -9.50 5.50
N LEU A 3 5.08 -8.35 5.48
CA LEU A 3 5.64 -7.18 4.82
C LEU A 3 6.83 -6.63 5.60
N PRO A 4 7.68 -5.81 4.93
CA PRO A 4 8.93 -5.27 5.50
C PRO A 4 8.73 -4.43 6.77
N ASP A 5 7.47 -4.15 7.09
CA ASP A 5 7.08 -3.42 8.33
C ASP A 5 7.10 -1.93 8.09
N GLY A 6 7.23 -1.55 6.83
CA GLY A 6 7.12 -0.16 6.48
C GLY A 6 5.71 0.19 6.05
N TRP A 7 4.97 -0.80 5.57
CA TRP A 7 3.67 -0.56 4.96
C TRP A 7 2.61 -1.59 5.31
N GLU A 8 1.37 -1.11 5.32
CA GLU A 8 0.21 -1.92 5.67
C GLU A 8 -0.69 -1.94 4.41
N GLN A 9 -1.40 -3.04 4.18
CA GLN A 9 -2.17 -3.19 2.95
C GLN A 9 -3.59 -2.65 3.14
N ALA A 10 -3.85 -1.47 2.63
CA ALA A 10 -5.19 -0.88 2.68
C ALA A 10 -5.92 -1.16 1.38
N MET A 11 -7.23 -1.27 1.44
CA MET A 11 -8.02 -1.66 0.28
C MET A 11 -8.98 -0.55 -0.15
N THR A 12 -8.98 -0.24 -1.43
CA THR A 12 -9.98 0.67 -1.97
C THR A 12 -11.08 -0.14 -2.66
N GLN A 13 -12.33 0.27 -2.44
CA GLN A 13 -13.49 -0.44 -2.96
C GLN A 13 -13.50 -0.45 -4.49
N ASP A 14 -12.61 0.33 -5.09
CA ASP A 14 -12.47 0.37 -6.54
C ASP A 14 -11.89 -0.95 -7.05
N GLY A 15 -11.51 -1.83 -6.12
CA GLY A 15 -11.07 -3.15 -6.48
C GLY A 15 -9.56 -3.34 -6.49
N GLU A 16 -8.84 -2.47 -5.79
CA GLU A 16 -7.38 -2.56 -5.77
C GLU A 16 -6.85 -2.32 -4.36
N ILE A 17 -5.73 -2.93 -4.04
CA ILE A 17 -5.13 -2.81 -2.73
C ILE A 17 -3.80 -2.07 -2.81
N TYR A 18 -3.52 -1.23 -1.83
CA TYR A 18 -2.33 -0.39 -1.85
C TYR A 18 -1.64 -0.40 -0.48
N TYR A 19 -0.31 -0.44 -0.47
CA TYR A 19 0.45 -0.41 0.77
C TYR A 19 0.79 1.02 1.16
N ILE A 20 0.38 1.40 2.36
CA ILE A 20 0.73 2.70 2.91
C ILE A 20 2.03 2.58 3.70
N ASN A 21 3.12 3.10 3.15
CA ASN A 21 4.43 2.95 3.78
C ASN A 21 4.67 4.14 4.72
N HIS A 22 4.70 3.89 6.04
CA HIS A 22 4.83 4.98 7.01
C HIS A 22 6.31 5.34 7.20
N LYS A 23 7.17 4.41 6.86
CA LYS A 23 8.61 4.59 7.06
C LYS A 23 9.25 5.33 5.86
N ASN A 24 8.65 5.17 4.69
CA ASN A 24 9.18 5.80 3.48
C ASN A 24 8.21 6.86 2.96
N LYS A 25 7.01 6.92 3.53
CA LYS A 25 5.99 7.88 3.12
C LYS A 25 5.66 7.74 1.63
N THR A 26 5.40 6.50 1.21
CA THR A 26 5.16 6.22 -0.21
C THR A 26 4.13 5.09 -0.36
N THR A 27 3.37 5.11 -1.45
CA THR A 27 2.40 4.07 -1.71
C THR A 27 2.93 3.09 -2.78
N SER A 28 2.65 1.82 -2.58
CA SER A 28 3.05 0.79 -3.56
C SER A 28 2.01 -0.34 -3.54
N TRP A 29 1.63 -0.83 -4.72
CA TRP A 29 0.47 -1.70 -4.86
C TRP A 29 0.58 -3.01 -4.05
N LEU A 30 1.47 -3.90 -4.45
CA LEU A 30 1.47 -5.27 -3.91
C LEU A 30 2.75 -5.61 -3.17
N ASP A 31 2.63 -6.65 -2.33
CA ASP A 31 3.69 -7.10 -1.42
C ASP A 31 4.95 -7.52 -2.18
N PRO A 32 6.02 -6.73 -2.04
CA PRO A 32 7.31 -7.00 -2.66
C PRO A 32 8.14 -8.03 -1.89
N ARG A 33 7.69 -8.38 -0.69
CA ARG A 33 8.47 -9.24 0.20
C ARG A 33 8.44 -10.69 -0.29
N LEU A 34 7.56 -10.98 -1.24
CA LEU A 34 7.50 -12.30 -1.85
C LEU A 34 8.58 -12.47 -2.92
N ASP A 35 9.11 -11.35 -3.40
CA ASP A 35 10.13 -11.37 -4.44
C ASP A 35 11.46 -12.02 -4.02
N PRO A 36 12.05 -11.63 -2.86
CA PRO A 36 13.29 -12.24 -2.36
C PRO A 36 13.18 -13.74 -2.17
N SER B 1 -1.30 2.89 -13.19
CA SER B 1 -2.11 3.66 -12.24
C SER B 1 -1.29 4.01 -11.00
N PRO B 2 -1.19 5.30 -10.66
CA PRO B 2 -0.48 5.75 -9.48
C PRO B 2 -1.24 5.38 -8.20
N PRO B 3 -0.55 4.76 -7.23
CA PRO B 3 -1.17 4.38 -5.96
C PRO B 3 -1.65 5.60 -5.20
N PRO B 4 -2.87 5.53 -4.63
CA PRO B 4 -3.49 6.66 -3.91
C PRO B 4 -2.54 7.27 -2.88
N PRO B 5 -2.56 8.62 -2.79
CA PRO B 5 -1.69 9.36 -1.87
C PRO B 5 -1.70 8.79 -0.45
N TYR B 6 -0.51 8.50 0.05
CA TYR B 6 -0.33 7.95 1.40
C TYR B 6 -0.81 8.93 2.49
N SER B 7 -1.12 10.16 2.09
CA SER B 7 -1.58 11.16 3.03
C SER B 7 -2.86 10.73 3.73
N ARG B 8 -3.82 10.22 2.98
CA ARG B 8 -5.03 9.67 3.59
C ARG B 8 -5.62 8.55 2.73
N TYR B 9 -6.52 7.78 3.33
CA TYR B 9 -7.00 6.54 2.73
C TYR B 9 -8.32 6.78 1.99
N PRO B 10 -8.32 6.56 0.67
CA PRO B 10 -9.51 6.73 -0.17
C PRO B 10 -10.62 5.73 0.15
N MET B 11 -11.78 6.25 0.49
CA MET B 11 -12.95 5.43 0.74
C MET B 11 -14.10 5.85 -0.17
N ASP B 12 -14.68 4.89 -0.86
CA ASP B 12 -15.82 5.17 -1.74
C ASP B 12 -17.13 4.98 -0.97
N GLY A 1 2.48 -11.99 2.47
CA GLY A 1 3.39 -12.55 3.50
C GLY A 1 3.80 -11.51 4.52
N PRO A 2 4.88 -11.76 5.29
CA PRO A 2 5.40 -10.79 6.24
C PRO A 2 6.05 -9.59 5.55
N LEU A 3 5.48 -8.42 5.74
CA LEU A 3 6.00 -7.21 5.13
C LEU A 3 7.21 -6.68 5.90
N PRO A 4 8.03 -5.81 5.26
CA PRO A 4 9.24 -5.23 5.88
C PRO A 4 8.94 -4.41 7.14
N ASP A 5 7.64 -4.20 7.39
CA ASP A 5 7.12 -3.54 8.61
C ASP A 5 7.04 -2.05 8.42
N GLY A 6 7.23 -1.60 7.20
CA GLY A 6 7.05 -0.20 6.89
C GLY A 6 5.65 0.09 6.38
N TRP A 7 5.01 -0.92 5.82
CA TRP A 7 3.73 -0.73 5.16
C TRP A 7 2.70 -1.80 5.46
N GLU A 8 1.44 -1.34 5.41
CA GLU A 8 0.27 -2.14 5.71
C GLU A 8 -0.66 -2.16 4.49
N GLN A 9 -1.28 -3.30 4.22
CA GLN A 9 -2.10 -3.46 3.02
C GLN A 9 -3.54 -3.04 3.28
N ALA A 10 -4.00 -1.96 2.65
CA ALA A 10 -5.37 -1.49 2.81
C ALA A 10 -6.16 -1.69 1.52
N MET A 11 -7.46 -1.91 1.64
CA MET A 11 -8.29 -2.16 0.48
C MET A 11 -9.12 -0.93 0.11
N THR A 12 -9.13 -0.59 -1.17
CA THR A 12 -10.03 0.44 -1.66
C THR A 12 -11.13 -0.20 -2.51
N GLN A 13 -12.36 0.30 -2.36
CA GLN A 13 -13.52 -0.25 -3.05
C GLN A 13 -13.40 -0.06 -4.56
N ASP A 14 -12.41 0.73 -4.97
CA ASP A 14 -12.15 0.97 -6.38
C ASP A 14 -11.62 -0.29 -7.07
N GLY A 15 -11.42 -1.35 -6.29
CA GLY A 15 -11.07 -2.65 -6.84
C GLY A 15 -9.59 -2.97 -6.76
N GLU A 16 -8.90 -2.39 -5.79
CA GLU A 16 -7.46 -2.62 -5.63
C GLU A 16 -7.06 -2.52 -4.16
N ILE A 17 -6.03 -3.26 -3.80
CA ILE A 17 -5.39 -3.08 -2.50
C ILE A 17 -4.12 -2.25 -2.68
N TYR A 18 -3.76 -1.50 -1.66
CA TYR A 18 -2.59 -0.64 -1.75
C TYR A 18 -1.82 -0.62 -0.42
N TYR A 19 -0.49 -0.71 -0.48
CA TYR A 19 0.35 -0.63 0.71
C TYR A 19 0.73 0.79 1.01
N ILE A 20 0.34 1.27 2.18
CA ILE A 20 0.75 2.58 2.64
C ILE A 20 1.94 2.45 3.58
N ASN A 21 3.09 2.97 3.17
CA ASN A 21 4.29 2.84 3.97
C ASN A 21 4.38 4.05 4.92
N HIS A 22 4.16 3.83 6.23
CA HIS A 22 4.07 4.91 7.18
C HIS A 22 5.45 5.39 7.61
N LYS A 23 6.46 4.61 7.28
CA LYS A 23 7.83 4.95 7.62
C LYS A 23 8.53 5.71 6.49
N ASN A 24 8.37 5.22 5.26
CA ASN A 24 9.02 5.84 4.11
C ASN A 24 8.08 6.82 3.41
N LYS A 25 6.83 6.88 3.87
CA LYS A 25 5.83 7.80 3.30
C LYS A 25 5.63 7.49 1.80
N THR A 26 5.61 6.21 1.46
CA THR A 26 5.58 5.79 0.06
C THR A 26 4.44 4.80 -0.20
N THR A 27 3.91 4.80 -1.41
CA THR A 27 2.80 3.93 -1.75
C THR A 27 3.21 2.92 -2.84
N SER A 28 2.81 1.68 -2.65
CA SER A 28 3.05 0.61 -3.64
C SER A 28 1.90 -0.38 -3.56
N TRP A 29 1.44 -0.87 -4.71
CA TRP A 29 0.22 -1.70 -4.77
C TRP A 29 0.33 -2.98 -3.94
N LEU A 30 1.24 -3.85 -4.33
CA LEU A 30 1.23 -5.24 -3.87
C LEU A 30 2.47 -5.63 -3.08
N ASP A 31 2.33 -6.71 -2.32
CA ASP A 31 3.33 -7.17 -1.36
C ASP A 31 4.67 -7.45 -2.03
N PRO A 32 5.68 -6.67 -1.63
CA PRO A 32 7.03 -6.71 -2.21
C PRO A 32 7.90 -7.84 -1.68
N ARG A 33 7.44 -8.54 -0.63
CA ARG A 33 8.28 -9.56 0.00
C ARG A 33 8.41 -10.77 -0.92
N LEU A 34 7.60 -10.80 -1.97
CA LEU A 34 7.68 -11.86 -2.98
C LEU A 34 8.80 -11.60 -3.97
N ASP A 35 9.37 -10.40 -3.93
CA ASP A 35 10.37 -9.98 -4.91
C ASP A 35 11.63 -10.86 -4.94
N PRO A 36 12.26 -11.15 -3.78
CA PRO A 36 13.44 -12.03 -3.71
C PRO A 36 13.16 -13.43 -4.25
N SER B 1 0.54 1.68 -13.24
CA SER B 1 -0.57 2.32 -12.55
C SER B 1 -0.08 3.01 -11.27
N PRO B 2 -0.43 4.30 -11.08
CA PRO B 2 -0.09 5.04 -9.87
C PRO B 2 -1.06 4.74 -8.74
N PRO B 3 -0.54 4.35 -7.56
CA PRO B 3 -1.36 4.08 -6.38
C PRO B 3 -1.90 5.37 -5.75
N PRO B 4 -3.06 5.29 -5.08
CA PRO B 4 -3.68 6.44 -4.40
C PRO B 4 -2.70 7.15 -3.48
N PRO B 5 -2.82 8.49 -3.39
CA PRO B 5 -1.95 9.31 -2.55
C PRO B 5 -1.95 8.86 -1.08
N TYR B 6 -0.76 8.63 -0.55
CA TYR B 6 -0.58 8.21 0.84
C TYR B 6 -1.05 9.28 1.83
N SER B 7 -1.37 10.46 1.32
CA SER B 7 -1.80 11.57 2.16
C SER B 7 -3.08 11.21 2.93
N ARG B 8 -4.05 10.65 2.23
CA ARG B 8 -5.26 10.18 2.90
C ARG B 8 -5.85 8.99 2.13
N TYR B 9 -6.77 8.28 2.78
CA TYR B 9 -7.30 7.03 2.23
C TYR B 9 -8.53 7.33 1.38
N PRO B 10 -8.51 6.87 0.13
CA PRO B 10 -9.58 7.14 -0.86
C PRO B 10 -10.83 6.27 -0.63
N MET B 11 -10.94 5.68 0.56
CA MET B 11 -12.04 4.78 0.86
C MET B 11 -13.11 5.49 1.69
N ASP B 12 -13.99 6.20 1.00
CA ASP B 12 -15.17 6.80 1.62
C ASP B 12 -15.95 7.57 0.57
N GLY A 1 2.64 -11.60 1.10
CA GLY A 1 2.85 -12.32 2.38
C GLY A 1 3.14 -11.37 3.52
N PRO A 2 4.16 -11.65 4.34
CA PRO A 2 4.55 -10.77 5.44
C PRO A 2 5.35 -9.57 4.92
N LEU A 3 4.76 -8.39 5.05
CA LEU A 3 5.39 -7.18 4.55
C LEU A 3 6.50 -6.71 5.47
N PRO A 4 7.41 -5.85 4.95
CA PRO A 4 8.58 -5.34 5.69
C PRO A 4 8.23 -4.57 6.97
N ASP A 5 6.94 -4.30 7.16
CA ASP A 5 6.41 -3.58 8.32
C ASP A 5 6.57 -2.08 8.14
N GLY A 6 6.93 -1.69 6.93
CA GLY A 6 6.96 -0.29 6.59
C GLY A 6 5.65 0.16 6.00
N TRP A 7 4.90 -0.80 5.45
CA TRP A 7 3.65 -0.51 4.78
C TRP A 7 2.54 -1.50 5.10
N GLU A 8 1.33 -0.97 5.11
CA GLU A 8 0.14 -1.71 5.48
C GLU A 8 -0.80 -1.76 4.27
N GLN A 9 -1.39 -2.92 4.01
CA GLN A 9 -2.22 -3.11 2.81
C GLN A 9 -3.68 -2.77 3.11
N ALA A 10 -4.17 -1.66 2.55
CA ALA A 10 -5.56 -1.28 2.70
C ALA A 10 -6.33 -1.58 1.42
N MET A 11 -7.62 -1.87 1.56
CA MET A 11 -8.44 -2.24 0.42
C MET A 11 -9.34 -1.08 0.00
N THR A 12 -9.30 -0.74 -1.29
CA THR A 12 -10.22 0.24 -1.83
C THR A 12 -11.33 -0.48 -2.60
N GLN A 13 -12.53 0.09 -2.55
CA GLN A 13 -13.74 -0.57 -3.07
C GLN A 13 -13.62 -0.88 -4.56
N ASP A 14 -12.76 -0.14 -5.23
CA ASP A 14 -12.46 -0.37 -6.63
C ASP A 14 -11.91 -1.77 -6.88
N GLY A 15 -11.58 -2.48 -5.79
CA GLY A 15 -11.12 -3.85 -5.90
C GLY A 15 -9.60 -3.96 -5.83
N GLU A 16 -8.94 -2.90 -5.38
CA GLU A 16 -7.48 -2.88 -5.38
C GLU A 16 -6.96 -2.69 -3.97
N ILE A 17 -5.78 -3.24 -3.71
CA ILE A 17 -5.13 -3.09 -2.41
C ILE A 17 -3.89 -2.23 -2.57
N TYR A 18 -3.58 -1.42 -1.57
CA TYR A 18 -2.41 -0.55 -1.65
C TYR A 18 -1.66 -0.53 -0.31
N TYR A 19 -0.32 -0.56 -0.36
CA TYR A 19 0.50 -0.49 0.83
C TYR A 19 0.91 0.93 1.11
N ILE A 20 0.48 1.46 2.24
CA ILE A 20 0.89 2.77 2.68
C ILE A 20 2.14 2.66 3.55
N ASN A 21 3.26 3.18 3.06
CA ASN A 21 4.53 3.06 3.77
C ASN A 21 4.69 4.24 4.74
N HIS A 22 4.59 4.00 6.07
CA HIS A 22 4.57 5.08 7.04
C HIS A 22 5.97 5.57 7.34
N LYS A 23 6.96 4.80 6.94
CA LYS A 23 8.35 5.12 7.22
C LYS A 23 8.94 6.05 6.16
N ASN A 24 8.38 6.03 4.95
CA ASN A 24 8.90 6.86 3.87
C ASN A 24 7.81 7.70 3.19
N LYS A 25 6.57 7.61 3.69
CA LYS A 25 5.46 8.40 3.15
C LYS A 25 5.27 8.14 1.64
N THR A 26 5.22 6.87 1.27
CA THR A 26 5.08 6.49 -0.12
C THR A 26 4.13 5.29 -0.26
N THR A 27 3.44 5.18 -1.39
CA THR A 27 2.49 4.10 -1.61
C THR A 27 3.03 3.08 -2.62
N SER A 28 2.91 1.81 -2.29
CA SER A 28 3.33 0.73 -3.17
C SER A 28 2.14 -0.17 -3.47
N TRP A 29 2.11 -0.80 -4.63
CA TRP A 29 0.97 -1.63 -5.01
C TRP A 29 0.95 -2.97 -4.26
N LEU A 30 1.88 -3.85 -4.59
CA LEU A 30 1.86 -5.20 -4.06
C LEU A 30 3.12 -5.55 -3.28
N ASP A 31 2.98 -6.58 -2.44
CA ASP A 31 4.03 -7.02 -1.53
C ASP A 31 5.29 -7.43 -2.26
N PRO A 32 6.37 -6.65 -2.06
CA PRO A 32 7.68 -6.91 -2.64
C PRO A 32 8.48 -7.98 -1.90
N ARG A 33 8.02 -8.39 -0.73
CA ARG A 33 8.82 -9.25 0.14
C ARG A 33 8.86 -10.69 -0.35
N LEU A 34 7.85 -11.11 -1.10
CA LEU A 34 7.81 -12.48 -1.63
C LEU A 34 8.69 -12.61 -2.88
N ASP A 35 9.11 -11.49 -3.44
CA ASP A 35 9.92 -11.49 -4.67
C ASP A 35 11.26 -12.22 -4.51
N PRO A 36 12.06 -11.91 -3.47
CA PRO A 36 13.34 -12.59 -3.22
C PRO A 36 13.15 -14.08 -2.96
N SER B 1 0.64 2.78 -13.40
CA SER B 1 -0.52 3.35 -12.69
C SER B 1 -0.13 3.73 -11.26
N PRO B 2 -0.26 5.02 -10.92
CA PRO B 2 0.08 5.52 -9.58
C PRO B 2 -0.91 5.06 -8.52
N PRO B 3 -0.40 4.50 -7.40
CA PRO B 3 -1.23 4.07 -6.28
C PRO B 3 -1.81 5.26 -5.51
N PRO B 4 -3.00 5.08 -4.91
CA PRO B 4 -3.66 6.12 -4.10
C PRO B 4 -2.72 6.74 -3.07
N PRO B 5 -2.81 8.07 -2.92
CA PRO B 5 -1.93 8.84 -2.04
C PRO B 5 -1.93 8.32 -0.59
N TYR B 6 -0.73 8.19 -0.04
CA TYR B 6 -0.55 7.80 1.35
C TYR B 6 -1.14 8.84 2.30
N SER B 7 -1.46 10.01 1.77
CA SER B 7 -2.05 11.09 2.54
C SER B 7 -3.38 10.66 3.16
N ARG B 8 -4.32 10.25 2.33
CA ARG B 8 -5.62 9.79 2.81
C ARG B 8 -6.21 8.75 1.88
N TYR B 9 -7.23 8.05 2.38
CA TYR B 9 -7.71 6.82 1.75
C TYR B 9 -8.80 7.13 0.73
N PRO B 10 -8.92 6.29 -0.31
CA PRO B 10 -9.89 6.48 -1.38
C PRO B 10 -11.30 6.06 -0.94
N MET B 11 -11.44 5.86 0.36
CA MET B 11 -12.72 5.49 0.96
C MET B 11 -13.17 6.56 1.96
N ASP B 12 -12.27 7.50 2.24
CA ASP B 12 -12.50 8.49 3.29
C ASP B 12 -12.05 9.88 2.83
N GLY A 1 1.76 -10.80 2.29
CA GLY A 1 2.29 -11.83 3.24
C GLY A 1 3.13 -11.20 4.32
N PRO A 2 4.42 -11.57 4.40
CA PRO A 2 5.36 -10.92 5.30
C PRO A 2 5.94 -9.66 4.67
N LEU A 3 5.81 -8.53 5.34
CA LEU A 3 6.31 -7.27 4.80
C LEU A 3 7.51 -6.77 5.58
N PRO A 4 8.29 -5.86 4.98
CA PRO A 4 9.46 -5.24 5.64
C PRO A 4 9.07 -4.50 6.93
N ASP A 5 7.76 -4.35 7.13
CA ASP A 5 7.18 -3.81 8.38
C ASP A 5 7.12 -2.30 8.36
N GLY A 6 7.39 -1.72 7.20
CA GLY A 6 7.24 -0.29 7.05
C GLY A 6 5.87 0.07 6.50
N TRP A 7 5.14 -0.93 6.02
CA TRP A 7 3.87 -0.70 5.34
C TRP A 7 2.81 -1.76 5.62
N GLU A 8 1.56 -1.28 5.56
CA GLU A 8 0.37 -2.07 5.84
C GLU A 8 -0.49 -2.15 4.57
N GLN A 9 -1.18 -3.26 4.36
CA GLN A 9 -1.99 -3.44 3.15
C GLN A 9 -3.42 -2.92 3.39
N ALA A 10 -3.76 -1.77 2.82
CA ALA A 10 -5.09 -1.22 2.94
C ALA A 10 -5.90 -1.49 1.69
N MET A 11 -7.21 -1.62 1.85
CA MET A 11 -8.10 -1.95 0.74
C MET A 11 -8.94 -0.75 0.33
N THR A 12 -8.89 -0.38 -0.95
CA THR A 12 -9.79 0.63 -1.47
C THR A 12 -10.99 -0.05 -2.08
N GLN A 13 -12.18 0.49 -1.81
CA GLN A 13 -13.44 -0.14 -2.19
C GLN A 13 -13.59 -0.19 -3.72
N ASP A 14 -12.70 0.50 -4.42
CA ASP A 14 -12.73 0.51 -5.87
C ASP A 14 -12.25 -0.84 -6.43
N GLY A 15 -11.80 -1.71 -5.53
CA GLY A 15 -11.45 -3.07 -5.92
C GLY A 15 -9.97 -3.34 -6.04
N GLU A 16 -9.14 -2.60 -5.32
CA GLU A 16 -7.69 -2.80 -5.36
C GLU A 16 -7.08 -2.58 -3.98
N ILE A 17 -5.99 -3.28 -3.71
CA ILE A 17 -5.32 -3.16 -2.43
C ILE A 17 -3.99 -2.41 -2.59
N TYR A 18 -3.69 -1.53 -1.65
CA TYR A 18 -2.51 -0.67 -1.74
C TYR A 18 -1.78 -0.64 -0.39
N TYR A 19 -0.44 -0.64 -0.43
CA TYR A 19 0.36 -0.58 0.78
C TYR A 19 0.64 0.85 1.17
N ILE A 20 0.26 1.21 2.38
CA ILE A 20 0.58 2.51 2.93
C ILE A 20 1.83 2.42 3.80
N ASN A 21 2.92 2.98 3.32
CA ASN A 21 4.18 2.91 4.03
C ASN A 21 4.30 4.12 4.97
N HIS A 22 4.04 3.92 6.27
CA HIS A 22 4.00 5.04 7.22
C HIS A 22 5.41 5.51 7.58
N LYS A 23 6.41 4.72 7.25
CA LYS A 23 7.80 5.08 7.56
C LYS A 23 8.45 5.88 6.42
N ASN A 24 8.02 5.65 5.19
CA ASN A 24 8.66 6.29 4.04
C ASN A 24 7.68 7.17 3.27
N LYS A 25 6.42 7.20 3.72
CA LYS A 25 5.39 8.04 3.10
C LYS A 25 5.20 7.67 1.63
N THR A 26 5.13 6.37 1.35
CA THR A 26 5.05 5.89 -0.02
C THR A 26 3.92 4.86 -0.21
N THR A 27 3.35 4.80 -1.41
CA THR A 27 2.30 3.84 -1.71
C THR A 27 2.75 2.87 -2.80
N SER A 28 2.55 1.59 -2.57
CA SER A 28 2.84 0.57 -3.57
C SER A 28 1.78 -0.53 -3.47
N TRP A 29 1.26 -0.98 -4.61
CA TRP A 29 0.07 -1.83 -4.62
C TRP A 29 0.26 -3.15 -3.86
N LEU A 30 1.21 -3.95 -4.31
CA LEU A 30 1.30 -5.34 -3.87
C LEU A 30 2.63 -5.66 -3.20
N ASP A 31 2.61 -6.77 -2.46
CA ASP A 31 3.67 -7.14 -1.53
C ASP A 31 5.02 -7.28 -2.22
N PRO A 32 5.94 -6.39 -1.87
CA PRO A 32 7.27 -6.33 -2.49
C PRO A 32 8.25 -7.36 -1.93
N ARG A 33 7.94 -7.91 -0.77
CA ARG A 33 8.85 -8.84 -0.12
C ARG A 33 8.72 -10.24 -0.71
N LEU A 34 7.70 -10.43 -1.54
CA LEU A 34 7.54 -11.68 -2.28
C LEU A 34 8.43 -11.69 -3.53
N ASP A 35 8.99 -10.53 -3.89
CA ASP A 35 9.88 -10.46 -5.04
C ASP A 35 11.16 -11.29 -4.87
N PRO A 36 11.88 -11.13 -3.74
CA PRO A 36 13.03 -11.98 -3.43
C PRO A 36 12.62 -13.44 -3.18
N SER B 1 0.07 1.76 -13.10
CA SER B 1 -0.91 2.65 -12.45
C SER B 1 -0.36 3.19 -11.13
N PRO B 2 -0.23 4.52 -11.02
CA PRO B 2 0.21 5.17 -9.79
C PRO B 2 -0.78 4.95 -8.65
N PRO B 3 -0.32 4.44 -7.50
CA PRO B 3 -1.18 4.18 -6.36
C PRO B 3 -1.61 5.46 -5.66
N PRO B 4 -2.84 5.49 -5.13
CA PRO B 4 -3.39 6.64 -4.41
C PRO B 4 -2.43 7.16 -3.34
N PRO B 5 -2.32 8.49 -3.23
CA PRO B 5 -1.42 9.14 -2.27
C PRO B 5 -1.60 8.64 -0.85
N TYR B 6 -0.49 8.23 -0.26
CA TYR B 6 -0.45 7.71 1.11
C TYR B 6 -0.95 8.75 2.13
N SER B 7 -1.13 9.99 1.70
CA SER B 7 -1.51 11.07 2.59
C SER B 7 -2.85 10.76 3.27
N ARG B 8 -3.77 10.14 2.54
CA ARG B 8 -4.98 9.62 3.14
C ARG B 8 -5.50 8.40 2.41
N TYR B 9 -6.42 7.68 3.03
CA TYR B 9 -6.87 6.40 2.52
C TYR B 9 -8.16 6.59 1.72
N PRO B 10 -8.09 6.43 0.39
CA PRO B 10 -9.22 6.65 -0.49
C PRO B 10 -10.27 5.54 -0.40
N MET B 11 -11.42 5.89 0.13
CA MET B 11 -12.56 4.97 0.16
C MET B 11 -13.55 5.37 -0.93
N ASP B 12 -13.58 6.67 -1.19
CA ASP B 12 -14.44 7.26 -2.20
C ASP B 12 -14.15 8.75 -2.29
N GLY A 1 1.98 -10.58 2.52
CA GLY A 1 2.49 -11.60 3.47
C GLY A 1 3.34 -10.97 4.55
N PRO A 2 4.61 -11.39 4.68
CA PRO A 2 5.53 -10.78 5.61
C PRO A 2 6.23 -9.57 4.98
N LEU A 3 5.82 -8.37 5.36
CA LEU A 3 6.35 -7.17 4.77
C LEU A 3 7.54 -6.64 5.54
N PRO A 4 8.36 -5.77 4.90
CA PRO A 4 9.59 -5.20 5.51
C PRO A 4 9.31 -4.39 6.79
N ASP A 5 8.02 -4.17 7.06
CA ASP A 5 7.56 -3.52 8.32
C ASP A 5 7.57 -2.02 8.21
N GLY A 6 7.72 -1.53 7.00
CA GLY A 6 7.56 -0.11 6.76
C GLY A 6 6.15 0.21 6.31
N TRP A 7 5.42 -0.81 5.86
CA TRP A 7 4.12 -0.59 5.24
C TRP A 7 3.07 -1.65 5.55
N GLU A 8 1.82 -1.17 5.55
CA GLU A 8 0.64 -1.96 5.87
C GLU A 8 -0.28 -2.03 4.64
N GLN A 9 -0.95 -3.15 4.45
CA GLN A 9 -1.83 -3.33 3.29
C GLN A 9 -3.26 -2.87 3.61
N ALA A 10 -3.71 -1.80 2.98
CA ALA A 10 -5.08 -1.34 3.13
C ALA A 10 -5.90 -1.75 1.91
N MET A 11 -7.20 -1.98 2.12
CA MET A 11 -8.06 -2.50 1.07
C MET A 11 -9.18 -1.50 0.76
N THR A 12 -9.33 -1.16 -0.52
CA THR A 12 -10.45 -0.31 -0.92
C THR A 12 -11.47 -1.15 -1.69
N GLN A 13 -12.75 -0.89 -1.42
CA GLN A 13 -13.85 -1.64 -2.01
C GLN A 13 -13.93 -1.42 -3.53
N ASP A 14 -13.15 -0.45 -4.01
CA ASP A 14 -12.99 -0.21 -5.44
C ASP A 14 -12.31 -1.42 -6.10
N GLY A 15 -11.84 -2.35 -5.28
CA GLY A 15 -11.32 -3.61 -5.79
C GLY A 15 -9.80 -3.69 -5.76
N GLU A 16 -9.14 -2.75 -5.09
CA GLU A 16 -7.69 -2.69 -5.10
C GLU A 16 -7.13 -2.65 -3.69
N ILE A 17 -6.01 -3.34 -3.49
CA ILE A 17 -5.30 -3.28 -2.22
C ILE A 17 -3.97 -2.56 -2.42
N TYR A 18 -3.55 -1.77 -1.44
CA TYR A 18 -2.38 -0.92 -1.57
C TYR A 18 -1.61 -0.83 -0.24
N TYR A 19 -0.30 -0.72 -0.33
CA TYR A 19 0.55 -0.62 0.84
C TYR A 19 0.91 0.83 1.14
N ILE A 20 0.55 1.28 2.33
CA ILE A 20 0.92 2.62 2.79
C ILE A 20 2.14 2.53 3.71
N ASN A 21 3.25 3.12 3.28
CA ASN A 21 4.47 3.06 4.06
C ASN A 21 4.52 4.24 5.04
N HIS A 22 4.34 3.99 6.35
CA HIS A 22 4.26 5.06 7.34
C HIS A 22 5.65 5.57 7.70
N LYS A 23 6.66 4.74 7.46
CA LYS A 23 8.03 5.08 7.83
C LYS A 23 8.74 5.86 6.72
N ASN A 24 8.27 5.73 5.49
CA ASN A 24 8.87 6.45 4.37
C ASN A 24 7.89 7.40 3.70
N LYS A 25 6.61 7.31 4.06
CA LYS A 25 5.58 8.17 3.49
C LYS A 25 5.49 7.96 1.97
N THR A 26 5.39 6.69 1.58
CA THR A 26 5.38 6.32 0.16
C THR A 26 4.40 5.16 -0.07
N THR A 27 3.81 5.11 -1.26
CA THR A 27 2.82 4.09 -1.57
C THR A 27 3.27 3.12 -2.67
N SER A 28 2.90 1.86 -2.50
CA SER A 28 3.17 0.82 -3.49
C SER A 28 2.03 -0.19 -3.44
N TRP A 29 1.57 -0.67 -4.60
CA TRP A 29 0.38 -1.50 -4.67
C TRP A 29 0.50 -2.80 -3.87
N LEU A 30 1.33 -3.71 -4.34
CA LEU A 30 1.37 -5.08 -3.85
C LEU A 30 2.67 -5.43 -3.16
N ASP A 31 2.62 -6.51 -2.37
CA ASP A 31 3.69 -6.90 -1.47
C ASP A 31 4.97 -7.14 -2.26
N PRO A 32 5.98 -6.29 -2.00
CA PRO A 32 7.25 -6.29 -2.72
C PRO A 32 8.20 -7.36 -2.24
N ARG A 33 7.89 -7.91 -1.08
CA ARG A 33 8.73 -8.94 -0.48
C ARG A 33 8.43 -10.29 -1.12
N LEU A 34 7.26 -10.41 -1.73
CA LEU A 34 6.86 -11.65 -2.40
C LEU A 34 7.61 -11.86 -3.70
N ASP A 35 8.33 -10.84 -4.16
CA ASP A 35 9.05 -10.93 -5.45
C ASP A 35 10.11 -12.05 -5.47
N PRO A 36 11.00 -12.12 -4.46
CA PRO A 36 11.91 -13.26 -4.27
C PRO A 36 11.16 -14.55 -3.95
N SER B 1 -0.60 2.81 -13.15
CA SER B 1 -1.38 3.45 -12.07
C SER B 1 -0.50 3.64 -10.82
N PRO B 2 -0.33 4.89 -10.38
CA PRO B 2 0.36 5.19 -9.13
C PRO B 2 -0.58 4.98 -7.93
N PRO B 3 -0.10 4.36 -6.85
CA PRO B 3 -0.91 4.13 -5.66
C PRO B 3 -1.30 5.43 -4.98
N PRO B 4 -2.58 5.54 -4.59
CA PRO B 4 -3.16 6.76 -4.01
C PRO B 4 -2.30 7.36 -2.90
N PRO B 5 -2.31 8.70 -2.79
CA PRO B 5 -1.50 9.44 -1.81
C PRO B 5 -1.62 8.87 -0.40
N TYR B 6 -0.47 8.64 0.22
CA TYR B 6 -0.38 8.06 1.55
C TYR B 6 -1.04 8.94 2.62
N SER B 7 -1.41 10.15 2.24
CA SER B 7 -2.07 11.07 3.16
C SER B 7 -3.44 10.55 3.60
N ARG B 8 -4.23 10.03 2.66
CA ARG B 8 -5.51 9.45 3.02
C ARG B 8 -5.90 8.33 2.04
N TYR B 9 -6.89 7.54 2.43
CA TYR B 9 -7.25 6.32 1.72
C TYR B 9 -8.30 6.64 0.66
N PRO B 10 -8.14 6.10 -0.56
CA PRO B 10 -9.05 6.36 -1.67
C PRO B 10 -10.43 5.74 -1.49
N MET B 11 -11.42 6.60 -1.40
CA MET B 11 -12.80 6.16 -1.34
C MET B 11 -13.68 7.15 -2.08
N ASP B 12 -13.82 6.95 -3.38
CA ASP B 12 -14.52 7.88 -4.25
C ASP B 12 -15.35 7.11 -5.26
N GLY A 1 1.86 -10.83 2.21
CA GLY A 1 2.28 -11.80 3.26
C GLY A 1 2.85 -11.09 4.46
N PRO A 2 3.97 -11.56 5.02
CA PRO A 2 4.72 -10.83 6.04
C PRO A 2 5.52 -9.70 5.40
N LEU A 3 5.19 -8.47 5.75
CA LEU A 3 5.85 -7.31 5.18
C LEU A 3 6.99 -6.83 6.06
N PRO A 4 7.92 -6.03 5.48
CA PRO A 4 9.08 -5.49 6.19
C PRO A 4 8.68 -4.63 7.41
N ASP A 5 7.38 -4.34 7.51
CA ASP A 5 6.78 -3.56 8.60
C ASP A 5 6.93 -2.08 8.36
N GLY A 6 7.38 -1.74 7.16
CA GLY A 6 7.35 -0.36 6.75
C GLY A 6 5.99 -0.01 6.19
N TRP A 7 5.38 -0.97 5.53
CA TRP A 7 4.09 -0.79 4.89
C TRP A 7 3.08 -1.86 5.21
N GLU A 8 1.83 -1.44 5.20
CA GLU A 8 0.70 -2.26 5.53
C GLU A 8 -0.29 -2.24 4.36
N GLN A 9 -0.93 -3.38 4.11
CA GLN A 9 -1.83 -3.50 2.95
C GLN A 9 -3.26 -3.09 3.33
N ALA A 10 -3.76 -2.00 2.75
CA ALA A 10 -5.12 -1.57 2.97
C ALA A 10 -5.94 -1.75 1.70
N MET A 11 -7.24 -1.99 1.85
CA MET A 11 -8.10 -2.25 0.71
C MET A 11 -8.97 -1.04 0.39
N THR A 12 -8.92 -0.59 -0.86
CA THR A 12 -9.83 0.47 -1.30
C THR A 12 -11.11 -0.16 -1.84
N GLN A 13 -12.21 0.56 -1.71
CA GLN A 13 -13.55 0.01 -1.90
C GLN A 13 -13.78 -0.58 -3.30
N ASP A 14 -13.08 -0.06 -4.31
CA ASP A 14 -13.20 -0.58 -5.67
C ASP A 14 -12.73 -2.03 -5.72
N GLY A 15 -11.90 -2.41 -4.76
CA GLY A 15 -11.35 -3.75 -4.73
C GLY A 15 -9.89 -3.80 -5.16
N GLU A 16 -9.09 -2.89 -4.63
CA GLU A 16 -7.65 -2.91 -4.89
C GLU A 16 -6.89 -2.64 -3.61
N ILE A 17 -5.88 -3.44 -3.35
CA ILE A 17 -5.08 -3.28 -2.15
C ILE A 17 -3.86 -2.40 -2.41
N TYR A 18 -3.54 -1.52 -1.47
CA TYR A 18 -2.41 -0.63 -1.61
C TYR A 18 -1.60 -0.60 -0.31
N TYR A 19 -0.27 -0.58 -0.43
CA TYR A 19 0.61 -0.54 0.73
C TYR A 19 0.98 0.89 1.09
N ILE A 20 0.56 1.31 2.26
CA ILE A 20 0.95 2.59 2.80
C ILE A 20 2.21 2.43 3.64
N ASN A 21 3.31 3.03 3.21
CA ASN A 21 4.58 2.88 3.90
C ASN A 21 4.70 3.98 4.97
N HIS A 22 4.60 3.62 6.26
CA HIS A 22 4.58 4.60 7.33
C HIS A 22 6.00 5.06 7.68
N LYS A 23 6.99 4.28 7.26
CA LYS A 23 8.39 4.61 7.51
C LYS A 23 8.93 5.56 6.44
N ASN A 24 8.44 5.43 5.21
CA ASN A 24 8.99 6.18 4.09
C ASN A 24 7.99 7.18 3.52
N LYS A 25 6.73 7.09 3.95
CA LYS A 25 5.66 7.94 3.41
C LYS A 25 5.51 7.69 1.90
N THR A 26 5.45 6.42 1.54
CA THR A 26 5.44 6.02 0.14
C THR A 26 4.34 4.99 -0.11
N THR A 27 3.73 5.01 -1.30
CA THR A 27 2.68 4.05 -1.62
C THR A 27 3.12 3.09 -2.73
N SER A 28 2.77 1.81 -2.58
CA SER A 28 3.05 0.81 -3.59
C SER A 28 1.97 -0.26 -3.55
N TRP A 29 1.47 -0.69 -4.70
CA TRP A 29 0.29 -1.57 -4.77
C TRP A 29 0.49 -2.90 -4.04
N LEU A 30 1.50 -3.66 -4.47
CA LEU A 30 1.61 -5.06 -4.09
C LEU A 30 2.88 -5.38 -3.32
N ASP A 31 2.82 -6.52 -2.63
CA ASP A 31 3.79 -6.92 -1.62
C ASP A 31 5.20 -7.00 -2.19
N PRO A 32 6.10 -6.14 -1.68
CA PRO A 32 7.48 -6.04 -2.13
C PRO A 32 8.39 -7.13 -1.56
N ARG A 33 7.95 -7.75 -0.48
CA ARG A 33 8.74 -8.77 0.19
C ARG A 33 8.59 -10.09 -0.59
N LEU A 34 7.39 -10.32 -1.11
CA LEU A 34 7.14 -11.46 -1.99
C LEU A 34 7.62 -11.17 -3.42
N ASP A 35 7.97 -9.92 -3.66
CA ASP A 35 8.37 -9.47 -5.00
C ASP A 35 9.63 -10.16 -5.56
N PRO A 36 10.73 -10.23 -4.78
CA PRO A 36 11.98 -10.89 -5.23
C PRO A 36 11.78 -12.37 -5.51
N SER B 1 -1.24 2.22 -13.19
CA SER B 1 -1.86 3.18 -12.25
C SER B 1 -0.96 3.45 -11.06
N PRO B 2 -0.64 4.72 -10.79
CA PRO B 2 0.07 5.12 -9.59
C PRO B 2 -0.83 4.99 -8.36
N PRO B 3 -0.32 4.42 -7.26
CA PRO B 3 -1.11 4.17 -6.06
C PRO B 3 -1.55 5.48 -5.38
N PRO B 4 -2.80 5.51 -4.88
CA PRO B 4 -3.36 6.66 -4.19
C PRO B 4 -2.44 7.18 -3.08
N PRO B 5 -2.33 8.51 -2.95
CA PRO B 5 -1.45 9.16 -1.98
C PRO B 5 -1.59 8.59 -0.56
N TYR B 6 -0.45 8.22 0.02
CA TYR B 6 -0.41 7.64 1.37
C TYR B 6 -0.94 8.62 2.43
N SER B 7 -1.07 9.89 2.06
CA SER B 7 -1.50 10.91 3.00
C SER B 7 -2.89 10.62 3.56
N ARG B 8 -3.81 10.15 2.70
CA ARG B 8 -5.14 9.79 3.15
C ARG B 8 -5.72 8.67 2.30
N TYR B 9 -6.79 8.05 2.78
CA TYR B 9 -7.32 6.83 2.17
C TYR B 9 -8.35 7.17 1.11
N PRO B 10 -8.22 6.58 -0.08
CA PRO B 10 -9.18 6.75 -1.16
C PRO B 10 -10.51 6.08 -0.84
N MET B 11 -11.61 6.78 -1.13
CA MET B 11 -12.93 6.22 -0.91
C MET B 11 -13.40 5.49 -2.17
N ASP B 12 -12.59 5.60 -3.22
CA ASP B 12 -12.87 4.96 -4.48
C ASP B 12 -12.00 3.73 -4.65
N GLY A 1 1.88 -10.91 2.67
CA GLY A 1 2.57 -11.82 3.61
C GLY A 1 3.36 -11.05 4.64
N PRO A 2 4.64 -11.39 4.83
CA PRO A 2 5.53 -10.65 5.73
C PRO A 2 6.10 -9.42 5.04
N LEU A 3 5.55 -8.26 5.37
CA LEU A 3 6.03 -7.01 4.79
C LEU A 3 7.24 -6.50 5.54
N PRO A 4 8.03 -5.61 4.92
CA PRO A 4 9.26 -5.04 5.50
C PRO A 4 9.05 -4.30 6.83
N ASP A 5 7.79 -4.09 7.19
CA ASP A 5 7.38 -3.38 8.43
C ASP A 5 7.28 -1.89 8.20
N GLY A 6 7.36 -1.50 6.94
CA GLY A 6 7.15 -0.11 6.60
C GLY A 6 5.72 0.17 6.21
N TRP A 7 5.06 -0.83 5.63
CA TRP A 7 3.73 -0.63 5.07
C TRP A 7 2.74 -1.73 5.36
N GLU A 8 1.48 -1.32 5.43
CA GLU A 8 0.35 -2.18 5.71
C GLU A 8 -0.61 -2.13 4.52
N GLN A 9 -1.26 -3.26 4.23
CA GLN A 9 -2.06 -3.38 3.01
C GLN A 9 -3.50 -2.95 3.27
N ALA A 10 -3.85 -1.73 2.84
CA ALA A 10 -5.21 -1.23 2.99
C ALA A 10 -6.00 -1.46 1.73
N MET A 11 -7.31 -1.64 1.86
CA MET A 11 -8.14 -2.00 0.74
C MET A 11 -9.03 -0.84 0.31
N THR A 12 -8.97 -0.46 -0.96
CA THR A 12 -9.89 0.53 -1.49
C THR A 12 -11.06 -0.18 -2.17
N GLN A 13 -12.25 0.40 -2.02
CA GLN A 13 -13.48 -0.20 -2.51
C GLN A 13 -13.50 -0.28 -4.04
N ASP A 14 -12.53 0.37 -4.67
CA ASP A 14 -12.35 0.28 -6.12
C ASP A 14 -11.90 -1.15 -6.51
N GLY A 15 -11.58 -1.96 -5.52
CA GLY A 15 -11.24 -3.35 -5.77
C GLY A 15 -9.75 -3.60 -5.86
N GLU A 16 -8.96 -2.76 -5.18
CA GLU A 16 -7.51 -2.91 -5.21
C GLU A 16 -6.93 -2.65 -3.82
N ILE A 17 -5.82 -3.30 -3.53
CA ILE A 17 -5.18 -3.16 -2.24
C ILE A 17 -3.87 -2.38 -2.39
N TYR A 18 -3.60 -1.48 -1.47
CA TYR A 18 -2.42 -0.63 -1.56
C TYR A 18 -1.65 -0.59 -0.24
N TYR A 19 -0.33 -0.67 -0.30
CA TYR A 19 0.50 -0.61 0.88
C TYR A 19 0.88 0.81 1.22
N ILE A 20 0.37 1.29 2.36
CA ILE A 20 0.73 2.60 2.86
C ILE A 20 1.94 2.49 3.76
N ASN A 21 3.04 3.06 3.32
CA ASN A 21 4.29 2.95 4.06
C ASN A 21 4.37 4.10 5.05
N HIS A 22 4.09 3.85 6.35
CA HIS A 22 4.00 4.91 7.33
C HIS A 22 5.38 5.38 7.76
N LYS A 23 6.40 4.58 7.46
CA LYS A 23 7.76 4.93 7.81
C LYS A 23 8.48 5.68 6.68
N ASN A 24 8.15 5.37 5.43
CA ASN A 24 8.83 6.00 4.29
C ASN A 24 7.89 6.96 3.56
N LYS A 25 6.61 6.98 3.95
CA LYS A 25 5.62 7.86 3.33
C LYS A 25 5.44 7.50 1.84
N THR A 26 5.48 6.20 1.56
CA THR A 26 5.45 5.74 0.16
C THR A 26 4.30 4.77 -0.10
N THR A 27 3.79 4.75 -1.33
CA THR A 27 2.68 3.88 -1.69
C THR A 27 3.07 2.89 -2.79
N SER A 28 2.72 1.62 -2.60
CA SER A 28 2.90 0.59 -3.61
C SER A 28 1.83 -0.47 -3.43
N TRP A 29 1.22 -0.91 -4.53
CA TRP A 29 0.03 -1.78 -4.46
C TRP A 29 0.28 -3.10 -3.71
N LEU A 30 1.11 -3.96 -4.29
CA LEU A 30 1.23 -5.34 -3.86
C LEU A 30 2.51 -5.62 -3.09
N ASP A 31 2.49 -6.73 -2.34
CA ASP A 31 3.54 -7.11 -1.42
C ASP A 31 4.87 -7.27 -2.15
N PRO A 32 5.79 -6.34 -1.87
CA PRO A 32 7.09 -6.25 -2.55
C PRO A 32 8.12 -7.24 -2.02
N ARG A 33 7.83 -7.86 -0.89
CA ARG A 33 8.75 -8.81 -0.29
C ARG A 33 8.65 -10.17 -0.98
N LEU A 34 7.64 -10.30 -1.84
CA LEU A 34 7.47 -11.51 -2.65
C LEU A 34 8.51 -11.59 -3.76
N ASP A 35 9.28 -10.52 -3.95
CA ASP A 35 10.20 -10.40 -5.09
C ASP A 35 11.28 -11.50 -5.19
N PRO A 36 11.82 -12.03 -4.06
CA PRO A 36 12.79 -13.14 -4.12
C PRO A 36 12.16 -14.46 -4.56
N SER B 1 0.01 1.81 -13.10
CA SER B 1 -1.00 2.74 -12.57
C SER B 1 -0.59 3.24 -11.18
N PRO B 2 -0.44 4.56 -11.04
CA PRO B 2 -0.04 5.18 -9.77
C PRO B 2 -1.07 4.95 -8.67
N PRO B 3 -0.62 4.51 -7.49
CA PRO B 3 -1.49 4.29 -6.33
C PRO B 3 -1.87 5.61 -5.67
N PRO B 4 -3.09 5.67 -5.12
CA PRO B 4 -3.57 6.84 -4.37
C PRO B 4 -2.57 7.29 -3.29
N PRO B 5 -2.46 8.61 -3.08
CA PRO B 5 -1.50 9.20 -2.13
C PRO B 5 -1.62 8.60 -0.73
N TYR B 6 -0.47 8.34 -0.13
CA TYR B 6 -0.39 7.78 1.22
C TYR B 6 -0.87 8.78 2.27
N SER B 7 -1.09 10.02 1.86
CA SER B 7 -1.45 11.08 2.80
C SER B 7 -2.77 10.78 3.50
N ARG B 8 -3.73 10.21 2.79
CA ARG B 8 -4.96 9.77 3.42
C ARG B 8 -5.56 8.59 2.66
N TYR B 9 -6.50 7.90 3.30
CA TYR B 9 -7.01 6.64 2.77
C TYR B 9 -8.26 6.90 1.95
N PRO B 10 -8.16 6.74 0.62
CA PRO B 10 -9.25 7.04 -0.30
C PRO B 10 -10.45 6.10 -0.16
N MET B 11 -11.61 6.69 0.08
CA MET B 11 -12.85 5.94 0.11
C MET B 11 -13.73 6.43 -1.03
N ASP B 12 -14.10 5.51 -1.92
CA ASP B 12 -14.84 5.86 -3.13
C ASP B 12 -13.99 6.76 -4.03
N GLY A 1 2.25 -11.13 2.43
CA GLY A 1 3.04 -11.94 3.38
C GLY A 1 3.60 -11.09 4.49
N PRO A 2 4.84 -11.34 4.92
CA PRO A 2 5.49 -10.54 5.93
C PRO A 2 6.19 -9.33 5.32
N LEU A 3 5.66 -8.14 5.55
CA LEU A 3 6.19 -6.94 4.95
C LEU A 3 7.32 -6.34 5.78
N PRO A 4 8.16 -5.47 5.16
CA PRO A 4 9.35 -4.86 5.80
C PRO A 4 9.05 -4.03 7.04
N ASP A 5 7.75 -3.79 7.30
CA ASP A 5 7.25 -2.99 8.44
C ASP A 5 7.20 -1.52 8.09
N GLY A 6 7.39 -1.24 6.82
CA GLY A 6 7.18 0.11 6.34
C GLY A 6 5.74 0.30 5.91
N TRP A 7 5.20 -0.72 5.26
CA TRP A 7 3.89 -0.63 4.64
C TRP A 7 2.93 -1.74 5.02
N GLU A 8 1.65 -1.37 5.01
CA GLU A 8 0.55 -2.22 5.42
C GLU A 8 -0.45 -2.28 4.25
N GLN A 9 -1.10 -3.42 4.06
CA GLN A 9 -1.95 -3.63 2.88
C GLN A 9 -3.41 -3.20 3.16
N ALA A 10 -3.85 -2.12 2.50
CA ALA A 10 -5.21 -1.62 2.66
C ALA A 10 -6.00 -1.77 1.36
N MET A 11 -7.31 -1.95 1.46
CA MET A 11 -8.14 -2.14 0.28
C MET A 11 -8.80 -0.83 -0.14
N THR A 12 -8.69 -0.49 -1.42
CA THR A 12 -9.39 0.69 -1.94
C THR A 12 -10.53 0.26 -2.87
N GLN A 13 -11.58 1.09 -2.89
CA GLN A 13 -12.82 0.78 -3.59
C GLN A 13 -12.61 0.73 -5.12
N ASP A 14 -11.43 1.16 -5.57
CA ASP A 14 -11.11 1.13 -6.99
C ASP A 14 -10.86 -0.31 -7.45
N GLY A 15 -10.96 -1.25 -6.51
CA GLY A 15 -10.84 -2.66 -6.85
C GLY A 15 -9.42 -3.15 -6.76
N GLU A 16 -8.63 -2.53 -5.90
CA GLU A 16 -7.21 -2.85 -5.77
C GLU A 16 -6.74 -2.66 -4.34
N ILE A 17 -5.74 -3.43 -3.96
CA ILE A 17 -5.12 -3.26 -2.65
C ILE A 17 -3.84 -2.45 -2.79
N TYR A 18 -3.55 -1.62 -1.79
CA TYR A 18 -2.40 -0.75 -1.83
C TYR A 18 -1.68 -0.74 -0.48
N TYR A 19 -0.35 -0.65 -0.51
CA TYR A 19 0.45 -0.61 0.70
C TYR A 19 0.78 0.82 1.09
N ILE A 20 0.42 1.19 2.31
CA ILE A 20 0.74 2.49 2.84
C ILE A 20 2.06 2.43 3.62
N ASN A 21 3.10 3.06 3.09
CA ASN A 21 4.41 3.02 3.73
C ASN A 21 4.54 4.19 4.72
N HIS A 22 4.57 3.91 6.04
CA HIS A 22 4.56 4.95 7.05
C HIS A 22 5.96 5.47 7.31
N LYS A 23 6.96 4.70 6.87
CA LYS A 23 8.35 5.07 7.10
C LYS A 23 8.88 5.97 5.99
N ASN A 24 8.51 5.67 4.75
CA ASN A 24 8.99 6.43 3.61
C ASN A 24 7.90 7.35 3.05
N LYS A 25 6.68 7.21 3.58
CA LYS A 25 5.54 8.02 3.14
C LYS A 25 5.24 7.78 1.65
N THR A 26 5.23 6.51 1.26
CA THR A 26 5.07 6.15 -0.15
C THR A 26 4.02 5.04 -0.31
N THR A 27 3.32 5.03 -1.45
CA THR A 27 2.35 3.98 -1.72
C THR A 27 2.86 3.03 -2.80
N SER A 28 2.73 1.73 -2.54
CA SER A 28 3.12 0.72 -3.51
C SER A 28 2.04 -0.34 -3.55
N TRP A 29 1.67 -0.80 -4.74
CA TRP A 29 0.50 -1.67 -4.89
C TRP A 29 0.62 -2.98 -4.11
N LEU A 30 1.59 -3.81 -4.49
CA LEU A 30 1.64 -5.17 -3.99
C LEU A 30 2.92 -5.50 -3.23
N ASP A 31 2.83 -6.57 -2.44
CA ASP A 31 3.88 -6.99 -1.50
C ASP A 31 5.18 -7.28 -2.23
N PRO A 32 6.22 -6.49 -1.92
CA PRO A 32 7.54 -6.63 -2.53
C PRO A 32 8.37 -7.75 -1.92
N ARG A 33 8.02 -8.13 -0.70
CA ARG A 33 8.78 -9.12 0.05
C ARG A 33 8.41 -10.55 -0.40
N LEU A 34 7.36 -10.67 -1.20
CA LEU A 34 6.94 -11.98 -1.69
C LEU A 34 7.88 -12.53 -2.76
N ASP A 35 8.58 -11.64 -3.45
CA ASP A 35 9.47 -12.07 -4.54
C ASP A 35 10.66 -12.93 -4.08
N PRO A 36 11.42 -12.49 -3.06
CA PRO A 36 12.50 -13.30 -2.47
C PRO A 36 11.96 -14.59 -1.85
N SER B 1 -0.79 2.76 -13.47
CA SER B 1 -1.79 3.33 -12.54
C SER B 1 -1.12 3.73 -11.23
N PRO B 2 -1.20 5.00 -10.86
CA PRO B 2 -0.63 5.51 -9.60
C PRO B 2 -1.44 5.06 -8.40
N PRO B 3 -0.76 4.59 -7.34
CA PRO B 3 -1.41 4.17 -6.11
C PRO B 3 -1.94 5.36 -5.31
N PRO B 4 -3.12 5.23 -4.70
CA PRO B 4 -3.77 6.29 -3.92
C PRO B 4 -2.83 6.93 -2.90
N PRO B 5 -2.98 8.25 -2.68
CA PRO B 5 -2.14 9.02 -1.76
C PRO B 5 -2.09 8.43 -0.36
N TYR B 6 -0.88 8.26 0.15
CA TYR B 6 -0.65 7.72 1.48
C TYR B 6 -1.14 8.69 2.57
N SER B 7 -1.49 9.91 2.18
CA SER B 7 -1.91 10.92 3.13
C SER B 7 -3.14 10.48 3.92
N ARG B 8 -4.17 10.00 3.22
CA ARG B 8 -5.29 9.35 3.87
C ARG B 8 -5.90 8.30 2.94
N TYR B 9 -6.72 7.43 3.51
CA TYR B 9 -7.17 6.23 2.82
C TYR B 9 -8.45 6.52 2.04
N PRO B 10 -8.42 6.32 0.72
CA PRO B 10 -9.56 6.56 -0.16
C PRO B 10 -10.73 5.63 0.16
N MET B 11 -11.80 6.22 0.69
CA MET B 11 -12.98 5.47 1.07
C MET B 11 -14.22 6.28 0.75
N ASP B 12 -15.06 5.76 -0.13
CA ASP B 12 -16.24 6.50 -0.58
C ASP B 12 -17.51 5.74 -0.25
N GLY A 1 1.49 -11.04 2.34
CA GLY A 1 2.06 -11.93 3.38
C GLY A 1 2.76 -11.16 4.47
N PRO A 2 3.99 -11.55 4.85
CA PRO A 2 4.80 -10.82 5.83
C PRO A 2 5.57 -9.68 5.17
N LEU A 3 5.31 -8.46 5.61
CA LEU A 3 5.90 -7.28 4.99
C LEU A 3 7.08 -6.75 5.79
N PRO A 4 7.95 -5.94 5.16
CA PRO A 4 9.14 -5.36 5.81
C PRO A 4 8.79 -4.50 7.02
N ASP A 5 7.48 -4.24 7.20
CA ASP A 5 6.92 -3.61 8.41
C ASP A 5 6.96 -2.09 8.31
N GLY A 6 7.27 -1.61 7.13
CA GLY A 6 7.15 -0.20 6.87
C GLY A 6 5.77 0.15 6.34
N TRP A 7 5.09 -0.86 5.82
CA TRP A 7 3.82 -0.64 5.13
C TRP A 7 2.75 -1.67 5.44
N GLU A 8 1.51 -1.21 5.37
CA GLU A 8 0.33 -2.00 5.66
C GLU A 8 -0.54 -2.08 4.40
N GLN A 9 -1.13 -3.25 4.15
CA GLN A 9 -1.92 -3.45 2.95
C GLN A 9 -3.39 -3.10 3.22
N ALA A 10 -3.84 -1.95 2.69
CA ALA A 10 -5.20 -1.48 2.91
C ALA A 10 -6.04 -1.67 1.65
N MET A 11 -7.33 -1.88 1.83
CA MET A 11 -8.24 -2.14 0.72
C MET A 11 -9.07 -0.91 0.39
N THR A 12 -9.08 -0.50 -0.87
CA THR A 12 -9.97 0.57 -1.31
C THR A 12 -11.18 -0.04 -2.02
N GLN A 13 -12.32 0.64 -1.90
CA GLN A 13 -13.60 0.12 -2.38
C GLN A 13 -13.61 -0.06 -3.90
N ASP A 14 -12.58 0.45 -4.56
CA ASP A 14 -12.44 0.30 -6.00
C ASP A 14 -12.10 -1.16 -6.36
N GLY A 15 -11.87 -1.97 -5.33
CA GLY A 15 -11.55 -3.37 -5.53
C GLY A 15 -10.06 -3.63 -5.56
N GLU A 16 -9.29 -2.67 -5.07
CA GLU A 16 -7.83 -2.77 -5.15
C GLU A 16 -7.22 -2.59 -3.76
N ILE A 17 -6.10 -3.26 -3.52
CA ILE A 17 -5.39 -3.08 -2.27
C ILE A 17 -4.10 -2.31 -2.52
N TYR A 18 -3.68 -1.52 -1.55
CA TYR A 18 -2.50 -0.69 -1.70
C TYR A 18 -1.70 -0.66 -0.39
N TYR A 19 -0.38 -0.65 -0.50
CA TYR A 19 0.49 -0.58 0.66
C TYR A 19 0.87 0.85 0.96
N ILE A 20 0.45 1.33 2.13
CA ILE A 20 0.86 2.63 2.61
C ILE A 20 2.08 2.47 3.51
N ASN A 21 3.21 3.01 3.07
CA ASN A 21 4.45 2.86 3.82
C ASN A 21 4.57 4.02 4.82
N HIS A 22 4.31 3.77 6.11
CA HIS A 22 4.28 4.82 7.11
C HIS A 22 5.69 5.22 7.53
N LYS A 23 6.67 4.41 7.16
CA LYS A 23 8.06 4.71 7.49
C LYS A 23 8.75 5.48 6.37
N ASN A 24 8.54 5.08 5.13
CA ASN A 24 9.19 5.71 3.99
C ASN A 24 8.26 6.72 3.31
N LYS A 25 7.01 6.76 3.79
CA LYS A 25 6.02 7.74 3.30
C LYS A 25 5.75 7.56 1.80
N THR A 26 5.59 6.31 1.38
CA THR A 26 5.45 6.01 -0.04
C THR A 26 4.35 4.97 -0.27
N THR A 27 3.68 5.03 -1.43
CA THR A 27 2.62 4.09 -1.74
C THR A 27 3.06 3.11 -2.84
N SER A 28 2.81 1.83 -2.63
CA SER A 28 3.09 0.80 -3.63
C SER A 28 1.96 -0.22 -3.62
N TRP A 29 1.52 -0.65 -4.79
CA TRP A 29 0.33 -1.50 -4.92
C TRP A 29 0.45 -2.83 -4.17
N LEU A 30 1.34 -3.69 -4.64
CA LEU A 30 1.34 -5.09 -4.21
C LEU A 30 2.61 -5.52 -3.50
N ASP A 31 2.46 -6.63 -2.79
CA ASP A 31 3.42 -7.10 -1.79
C ASP A 31 4.80 -7.35 -2.39
N PRO A 32 5.80 -6.61 -1.90
CA PRO A 32 7.17 -6.68 -2.38
C PRO A 32 7.99 -7.85 -1.83
N ARG A 33 7.47 -8.57 -0.83
CA ARG A 33 8.27 -9.59 -0.13
C ARG A 33 8.62 -10.77 -1.05
N LEU A 34 8.02 -10.81 -2.23
CA LEU A 34 8.26 -11.90 -3.17
C LEU A 34 9.57 -11.74 -3.93
N ASP A 35 10.22 -10.57 -3.81
CA ASP A 35 11.43 -10.31 -4.61
C ASP A 35 12.65 -11.18 -4.23
N PRO A 36 12.87 -11.53 -2.94
CA PRO A 36 13.93 -12.46 -2.56
C PRO A 36 13.66 -13.88 -3.05
N SER B 1 -1.72 2.29 -13.11
CA SER B 1 -2.14 3.56 -12.47
C SER B 1 -1.33 3.78 -11.21
N PRO B 2 -0.92 5.04 -10.94
CA PRO B 2 -0.21 5.39 -9.70
C PRO B 2 -1.06 5.13 -8.48
N PRO B 3 -0.49 4.59 -7.41
CA PRO B 3 -1.24 4.26 -6.19
C PRO B 3 -1.70 5.52 -5.48
N PRO B 4 -2.89 5.47 -4.85
CA PRO B 4 -3.49 6.60 -4.15
C PRO B 4 -2.51 7.30 -3.20
N PRO B 5 -2.61 8.63 -3.11
CA PRO B 5 -1.75 9.44 -2.26
C PRO B 5 -1.70 8.94 -0.82
N TYR B 6 -0.49 8.80 -0.30
CA TYR B 6 -0.27 8.30 1.06
C TYR B 6 -0.83 9.27 2.11
N SER B 7 -1.22 10.46 1.67
CA SER B 7 -1.75 11.48 2.56
C SER B 7 -3.01 10.98 3.28
N ARG B 8 -3.93 10.38 2.53
CA ARG B 8 -5.13 9.80 3.14
C ARG B 8 -5.63 8.61 2.34
N TYR B 9 -6.52 7.83 2.96
CA TYR B 9 -6.99 6.58 2.39
C TYR B 9 -8.24 6.80 1.56
N PRO B 10 -8.21 6.43 0.27
CA PRO B 10 -9.36 6.55 -0.62
C PRO B 10 -10.50 5.61 -0.24
N MET B 11 -11.62 6.19 0.16
CA MET B 11 -12.79 5.41 0.53
C MET B 11 -13.68 5.20 -0.67
N ASP B 12 -14.20 6.30 -1.20
CA ASP B 12 -15.08 6.27 -2.36
C ASP B 12 -15.03 7.61 -3.08
N GLY A 1 2.32 -11.86 1.98
CA GLY A 1 3.10 -12.43 3.10
C GLY A 1 3.31 -11.41 4.21
N PRO A 2 4.30 -11.64 5.09
CA PRO A 2 4.68 -10.68 6.12
C PRO A 2 5.54 -9.56 5.52
N LEU A 3 5.03 -8.35 5.55
CA LEU A 3 5.72 -7.22 4.94
C LEU A 3 6.86 -6.71 5.81
N PRO A 4 7.82 -5.95 5.22
CA PRO A 4 9.04 -5.46 5.91
C PRO A 4 8.76 -4.58 7.13
N ASP A 5 7.48 -4.21 7.31
CA ASP A 5 7.01 -3.38 8.45
C ASP A 5 7.14 -1.91 8.14
N GLY A 6 7.44 -1.60 6.88
CA GLY A 6 7.44 -0.22 6.45
C GLY A 6 6.09 0.18 5.90
N TRP A 7 5.33 -0.82 5.46
CA TRP A 7 4.06 -0.59 4.79
C TRP A 7 2.99 -1.59 5.14
N GLU A 8 1.76 -1.10 5.08
CA GLU A 8 0.59 -1.82 5.53
C GLU A 8 -0.43 -1.81 4.39
N GLN A 9 -1.09 -2.93 4.14
CA GLN A 9 -1.95 -3.06 2.96
C GLN A 9 -3.41 -2.71 3.30
N ALA A 10 -3.99 -1.73 2.59
CA ALA A 10 -5.38 -1.37 2.75
C ALA A 10 -6.11 -1.57 1.43
N MET A 11 -7.40 -1.90 1.49
CA MET A 11 -8.18 -2.16 0.29
C MET A 11 -8.95 -0.91 -0.14
N THR A 12 -8.82 -0.55 -1.41
CA THR A 12 -9.60 0.56 -1.95
C THR A 12 -10.80 0.05 -2.73
N GLN A 13 -11.87 0.85 -2.74
CA GLN A 13 -13.19 0.42 -3.20
C GLN A 13 -13.23 0.06 -4.67
N ASP A 14 -12.18 0.41 -5.41
CA ASP A 14 -12.14 0.09 -6.84
C ASP A 14 -11.69 -1.35 -7.06
N GLY A 15 -11.39 -2.04 -5.97
CA GLY A 15 -11.04 -3.45 -6.04
C GLY A 15 -9.55 -3.69 -6.12
N GLU A 16 -8.76 -2.83 -5.49
CA GLU A 16 -7.32 -2.97 -5.49
C GLU A 16 -6.76 -2.68 -4.11
N ILE A 17 -5.66 -3.33 -3.76
CA ILE A 17 -5.05 -3.13 -2.46
C ILE A 17 -3.76 -2.34 -2.58
N TYR A 18 -3.50 -1.45 -1.62
CA TYR A 18 -2.33 -0.57 -1.69
C TYR A 18 -1.58 -0.54 -0.35
N TYR A 19 -0.26 -0.37 -0.42
CA TYR A 19 0.59 -0.33 0.75
C TYR A 19 0.99 1.09 1.10
N ILE A 20 0.58 1.54 2.28
CA ILE A 20 0.99 2.82 2.79
C ILE A 20 2.28 2.68 3.59
N ASN A 21 3.37 3.21 3.06
CA ASN A 21 4.65 3.10 3.74
C ASN A 21 4.85 4.31 4.68
N HIS A 22 4.59 4.13 5.99
CA HIS A 22 4.70 5.22 6.97
C HIS A 22 6.15 5.63 7.19
N LYS A 23 7.07 4.77 6.82
CA LYS A 23 8.49 5.02 7.06
C LYS A 23 9.07 5.93 6.00
N ASN A 24 8.46 5.95 4.81
CA ASN A 24 8.99 6.73 3.70
C ASN A 24 7.95 7.71 3.12
N LYS A 25 6.71 7.64 3.59
CA LYS A 25 5.63 8.49 3.07
C LYS A 25 5.33 8.12 1.61
N THR A 26 5.62 6.87 1.26
CA THR A 26 5.51 6.41 -0.13
C THR A 26 4.40 5.37 -0.29
N THR A 27 3.73 5.34 -1.44
CA THR A 27 2.71 4.33 -1.71
C THR A 27 3.19 3.34 -2.78
N SER A 28 3.04 2.05 -2.50
CA SER A 28 3.35 1.00 -3.46
C SER A 28 2.18 0.04 -3.54
N TRP A 29 1.97 -0.58 -4.69
CA TRP A 29 0.79 -1.41 -4.90
C TRP A 29 0.83 -2.73 -4.11
N LEU A 30 1.73 -3.61 -4.49
CA LEU A 30 1.68 -5.00 -4.04
C LEU A 30 2.91 -5.44 -3.25
N ASP A 31 2.73 -6.53 -2.51
CA ASP A 31 3.71 -7.03 -1.55
C ASP A 31 5.03 -7.35 -2.23
N PRO A 32 6.07 -6.58 -1.89
CA PRO A 32 7.40 -6.70 -2.49
C PRO A 32 8.22 -7.83 -1.89
N ARG A 33 7.75 -8.32 -0.75
CA ARG A 33 8.41 -9.39 -0.02
C ARG A 33 8.07 -10.73 -0.68
N LEU A 34 7.10 -10.69 -1.59
CA LEU A 34 6.76 -11.87 -2.39
C LEU A 34 7.85 -12.14 -3.44
N ASP A 35 8.67 -11.14 -3.73
CA ASP A 35 9.73 -11.28 -4.74
C ASP A 35 10.80 -12.32 -4.37
N PRO A 36 11.39 -12.25 -3.15
CA PRO A 36 12.35 -13.25 -2.67
C PRO A 36 11.74 -14.66 -2.60
N SER B 1 -0.98 2.49 -13.22
CA SER B 1 -1.92 3.25 -12.37
C SER B 1 -1.22 3.73 -11.10
N PRO B 2 -1.26 5.03 -10.81
CA PRO B 2 -0.68 5.59 -9.59
C PRO B 2 -1.46 5.16 -8.34
N PRO B 3 -0.76 4.69 -7.30
CA PRO B 3 -1.40 4.23 -6.06
C PRO B 3 -1.96 5.40 -5.26
N PRO B 4 -3.15 5.22 -4.68
CA PRO B 4 -3.83 6.23 -3.87
C PRO B 4 -2.91 6.86 -2.83
N PRO B 5 -3.06 8.18 -2.61
CA PRO B 5 -2.22 8.96 -1.69
C PRO B 5 -2.06 8.32 -0.32
N TYR B 6 -0.84 8.38 0.19
CA TYR B 6 -0.50 7.83 1.51
C TYR B 6 -1.02 8.75 2.62
N SER B 7 -1.42 9.95 2.25
CA SER B 7 -1.90 10.93 3.22
C SER B 7 -3.11 10.42 3.99
N ARG B 8 -4.12 9.94 3.27
CA ARG B 8 -5.31 9.41 3.90
C ARG B 8 -5.93 8.32 3.03
N TYR B 9 -6.84 7.56 3.62
CA TYR B 9 -7.35 6.34 3.00
C TYR B 9 -8.58 6.64 2.14
N PRO B 10 -8.46 6.43 0.83
CA PRO B 10 -9.56 6.61 -0.10
C PRO B 10 -10.62 5.52 0.06
N MET B 11 -11.76 5.88 0.65
CA MET B 11 -12.86 4.95 0.84
C MET B 11 -13.89 5.15 -0.26
N ASP B 12 -13.51 5.94 -1.25
CA ASP B 12 -14.37 6.22 -2.39
C ASP B 12 -13.68 5.77 -3.67
N GLY A 1 2.88 -12.47 1.41
CA GLY A 1 3.60 -12.90 2.64
C GLY A 1 3.63 -11.83 3.69
N PRO A 2 4.55 -11.92 4.65
CA PRO A 2 4.74 -10.90 5.67
C PRO A 2 5.51 -9.70 5.13
N LEU A 3 4.88 -8.53 5.13
CA LEU A 3 5.51 -7.35 4.57
C LEU A 3 6.63 -6.86 5.46
N PRO A 4 7.56 -6.03 4.89
CA PRO A 4 8.75 -5.54 5.61
C PRO A 4 8.41 -4.74 6.88
N ASP A 5 7.12 -4.45 7.06
CA ASP A 5 6.59 -3.79 8.26
C ASP A 5 6.75 -2.28 8.20
N GLY A 6 7.14 -1.79 7.04
CA GLY A 6 7.17 -0.36 6.83
C GLY A 6 5.84 0.12 6.30
N TRP A 7 5.05 -0.82 5.79
CA TRP A 7 3.79 -0.51 5.12
C TRP A 7 2.68 -1.49 5.44
N GLU A 8 1.47 -0.95 5.41
CA GLU A 8 0.26 -1.67 5.75
C GLU A 8 -0.69 -1.64 4.54
N GLN A 9 -1.28 -2.79 4.20
CA GLN A 9 -2.13 -2.89 3.03
C GLN A 9 -3.60 -2.58 3.38
N ALA A 10 -4.15 -1.49 2.84
CA ALA A 10 -5.55 -1.15 3.03
C ALA A 10 -6.33 -1.50 1.77
N MET A 11 -7.60 -1.84 1.94
CA MET A 11 -8.43 -2.26 0.81
C MET A 11 -9.43 -1.18 0.45
N THR A 12 -9.38 -0.70 -0.79
CA THR A 12 -10.42 0.17 -1.29
C THR A 12 -11.45 -0.68 -2.03
N GLN A 13 -12.73 -0.39 -1.81
CA GLN A 13 -13.80 -1.29 -2.22
C GLN A 13 -13.99 -1.28 -3.74
N ASP A 14 -13.33 -0.34 -4.41
CA ASP A 14 -13.39 -0.28 -5.86
C ASP A 14 -12.60 -1.45 -6.48
N GLY A 15 -11.91 -2.20 -5.63
CA GLY A 15 -11.32 -3.46 -6.07
C GLY A 15 -9.80 -3.47 -6.19
N GLU A 16 -9.10 -2.71 -5.35
CA GLU A 16 -7.63 -2.73 -5.33
C GLU A 16 -7.10 -2.47 -3.92
N ILE A 17 -5.95 -3.03 -3.61
CA ILE A 17 -5.33 -2.85 -2.30
C ILE A 17 -4.01 -2.10 -2.45
N TYR A 18 -3.63 -1.34 -1.43
CA TYR A 18 -2.46 -0.48 -1.53
C TYR A 18 -1.69 -0.43 -0.20
N TYR A 19 -0.35 -0.38 -0.28
CA TYR A 19 0.49 -0.29 0.89
C TYR A 19 0.90 1.14 1.17
N ILE A 20 0.49 1.65 2.32
CA ILE A 20 0.95 2.93 2.79
C ILE A 20 2.19 2.73 3.66
N ASN A 21 3.32 3.21 3.20
CA ASN A 21 4.59 2.99 3.89
C ASN A 21 4.82 4.13 4.88
N HIS A 22 4.75 3.84 6.20
CA HIS A 22 4.82 4.86 7.22
C HIS A 22 6.26 5.26 7.52
N LYS A 23 7.19 4.39 7.15
CA LYS A 23 8.61 4.66 7.40
C LYS A 23 9.26 5.42 6.26
N ASN A 24 8.75 5.27 5.05
CA ASN A 24 9.36 5.92 3.89
C ASN A 24 8.42 6.93 3.25
N LYS A 25 7.16 6.96 3.71
CA LYS A 25 6.16 7.88 3.15
C LYS A 25 5.98 7.59 1.65
N THR A 26 5.77 6.32 1.34
CA THR A 26 5.67 5.85 -0.04
C THR A 26 4.42 4.98 -0.22
N THR A 27 3.80 5.01 -1.39
CA THR A 27 2.68 4.11 -1.66
C THR A 27 3.04 3.11 -2.77
N SER A 28 2.74 1.84 -2.54
CA SER A 28 2.97 0.78 -3.53
C SER A 28 1.83 -0.22 -3.46
N TRP A 29 1.32 -0.64 -4.61
CA TRP A 29 0.12 -1.48 -4.67
C TRP A 29 0.26 -2.81 -3.94
N LEU A 30 1.14 -3.67 -4.45
CA LEU A 30 1.14 -5.07 -4.08
C LEU A 30 2.42 -5.50 -3.36
N ASP A 31 2.33 -6.63 -2.68
CA ASP A 31 3.34 -7.11 -1.74
C ASP A 31 4.68 -7.31 -2.44
N PRO A 32 5.64 -6.45 -2.07
CA PRO A 32 6.99 -6.43 -2.62
C PRO A 32 7.91 -7.47 -2.01
N ARG A 33 7.46 -8.07 -0.92
CA ARG A 33 8.27 -9.01 -0.15
C ARG A 33 8.28 -10.38 -0.82
N LEU A 34 7.42 -10.54 -1.82
CA LEU A 34 7.41 -11.75 -2.62
C LEU A 34 8.66 -11.83 -3.51
N ASP A 35 9.27 -10.66 -3.76
CA ASP A 35 10.42 -10.57 -4.67
C ASP A 35 11.72 -11.24 -4.19
N PRO A 36 12.18 -10.98 -2.95
CA PRO A 36 13.44 -11.52 -2.44
C PRO A 36 13.51 -13.05 -2.51
N SER B 1 0.26 2.31 -13.02
CA SER B 1 -0.84 3.00 -12.30
C SER B 1 -0.33 3.56 -10.98
N PRO B 2 -0.47 4.87 -10.77
CA PRO B 2 -0.05 5.55 -9.54
C PRO B 2 -0.97 5.21 -8.38
N PRO B 3 -0.41 4.70 -7.27
CA PRO B 3 -1.17 4.39 -6.07
C PRO B 3 -1.60 5.67 -5.35
N PRO B 4 -2.79 5.66 -4.74
CA PRO B 4 -3.33 6.79 -3.98
C PRO B 4 -2.33 7.36 -3.00
N PRO B 5 -2.30 8.70 -2.88
CA PRO B 5 -1.34 9.40 -2.01
C PRO B 5 -1.36 8.87 -0.59
N TYR B 6 -0.16 8.63 -0.06
CA TYR B 6 0.04 8.15 1.31
C TYR B 6 -0.51 9.16 2.34
N SER B 7 -0.85 10.35 1.89
CA SER B 7 -1.36 11.39 2.77
C SER B 7 -2.65 10.97 3.44
N ARG B 8 -3.63 10.51 2.66
CA ARG B 8 -4.89 10.04 3.22
C ARG B 8 -5.51 8.94 2.35
N TYR B 9 -6.48 8.23 2.91
CA TYR B 9 -7.02 7.03 2.27
C TYR B 9 -8.21 7.37 1.38
N PRO B 10 -8.21 6.85 0.14
CA PRO B 10 -9.33 7.03 -0.80
C PRO B 10 -10.48 6.07 -0.50
N MET B 11 -11.65 6.62 -0.20
CA MET B 11 -12.82 5.82 0.08
C MET B 11 -13.85 5.98 -1.02
N ASP B 12 -14.28 4.88 -1.60
CA ASP B 12 -15.27 4.89 -2.67
C ASP B 12 -16.65 5.26 -2.13
N GLY A 1 2.03 -11.21 1.85
CA GLY A 1 2.58 -12.09 2.91
C GLY A 1 3.09 -11.30 4.09
N PRO A 2 4.29 -11.60 4.60
CA PRO A 2 4.90 -10.85 5.69
C PRO A 2 5.71 -9.66 5.17
N LEU A 3 5.22 -8.46 5.45
CA LEU A 3 5.87 -7.25 4.95
C LEU A 3 7.00 -6.79 5.86
N PRO A 4 7.92 -5.95 5.34
CA PRO A 4 9.07 -5.42 6.10
C PRO A 4 8.65 -4.62 7.34
N ASP A 5 7.34 -4.36 7.44
CA ASP A 5 6.73 -3.61 8.56
C ASP A 5 6.87 -2.12 8.36
N GLY A 6 7.31 -1.75 7.17
CA GLY A 6 7.32 -0.35 6.80
C GLY A 6 5.99 0.05 6.22
N TRP A 7 5.29 -0.92 5.63
CA TRP A 7 4.03 -0.67 4.96
C TRP A 7 2.93 -1.67 5.24
N GLU A 8 1.72 -1.13 5.16
CA GLU A 8 0.50 -1.82 5.52
C GLU A 8 -0.38 -1.93 4.28
N GLN A 9 -0.97 -3.10 4.05
CA GLN A 9 -1.79 -3.31 2.86
C GLN A 9 -3.24 -2.96 3.15
N ALA A 10 -3.74 -1.88 2.56
CA ALA A 10 -5.12 -1.46 2.75
C ALA A 10 -5.94 -1.75 1.50
N MET A 11 -7.22 -2.01 1.68
CA MET A 11 -8.10 -2.36 0.56
C MET A 11 -8.99 -1.19 0.19
N THR A 12 -9.01 -0.83 -1.09
CA THR A 12 -9.95 0.19 -1.57
C THR A 12 -11.09 -0.49 -2.32
N GLN A 13 -12.28 0.09 -2.23
CA GLN A 13 -13.50 -0.52 -2.73
C GLN A 13 -13.44 -0.77 -4.23
N ASP A 14 -12.63 0.01 -4.92
CA ASP A 14 -12.42 -0.13 -6.37
C ASP A 14 -11.89 -1.53 -6.72
N GLY A 15 -11.45 -2.26 -5.70
CA GLY A 15 -11.00 -3.61 -5.92
C GLY A 15 -9.49 -3.75 -5.99
N GLU A 16 -8.77 -2.89 -5.28
CA GLU A 16 -7.32 -2.95 -5.28
C GLU A 16 -6.75 -2.71 -3.90
N ILE A 17 -5.63 -3.34 -3.62
CA ILE A 17 -4.94 -3.17 -2.36
C ILE A 17 -3.71 -2.27 -2.55
N TYR A 18 -3.48 -1.39 -1.61
CA TYR A 18 -2.36 -0.46 -1.70
C TYR A 18 -1.58 -0.41 -0.38
N TYR A 19 -0.25 -0.38 -0.46
CA TYR A 19 0.59 -0.32 0.72
C TYR A 19 0.93 1.11 1.08
N ILE A 20 0.50 1.53 2.25
CA ILE A 20 0.90 2.81 2.78
C ILE A 20 2.14 2.63 3.66
N ASN A 21 3.25 3.18 3.21
CA ASN A 21 4.51 3.03 3.91
C ASN A 21 4.65 4.17 4.93
N HIS A 22 4.45 3.88 6.23
CA HIS A 22 4.48 4.89 7.27
C HIS A 22 5.90 5.35 7.58
N LYS A 23 6.89 4.56 7.15
CA LYS A 23 8.29 4.90 7.41
C LYS A 23 8.89 5.75 6.27
N ASN A 24 8.42 5.58 5.05
CA ASN A 24 8.98 6.30 3.91
C ASN A 24 7.97 7.27 3.30
N LYS A 25 6.73 7.23 3.79
CA LYS A 25 5.66 8.11 3.28
C LYS A 25 5.39 7.79 1.80
N THR A 26 5.50 6.51 1.46
CA THR A 26 5.42 6.08 0.06
C THR A 26 4.27 5.09 -0.16
N THR A 27 3.69 5.08 -1.36
CA THR A 27 2.63 4.14 -1.67
C THR A 27 3.09 3.17 -2.76
N SER A 28 2.91 1.88 -2.52
CA SER A 28 3.23 0.84 -3.51
C SER A 28 2.12 -0.20 -3.51
N TRP A 29 1.71 -0.65 -4.69
CA TRP A 29 0.55 -1.51 -4.82
C TRP A 29 0.69 -2.84 -4.06
N LEU A 30 1.70 -3.63 -4.42
CA LEU A 30 1.77 -5.02 -3.98
C LEU A 30 3.00 -5.36 -3.17
N ASP A 31 2.88 -6.47 -2.44
CA ASP A 31 3.87 -6.94 -1.47
C ASP A 31 5.23 -7.17 -2.14
N PRO A 32 6.22 -6.37 -1.73
CA PRO A 32 7.58 -6.41 -2.27
C PRO A 32 8.43 -7.54 -1.68
N ARG A 33 7.99 -8.07 -0.55
CA ARG A 33 8.73 -9.14 0.11
C ARG A 33 8.45 -10.48 -0.56
N LEU A 34 7.37 -10.53 -1.33
CA LEU A 34 7.06 -11.72 -2.11
C LEU A 34 7.87 -11.78 -3.40
N ASP A 35 8.57 -10.70 -3.74
CA ASP A 35 9.38 -10.64 -4.96
C ASP A 35 10.51 -11.69 -4.98
N PRO A 36 11.32 -11.79 -3.91
CA PRO A 36 12.37 -12.81 -3.80
C PRO A 36 11.81 -14.23 -3.85
N SER B 1 -0.41 2.62 -13.34
CA SER B 1 -1.42 3.04 -12.36
C SER B 1 -0.74 3.59 -11.09
N PRO B 2 -1.01 4.85 -10.75
CA PRO B 2 -0.46 5.46 -9.54
C PRO B 2 -1.24 5.05 -8.30
N PRO B 3 -0.56 4.57 -7.25
CA PRO B 3 -1.20 4.22 -6.00
C PRO B 3 -1.68 5.46 -5.27
N PRO B 4 -2.89 5.43 -4.71
CA PRO B 4 -3.48 6.57 -4.00
C PRO B 4 -2.53 7.17 -2.97
N PRO B 5 -2.48 8.51 -2.93
CA PRO B 5 -1.58 9.24 -2.04
C PRO B 5 -1.62 8.75 -0.60
N TYR B 6 -0.44 8.48 -0.06
CA TYR B 6 -0.29 8.02 1.32
C TYR B 6 -0.82 9.06 2.32
N SER B 7 -1.12 10.24 1.82
CA SER B 7 -1.62 11.32 2.67
C SER B 7 -2.91 10.90 3.36
N ARG B 8 -3.89 10.40 2.61
CA ARG B 8 -5.11 9.87 3.21
C ARG B 8 -5.72 8.75 2.35
N TYR B 9 -6.64 8.00 2.95
CA TYR B 9 -7.14 6.75 2.37
C TYR B 9 -8.34 7.02 1.47
N PRO B 10 -8.27 6.55 0.22
CA PRO B 10 -9.37 6.70 -0.75
C PRO B 10 -10.56 5.80 -0.41
N MET B 11 -11.67 6.41 -0.05
CA MET B 11 -12.87 5.67 0.29
C MET B 11 -14.11 6.40 -0.20
N ASP B 12 -14.75 5.84 -1.23
CA ASP B 12 -15.96 6.41 -1.79
C ASP B 12 -16.73 5.35 -2.55
N GLY A 1 1.62 -10.85 2.50
CA GLY A 1 2.19 -11.73 3.55
C GLY A 1 2.74 -10.94 4.71
N PRO A 2 3.91 -11.31 5.25
CA PRO A 2 4.56 -10.56 6.30
C PRO A 2 5.42 -9.41 5.74
N LEU A 3 4.95 -8.19 5.94
CA LEU A 3 5.62 -7.03 5.36
C LEU A 3 6.75 -6.51 6.24
N PRO A 4 7.67 -5.72 5.66
CA PRO A 4 8.81 -5.13 6.40
C PRO A 4 8.35 -4.23 7.56
N ASP A 5 7.04 -3.98 7.59
CA ASP A 5 6.37 -3.23 8.67
C ASP A 5 6.46 -1.74 8.42
N GLY A 6 6.92 -1.38 7.24
CA GLY A 6 6.87 -0.01 6.82
C GLY A 6 5.54 0.31 6.17
N TRP A 7 5.00 -0.68 5.46
CA TRP A 7 3.76 -0.50 4.73
C TRP A 7 2.71 -1.55 5.05
N GLU A 8 1.46 -1.11 4.94
CA GLU A 8 0.29 -1.91 5.25
C GLU A 8 -0.59 -1.97 3.99
N GLN A 9 -1.12 -3.15 3.67
CA GLN A 9 -1.89 -3.32 2.44
C GLN A 9 -3.38 -3.08 2.68
N ALA A 10 -3.86 -1.89 2.32
CA ALA A 10 -5.28 -1.58 2.43
C ALA A 10 -5.97 -1.83 1.09
N MET A 11 -7.23 -2.20 1.12
CA MET A 11 -7.95 -2.53 -0.09
C MET A 11 -8.95 -1.44 -0.45
N THR A 12 -8.82 -0.85 -1.63
CA THR A 12 -9.74 0.17 -2.06
C THR A 12 -10.91 -0.45 -2.83
N GLN A 13 -12.09 0.13 -2.65
CA GLN A 13 -13.32 -0.40 -3.23
C GLN A 13 -13.26 -0.43 -4.76
N ASP A 14 -12.39 0.41 -5.30
CA ASP A 14 -12.15 0.48 -6.75
C ASP A 14 -11.65 -0.86 -7.29
N GLY A 15 -11.26 -1.76 -6.40
CA GLY A 15 -10.84 -3.09 -6.81
C GLY A 15 -9.33 -3.26 -6.88
N GLU A 16 -8.60 -2.56 -6.02
CA GLU A 16 -7.15 -2.64 -6.00
C GLU A 16 -6.63 -2.51 -4.57
N ILE A 17 -5.50 -3.14 -4.30
CA ILE A 17 -4.88 -3.04 -2.99
C ILE A 17 -3.67 -2.10 -3.06
N TYR A 18 -3.44 -1.36 -1.98
CA TYR A 18 -2.37 -0.38 -1.97
C TYR A 18 -1.64 -0.38 -0.63
N TYR A 19 -0.30 -0.32 -0.66
CA TYR A 19 0.50 -0.28 0.55
C TYR A 19 0.81 1.15 0.96
N ILE A 20 0.48 1.49 2.19
CA ILE A 20 0.84 2.77 2.76
C ILE A 20 2.14 2.66 3.55
N ASN A 21 3.23 3.20 3.00
CA ASN A 21 4.54 3.08 3.62
C ASN A 21 4.75 4.25 4.60
N HIS A 22 4.84 3.98 5.92
CA HIS A 22 4.88 5.02 6.92
C HIS A 22 6.29 5.55 7.11
N LYS A 23 7.27 4.82 6.60
CA LYS A 23 8.66 5.24 6.71
C LYS A 23 9.05 6.14 5.55
N ASN A 24 8.74 5.68 4.34
CA ASN A 24 9.15 6.39 3.14
C ASN A 24 8.04 7.33 2.65
N LYS A 25 6.86 7.23 3.27
CA LYS A 25 5.72 8.06 2.89
C LYS A 25 5.35 7.77 1.42
N THR A 26 5.40 6.47 1.07
CA THR A 26 5.23 6.06 -0.32
C THR A 26 4.14 5.00 -0.46
N THR A 27 3.48 4.97 -1.61
CA THR A 27 2.47 3.95 -1.87
C THR A 27 2.93 2.99 -2.96
N SER A 28 2.63 1.71 -2.78
CA SER A 28 2.97 0.69 -3.77
C SER A 28 1.91 -0.42 -3.75
N TRP A 29 1.48 -0.87 -4.91
CA TRP A 29 0.32 -1.76 -5.03
C TRP A 29 0.51 -3.09 -4.29
N LEU A 30 1.59 -3.79 -4.57
CA LEU A 30 1.70 -5.20 -4.17
C LEU A 30 2.88 -5.49 -3.24
N ASP A 31 2.76 -6.63 -2.56
CA ASP A 31 3.69 -7.06 -1.52
C ASP A 31 5.10 -7.20 -2.05
N PRO A 32 6.02 -6.37 -1.50
CA PRO A 32 7.41 -6.35 -1.92
C PRO A 32 8.25 -7.48 -1.32
N ARG A 33 7.82 -8.00 -0.17
CA ARG A 33 8.58 -9.03 0.51
C ARG A 33 8.32 -10.40 -0.14
N LEU A 34 7.11 -10.60 -0.64
CA LEU A 34 6.77 -11.83 -1.35
C LEU A 34 7.27 -11.80 -2.79
N ASP A 35 7.75 -10.63 -3.23
CA ASP A 35 8.21 -10.44 -4.61
C ASP A 35 9.32 -11.45 -5.00
N PRO A 36 10.38 -11.58 -4.19
CA PRO A 36 11.46 -12.56 -4.43
C PRO A 36 10.96 -14.00 -4.48
N SER B 1 1.60 3.15 -12.91
CA SER B 1 0.38 3.79 -12.37
C SER B 1 0.58 4.11 -10.90
N PRO B 2 0.49 5.39 -10.53
CA PRO B 2 0.70 5.84 -9.15
C PRO B 2 -0.43 5.40 -8.22
N PRO B 3 -0.09 4.66 -7.15
CA PRO B 3 -1.04 4.24 -6.12
C PRO B 3 -1.60 5.45 -5.37
N PRO B 4 -2.84 5.33 -4.84
CA PRO B 4 -3.56 6.43 -4.17
C PRO B 4 -2.71 7.14 -3.13
N PRO B 5 -2.88 8.48 -3.03
CA PRO B 5 -2.11 9.32 -2.12
C PRO B 5 -2.07 8.78 -0.69
N TYR B 6 -0.86 8.67 -0.16
CA TYR B 6 -0.60 8.10 1.16
C TYR B 6 -1.04 9.05 2.29
N SER B 7 -1.37 10.28 1.94
CA SER B 7 -1.77 11.27 2.94
C SER B 7 -3.00 10.81 3.71
N ARG B 8 -4.01 10.30 3.00
CA ARG B 8 -5.18 9.72 3.66
C ARG B 8 -5.79 8.62 2.80
N TYR B 9 -6.66 7.82 3.41
CA TYR B 9 -7.16 6.60 2.78
C TYR B 9 -8.41 6.89 1.97
N PRO B 10 -8.40 6.54 0.68
CA PRO B 10 -9.56 6.69 -0.21
C PRO B 10 -10.55 5.54 -0.08
N MET B 11 -10.39 4.75 0.96
CA MET B 11 -11.24 3.59 1.19
C MET B 11 -12.41 3.94 2.08
N ASP B 12 -13.61 3.84 1.53
CA ASP B 12 -14.84 4.04 2.30
C ASP B 12 -16.06 3.74 1.43
N GLY A 1 2.13 -10.94 2.41
CA GLY A 1 2.72 -11.89 3.40
C GLY A 1 3.37 -11.15 4.55
N PRO A 2 4.58 -11.56 4.96
CA PRO A 2 5.36 -10.82 5.95
C PRO A 2 6.07 -9.63 5.32
N LEU A 3 5.63 -8.43 5.66
CA LEU A 3 6.18 -7.22 5.07
C LEU A 3 7.33 -6.66 5.91
N PRO A 4 8.17 -5.80 5.30
CA PRO A 4 9.33 -5.17 5.98
C PRO A 4 8.91 -4.34 7.20
N ASP A 5 7.59 -4.15 7.34
CA ASP A 5 6.99 -3.43 8.47
C ASP A 5 7.02 -1.93 8.24
N GLY A 6 7.39 -1.54 7.04
CA GLY A 6 7.27 -0.16 6.66
C GLY A 6 5.87 0.12 6.16
N TRP A 7 5.26 -0.90 5.56
CA TRP A 7 3.96 -0.77 4.93
C TRP A 7 3.00 -1.89 5.27
N GLU A 8 1.72 -1.52 5.26
CA GLU A 8 0.62 -2.38 5.65
C GLU A 8 -0.36 -2.44 4.49
N GLN A 9 -0.96 -3.59 4.23
CA GLN A 9 -1.79 -3.78 3.04
C GLN A 9 -3.27 -3.42 3.34
N ALA A 10 -3.79 -2.39 2.66
CA ALA A 10 -5.18 -1.98 2.84
C ALA A 10 -5.93 -2.03 1.52
N MET A 11 -7.23 -2.31 1.57
CA MET A 11 -8.03 -2.46 0.36
C MET A 11 -8.87 -1.22 0.10
N THR A 12 -8.84 -0.73 -1.13
CA THR A 12 -9.69 0.39 -1.52
C THR A 12 -10.90 -0.12 -2.29
N GLN A 13 -12.02 0.60 -2.18
CA GLN A 13 -13.31 0.17 -2.71
C GLN A 13 -13.30 0.09 -4.24
N ASP A 14 -12.23 0.59 -4.86
CA ASP A 14 -12.06 0.49 -6.30
C ASP A 14 -11.72 -0.96 -6.70
N GLY A 15 -11.47 -1.78 -5.68
CA GLY A 15 -11.16 -3.18 -5.92
C GLY A 15 -9.67 -3.44 -6.02
N GLU A 16 -8.88 -2.59 -5.41
CA GLU A 16 -7.42 -2.71 -5.47
C GLU A 16 -6.82 -2.59 -4.09
N ILE A 17 -5.70 -3.26 -3.88
CA ILE A 17 -5.04 -3.23 -2.59
C ILE A 17 -3.76 -2.40 -2.65
N TYR A 18 -3.57 -1.52 -1.67
CA TYR A 18 -2.44 -0.60 -1.66
C TYR A 18 -1.71 -0.64 -0.30
N TYR A 19 -0.38 -0.62 -0.32
CA TYR A 19 0.40 -0.61 0.90
C TYR A 19 0.69 0.82 1.34
N ILE A 20 0.33 1.13 2.57
CA ILE A 20 0.65 2.42 3.16
C ILE A 20 1.99 2.33 3.89
N ASN A 21 3.02 2.94 3.33
CA ASN A 21 4.34 2.88 3.94
C ASN A 21 4.49 4.07 4.91
N HIS A 22 4.56 3.80 6.23
CA HIS A 22 4.57 4.85 7.23
C HIS A 22 5.99 5.37 7.45
N LYS A 23 6.96 4.57 7.06
CA LYS A 23 8.36 4.95 7.21
C LYS A 23 8.81 5.83 6.06
N ASN A 24 8.49 5.41 4.84
CA ASN A 24 8.95 6.12 3.66
C ASN A 24 7.86 7.05 3.12
N LYS A 25 6.65 6.94 3.68
CA LYS A 25 5.55 7.83 3.31
C LYS A 25 5.19 7.66 1.82
N THR A 26 5.03 6.42 1.39
CA THR A 26 4.85 6.13 -0.03
C THR A 26 3.91 4.93 -0.24
N THR A 27 3.19 4.93 -1.36
CA THR A 27 2.23 3.86 -1.64
C THR A 27 2.77 2.88 -2.68
N SER A 28 2.55 1.58 -2.44
CA SER A 28 2.92 0.54 -3.39
C SER A 28 1.88 -0.58 -3.33
N TRP A 29 1.39 -1.01 -4.48
CA TRP A 29 0.23 -1.93 -4.54
C TRP A 29 0.46 -3.26 -3.82
N LEU A 30 1.49 -3.99 -4.23
CA LEU A 30 1.63 -5.40 -3.83
C LEU A 30 2.91 -5.69 -3.06
N ASP A 31 2.87 -6.83 -2.36
CA ASP A 31 3.90 -7.24 -1.40
C ASP A 31 5.26 -7.35 -2.07
N PRO A 32 6.18 -6.45 -1.69
CA PRO A 32 7.53 -6.38 -2.25
C PRO A 32 8.50 -7.41 -1.66
N ARG A 33 8.14 -7.98 -0.51
CA ARG A 33 9.04 -8.87 0.21
C ARG A 33 9.03 -10.27 -0.40
N LEU A 34 7.87 -10.70 -0.86
CA LEU A 34 7.74 -12.00 -1.51
C LEU A 34 8.18 -11.94 -2.97
N ASP A 35 8.39 -10.73 -3.47
CA ASP A 35 8.78 -10.53 -4.87
C ASP A 35 10.12 -11.18 -5.22
N PRO A 36 11.19 -10.94 -4.43
CA PRO A 36 12.47 -11.62 -4.59
C PRO A 36 12.36 -13.12 -4.29
N SER B 1 -1.61 1.72 -12.99
CA SER B 1 -2.31 2.64 -12.08
C SER B 1 -1.36 3.15 -11.00
N PRO B 2 -1.26 4.48 -10.83
CA PRO B 2 -0.51 5.06 -9.72
C PRO B 2 -1.30 4.92 -8.41
N PRO B 3 -0.65 4.47 -7.33
CA PRO B 3 -1.33 4.26 -6.04
C PRO B 3 -1.70 5.57 -5.37
N PRO B 4 -2.93 5.66 -4.87
CA PRO B 4 -3.46 6.86 -4.21
C PRO B 4 -2.53 7.42 -3.14
N PRO B 5 -2.50 8.76 -3.00
CA PRO B 5 -1.66 9.44 -2.02
C PRO B 5 -1.81 8.86 -0.62
N TYR B 6 -0.67 8.58 0.00
CA TYR B 6 -0.61 7.95 1.31
C TYR B 6 -1.13 8.88 2.42
N SER B 7 -1.36 10.13 2.08
CA SER B 7 -1.82 11.12 3.04
C SER B 7 -3.17 10.74 3.66
N ARG B 8 -4.06 10.17 2.85
CA ARG B 8 -5.33 9.67 3.36
C ARG B 8 -5.81 8.49 2.53
N TYR B 9 -6.79 7.76 3.04
CA TYR B 9 -7.22 6.51 2.44
C TYR B 9 -8.33 6.78 1.43
N PRO B 10 -8.17 6.29 0.20
CA PRO B 10 -9.16 6.47 -0.87
C PRO B 10 -10.45 5.70 -0.59
N MET B 11 -11.51 6.43 -0.30
CA MET B 11 -12.82 5.83 -0.05
C MET B 11 -13.79 6.29 -1.13
N ASP B 12 -13.40 7.34 -1.84
CA ASP B 12 -14.22 7.89 -2.91
C ASP B 12 -13.31 8.50 -3.98
N GLY A 1 1.60 -10.87 2.86
CA GLY A 1 2.33 -11.83 3.73
C GLY A 1 3.10 -11.11 4.81
N PRO A 2 4.34 -11.54 5.09
CA PRO A 2 5.22 -10.86 6.04
C PRO A 2 5.91 -9.67 5.41
N LEU A 3 5.53 -8.48 5.82
CA LEU A 3 6.09 -7.26 5.23
C LEU A 3 7.26 -6.74 6.04
N PRO A 4 8.11 -5.88 5.42
CA PRO A 4 9.27 -5.26 6.09
C PRO A 4 8.84 -4.43 7.32
N ASP A 5 7.53 -4.25 7.45
CA ASP A 5 6.90 -3.60 8.61
C ASP A 5 6.89 -2.09 8.46
N GLY A 6 7.24 -1.64 7.27
CA GLY A 6 7.10 -0.24 6.95
C GLY A 6 5.72 0.03 6.39
N TRP A 7 5.16 -0.96 5.71
CA TRP A 7 3.89 -0.79 5.04
C TRP A 7 2.85 -1.87 5.33
N GLU A 8 1.60 -1.43 5.27
CA GLU A 8 0.44 -2.23 5.59
C GLU A 8 -0.48 -2.28 4.36
N GLN A 9 -1.07 -3.43 4.08
CA GLN A 9 -1.92 -3.55 2.90
C GLN A 9 -3.36 -3.19 3.24
N ALA A 10 -3.87 -2.10 2.67
CA ALA A 10 -5.24 -1.68 2.89
C ALA A 10 -6.07 -1.92 1.63
N MET A 11 -7.35 -2.18 1.82
CA MET A 11 -8.24 -2.45 0.69
C MET A 11 -9.17 -1.28 0.45
N THR A 12 -9.14 -0.72 -0.75
CA THR A 12 -10.09 0.32 -1.10
C THR A 12 -11.33 -0.32 -1.70
N GLN A 13 -12.47 0.35 -1.47
CA GLN A 13 -13.78 -0.21 -1.81
C GLN A 13 -13.95 -0.38 -3.31
N ASP A 14 -13.01 0.17 -4.08
CA ASP A 14 -13.03 0.02 -5.53
C ASP A 14 -12.52 -1.36 -5.94
N GLY A 15 -12.07 -2.13 -4.94
CA GLY A 15 -11.65 -3.50 -5.18
C GLY A 15 -10.16 -3.65 -5.38
N GLU A 16 -9.38 -2.74 -4.82
CA GLU A 16 -7.92 -2.79 -4.99
C GLU A 16 -7.21 -2.71 -3.65
N ILE A 17 -6.16 -3.51 -3.51
CA ILE A 17 -5.35 -3.49 -2.31
C ILE A 17 -4.10 -2.66 -2.55
N TYR A 18 -3.70 -1.86 -1.58
CA TYR A 18 -2.55 -0.99 -1.73
C TYR A 18 -1.75 -0.91 -0.43
N TYR A 19 -0.42 -0.85 -0.53
CA TYR A 19 0.45 -0.74 0.62
C TYR A 19 0.83 0.71 0.89
N ILE A 20 0.44 1.19 2.06
CA ILE A 20 0.87 2.50 2.52
C ILE A 20 2.07 2.35 3.44
N ASN A 21 3.19 2.92 3.06
CA ASN A 21 4.41 2.77 3.84
C ASN A 21 4.48 3.91 4.87
N HIS A 22 4.24 3.61 6.15
CA HIS A 22 4.16 4.63 7.18
C HIS A 22 5.54 5.14 7.56
N LYS A 23 6.55 4.32 7.35
CA LYS A 23 7.91 4.68 7.75
C LYS A 23 8.68 5.38 6.62
N ASN A 24 8.34 5.10 5.37
CA ASN A 24 9.01 5.74 4.25
C ASN A 24 8.09 6.78 3.59
N LYS A 25 6.82 6.79 4.00
CA LYS A 25 5.84 7.75 3.49
C LYS A 25 5.67 7.58 1.97
N THR A 26 5.63 6.31 1.55
CA THR A 26 5.53 5.98 0.13
C THR A 26 4.41 4.96 -0.14
N THR A 27 3.81 5.01 -1.32
CA THR A 27 2.73 4.09 -1.65
C THR A 27 3.14 3.14 -2.78
N SER A 28 2.77 1.87 -2.64
CA SER A 28 2.98 0.87 -3.68
C SER A 28 1.89 -0.19 -3.57
N TRP A 29 1.35 -0.64 -4.71
CA TRP A 29 0.15 -1.49 -4.69
C TRP A 29 0.36 -2.81 -3.95
N LEU A 30 1.26 -3.62 -4.45
CA LEU A 30 1.34 -5.02 -4.05
C LEU A 30 2.57 -5.36 -3.22
N ASP A 31 2.46 -6.48 -2.53
CA ASP A 31 3.41 -6.93 -1.53
C ASP A 31 4.82 -7.08 -2.12
N PRO A 32 5.77 -6.34 -1.56
CA PRO A 32 7.13 -6.26 -2.07
C PRO A 32 8.01 -7.44 -1.68
N ARG A 33 7.54 -8.30 -0.77
CA ARG A 33 8.34 -9.41 -0.31
C ARG A 33 8.37 -10.50 -1.38
N LEU A 34 7.53 -10.35 -2.39
CA LEU A 34 7.51 -11.25 -3.54
C LEU A 34 8.63 -10.92 -4.52
N ASP A 35 9.16 -9.71 -4.41
CA ASP A 35 10.24 -9.26 -5.30
C ASP A 35 11.50 -10.14 -5.19
N PRO A 36 12.00 -10.40 -3.97
CA PRO A 36 13.05 -11.40 -3.74
C PRO A 36 12.57 -12.81 -4.07
N SER B 1 0.67 1.69 -12.94
CA SER B 1 -0.41 2.57 -12.45
C SER B 1 -0.06 3.13 -11.07
N PRO B 2 -0.03 4.46 -10.95
CA PRO B 2 0.31 5.14 -9.69
C PRO B 2 -0.72 4.89 -8.60
N PRO B 3 -0.27 4.47 -7.41
CA PRO B 3 -1.14 4.22 -6.27
C PRO B 3 -1.53 5.53 -5.57
N PRO B 4 -2.70 5.53 -4.90
CA PRO B 4 -3.20 6.69 -4.15
C PRO B 4 -2.16 7.28 -3.21
N PRO B 5 -2.14 8.62 -3.10
CA PRO B 5 -1.21 9.33 -2.22
C PRO B 5 -1.31 8.84 -0.77
N TYR B 6 -0.16 8.64 -0.14
CA TYR B 6 -0.09 8.13 1.22
C TYR B 6 -0.69 9.13 2.22
N SER B 7 -0.97 10.34 1.75
CA SER B 7 -1.55 11.37 2.60
C SER B 7 -2.92 10.93 3.14
N ARG B 8 -3.77 10.38 2.28
CA ARG B 8 -5.05 9.85 2.73
C ARG B 8 -5.52 8.70 1.85
N TYR B 9 -6.51 7.96 2.35
CA TYR B 9 -6.94 6.73 1.70
C TYR B 9 -8.06 7.02 0.72
N PRO B 10 -8.04 6.37 -0.46
CA PRO B 10 -9.11 6.52 -1.45
C PRO B 10 -10.42 5.94 -0.94
N MET B 11 -11.33 6.83 -0.54
CA MET B 11 -12.60 6.42 0.03
C MET B 11 -13.75 6.87 -0.86
N ASP B 12 -14.41 5.91 -1.48
CA ASP B 12 -15.53 6.19 -2.36
C ASP B 12 -16.45 4.98 -2.42
N GLY A 1 2.16 -11.12 2.42
CA GLY A 1 2.59 -11.96 3.57
C GLY A 1 3.32 -11.16 4.62
N PRO A 2 4.62 -11.40 4.80
CA PRO A 2 5.44 -10.62 5.70
C PRO A 2 6.01 -9.38 5.02
N LEU A 3 5.55 -8.21 5.45
CA LEU A 3 6.00 -6.97 4.86
C LEU A 3 7.20 -6.40 5.60
N PRO A 4 7.94 -5.49 4.95
CA PRO A 4 9.14 -4.84 5.52
C PRO A 4 8.85 -4.08 6.83
N ASP A 5 7.55 -3.95 7.15
CA ASP A 5 7.06 -3.42 8.43
C ASP A 5 6.93 -1.92 8.40
N GLY A 6 7.08 -1.34 7.23
CA GLY A 6 6.86 0.08 7.09
C GLY A 6 5.47 0.39 6.58
N TRP A 7 4.80 -0.62 6.06
CA TRP A 7 3.52 -0.41 5.39
C TRP A 7 2.49 -1.49 5.67
N GLU A 8 1.23 -1.06 5.62
CA GLU A 8 0.08 -1.91 5.84
C GLU A 8 -0.74 -1.97 4.55
N GLN A 9 -1.39 -3.09 4.32
CA GLN A 9 -2.16 -3.30 3.09
C GLN A 9 -3.60 -2.83 3.28
N ALA A 10 -3.96 -1.72 2.64
CA ALA A 10 -5.32 -1.22 2.68
C ALA A 10 -6.03 -1.60 1.40
N MET A 11 -7.34 -1.82 1.49
CA MET A 11 -8.11 -2.26 0.34
C MET A 11 -9.15 -1.22 -0.03
N THR A 12 -9.14 -0.79 -1.28
CA THR A 12 -10.16 0.13 -1.76
C THR A 12 -11.18 -0.60 -2.62
N GLN A 13 -12.44 -0.23 -2.45
CA GLN A 13 -13.57 -0.85 -3.14
C GLN A 13 -13.46 -0.66 -4.66
N ASP A 14 -12.53 0.19 -5.07
CA ASP A 14 -12.22 0.37 -6.48
C ASP A 14 -11.65 -0.92 -7.09
N GLY A 15 -11.40 -1.91 -6.24
CA GLY A 15 -11.04 -3.23 -6.71
C GLY A 15 -9.55 -3.53 -6.61
N GLU A 16 -8.81 -2.73 -5.86
CA GLU A 16 -7.36 -2.90 -5.77
C GLU A 16 -6.85 -2.61 -4.37
N ILE A 17 -5.77 -3.26 -3.98
CA ILE A 17 -5.19 -3.07 -2.66
C ILE A 17 -3.90 -2.27 -2.77
N TYR A 18 -3.57 -1.51 -1.75
CA TYR A 18 -2.40 -0.66 -1.78
C TYR A 18 -1.72 -0.60 -0.39
N TYR A 19 -0.37 -0.66 -0.37
CA TYR A 19 0.37 -0.56 0.86
C TYR A 19 0.72 0.88 1.19
N ILE A 20 0.25 1.35 2.33
CA ILE A 20 0.58 2.67 2.81
C ILE A 20 1.76 2.60 3.77
N ASN A 21 2.87 3.19 3.37
CA ASN A 21 4.10 3.10 4.16
C ASN A 21 4.15 4.27 5.15
N HIS A 22 3.85 4.02 6.43
CA HIS A 22 3.79 5.09 7.42
C HIS A 22 5.19 5.46 7.90
N LYS A 23 6.16 4.58 7.67
CA LYS A 23 7.53 4.83 8.12
C LYS A 23 8.35 5.60 7.10
N ASN A 24 8.05 5.45 5.82
CA ASN A 24 8.82 6.10 4.77
C ASN A 24 7.96 7.00 3.90
N LYS A 25 6.66 7.08 4.22
CA LYS A 25 5.73 7.93 3.50
C LYS A 25 5.71 7.58 2.00
N THR A 26 5.57 6.29 1.70
CA THR A 26 5.65 5.81 0.33
C THR A 26 4.44 4.94 -0.02
N THR A 27 4.00 4.97 -1.29
CA THR A 27 2.88 4.15 -1.73
C THR A 27 3.34 3.10 -2.75
N SER A 28 2.92 1.85 -2.52
CA SER A 28 3.21 0.76 -3.46
C SER A 28 2.08 -0.28 -3.39
N TRP A 29 1.67 -0.81 -4.53
CA TRP A 29 0.50 -1.69 -4.60
C TRP A 29 0.65 -2.96 -3.75
N LEU A 30 1.58 -3.82 -4.14
CA LEU A 30 1.62 -5.19 -3.63
C LEU A 30 2.90 -5.50 -2.87
N ASP A 31 2.82 -6.55 -2.07
CA ASP A 31 3.88 -6.96 -1.15
C ASP A 31 5.17 -7.24 -1.91
N PRO A 32 6.16 -6.37 -1.71
CA PRO A 32 7.42 -6.41 -2.43
C PRO A 32 8.41 -7.43 -1.89
N ARG A 33 8.11 -8.02 -0.73
CA ARG A 33 8.98 -9.06 -0.19
C ARG A 33 8.69 -10.39 -0.88
N LEU A 34 7.56 -10.44 -1.59
CA LEU A 34 7.19 -11.60 -2.40
C LEU A 34 7.93 -11.58 -3.73
N ASP A 35 8.60 -10.46 -4.02
CA ASP A 35 9.29 -10.25 -5.30
C ASP A 35 10.26 -11.40 -5.66
N PRO A 36 11.15 -11.80 -4.74
CA PRO A 36 12.09 -12.92 -4.97
C PRO A 36 11.36 -14.23 -5.30
N SER B 1 0.61 1.69 -13.33
CA SER B 1 -0.55 2.28 -12.63
C SER B 1 -0.09 2.94 -11.33
N PRO B 2 -0.33 4.25 -11.18
CA PRO B 2 -0.01 4.98 -9.96
C PRO B 2 -0.99 4.67 -8.82
N PRO B 3 -0.46 4.29 -7.64
CA PRO B 3 -1.28 4.02 -6.45
C PRO B 3 -1.78 5.31 -5.81
N PRO B 4 -3.02 5.28 -5.28
CA PRO B 4 -3.59 6.42 -4.54
C PRO B 4 -2.63 6.93 -3.47
N PRO B 5 -2.38 8.25 -3.47
CA PRO B 5 -1.39 8.88 -2.59
C PRO B 5 -1.52 8.47 -1.13
N TYR B 6 -0.38 8.16 -0.52
CA TYR B 6 -0.30 7.81 0.90
C TYR B 6 -0.79 8.96 1.79
N SER B 7 -0.98 10.13 1.20
CA SER B 7 -1.36 11.32 1.95
C SER B 7 -2.68 11.10 2.70
N ARG B 8 -3.68 10.55 2.01
CA ARG B 8 -4.91 10.15 2.68
C ARG B 8 -5.55 8.96 1.95
N TYR B 9 -6.50 8.31 2.61
CA TYR B 9 -7.03 7.05 2.14
C TYR B 9 -8.29 7.25 1.32
N PRO B 10 -8.32 6.71 0.09
CA PRO B 10 -9.49 6.77 -0.80
C PRO B 10 -10.63 5.89 -0.33
N MET B 11 -10.70 5.65 0.97
CA MET B 11 -11.80 4.89 1.55
C MET B 11 -12.91 5.85 1.94
N ASP B 12 -14.02 5.78 1.22
CA ASP B 12 -15.14 6.66 1.43
C ASP B 12 -16.41 5.85 1.62
N GLY A 1 2.29 -11.64 2.03
CA GLY A 1 3.13 -12.35 3.02
C GLY A 1 3.47 -11.46 4.19
N PRO A 2 4.64 -11.67 4.82
CA PRO A 2 5.13 -10.81 5.87
C PRO A 2 5.88 -9.61 5.30
N LEU A 3 5.33 -8.42 5.48
CA LEU A 3 5.92 -7.23 4.91
C LEU A 3 7.06 -6.71 5.77
N PRO A 4 7.95 -5.87 5.18
CA PRO A 4 9.10 -5.29 5.90
C PRO A 4 8.69 -4.45 7.12
N ASP A 5 7.38 -4.21 7.23
CA ASP A 5 6.77 -3.53 8.38
C ASP A 5 6.84 -2.02 8.22
N GLY A 6 7.22 -1.58 7.02
CA GLY A 6 7.15 -0.18 6.70
C GLY A 6 5.82 0.18 6.06
N TRP A 7 5.12 -0.84 5.57
CA TRP A 7 3.86 -0.65 4.87
C TRP A 7 2.82 -1.72 5.17
N GLU A 8 1.57 -1.31 5.10
CA GLU A 8 0.43 -2.14 5.44
C GLU A 8 -0.52 -2.13 4.24
N GLN A 9 -1.18 -3.25 3.96
CA GLN A 9 -2.00 -3.38 2.74
C GLN A 9 -3.44 -2.92 2.99
N ALA A 10 -3.81 -1.76 2.45
CA ALA A 10 -5.16 -1.23 2.62
C ALA A 10 -5.96 -1.41 1.34
N MET A 11 -7.27 -1.58 1.45
CA MET A 11 -8.11 -1.87 0.30
C MET A 11 -9.02 -0.70 -0.03
N THR A 12 -9.02 -0.27 -1.29
CA THR A 12 -10.01 0.69 -1.75
C THR A 12 -11.21 -0.07 -2.30
N GLN A 13 -12.40 0.47 -2.08
CA GLN A 13 -13.65 -0.25 -2.31
C GLN A 13 -13.85 -0.65 -3.77
N ASP A 14 -13.21 0.08 -4.70
CA ASP A 14 -13.31 -0.23 -6.11
C ASP A 14 -12.60 -1.55 -6.44
N GLY A 15 -11.79 -2.02 -5.49
CA GLY A 15 -11.17 -3.32 -5.63
C GLY A 15 -9.68 -3.28 -5.95
N GLU A 16 -8.95 -2.41 -5.29
CA GLU A 16 -7.49 -2.37 -5.43
C GLU A 16 -6.82 -2.18 -4.08
N ILE A 17 -5.78 -2.96 -3.84
CA ILE A 17 -5.08 -2.91 -2.57
C ILE A 17 -3.76 -2.14 -2.72
N TYR A 18 -3.47 -1.27 -1.77
CA TYR A 18 -2.29 -0.42 -1.82
C TYR A 18 -1.57 -0.44 -0.47
N TYR A 19 -0.25 -0.49 -0.48
CA TYR A 19 0.52 -0.48 0.74
C TYR A 19 0.86 0.94 1.17
N ILE A 20 0.43 1.31 2.36
CA ILE A 20 0.77 2.61 2.92
C ILE A 20 2.07 2.50 3.71
N ASN A 21 3.14 3.05 3.15
CA ASN A 21 4.44 2.97 3.79
C ASN A 21 4.64 4.17 4.73
N HIS A 22 4.54 3.95 6.06
CA HIS A 22 4.58 5.05 7.02
C HIS A 22 5.99 5.58 7.20
N LYS A 23 6.98 4.74 6.95
CA LYS A 23 8.37 5.13 7.15
C LYS A 23 8.92 5.88 5.94
N ASN A 24 8.33 5.66 4.78
CA ASN A 24 8.81 6.29 3.55
C ASN A 24 7.77 7.22 2.94
N LYS A 25 6.58 7.27 3.56
CA LYS A 25 5.53 8.20 3.16
C LYS A 25 5.08 7.95 1.71
N THR A 26 5.20 6.70 1.27
CA THR A 26 4.98 6.40 -0.14
C THR A 26 4.06 5.20 -0.33
N THR A 27 3.31 5.17 -1.44
CA THR A 27 2.36 4.10 -1.71
C THR A 27 2.91 3.14 -2.77
N SER A 28 2.70 1.85 -2.56
CA SER A 28 3.05 0.84 -3.55
C SER A 28 2.00 -0.27 -3.49
N TRP A 29 1.46 -0.66 -4.65
CA TRP A 29 0.27 -1.51 -4.68
C TRP A 29 0.46 -2.87 -3.99
N LEU A 30 1.45 -3.63 -4.43
CA LEU A 30 1.53 -5.04 -4.06
C LEU A 30 2.79 -5.43 -3.30
N ASP A 31 2.68 -6.57 -2.62
CA ASP A 31 3.66 -7.06 -1.66
C ASP A 31 5.04 -7.24 -2.29
N PRO A 32 6.01 -6.43 -1.85
CA PRO A 32 7.38 -6.46 -2.34
C PRO A 32 8.22 -7.57 -1.73
N ARG A 33 7.81 -8.05 -0.55
CA ARG A 33 8.61 -9.01 0.18
C ARG A 33 8.45 -10.42 -0.37
N LEU A 34 7.48 -10.58 -1.27
CA LEU A 34 7.27 -11.85 -1.96
C LEU A 34 8.26 -12.03 -3.11
N ASP A 35 8.99 -10.97 -3.44
CA ASP A 35 9.96 -11.00 -4.55
C ASP A 35 10.99 -12.12 -4.41
N PRO A 36 11.66 -12.26 -3.24
CA PRO A 36 12.61 -13.35 -2.98
C PRO A 36 11.96 -14.73 -3.13
N SER B 1 -2.45 2.50 -13.07
CA SER B 1 -2.92 3.46 -12.07
C SER B 1 -1.85 3.72 -11.01
N PRO B 2 -1.51 4.99 -10.78
CA PRO B 2 -0.58 5.39 -9.71
C PRO B 2 -1.25 5.25 -8.33
N PRO B 3 -0.51 4.81 -7.31
CA PRO B 3 -1.08 4.59 -5.98
C PRO B 3 -1.39 5.91 -5.28
N PRO B 4 -2.65 6.07 -4.84
CA PRO B 4 -3.12 7.29 -4.17
C PRO B 4 -2.24 7.71 -3.00
N PRO B 5 -2.16 9.03 -2.73
CA PRO B 5 -1.34 9.59 -1.66
C PRO B 5 -1.54 8.87 -0.33
N TYR B 6 -0.43 8.45 0.28
CA TYR B 6 -0.46 7.66 1.50
C TYR B 6 -0.94 8.47 2.70
N SER B 7 -1.07 9.78 2.53
CA SER B 7 -1.40 10.67 3.62
C SER B 7 -2.75 10.30 4.25
N ARG B 8 -3.70 9.91 3.42
CA ARG B 8 -4.97 9.42 3.94
C ARG B 8 -5.58 8.39 2.98
N TYR B 9 -6.57 7.66 3.48
CA TYR B 9 -7.09 6.51 2.77
C TYR B 9 -8.24 6.92 1.86
N PRO B 10 -8.06 6.79 0.55
CA PRO B 10 -9.09 7.06 -0.43
C PRO B 10 -10.14 5.97 -0.44
N MET B 11 -11.37 6.31 -0.10
CA MET B 11 -12.45 5.35 -0.13
C MET B 11 -13.21 5.48 -1.43
N ASP B 12 -12.81 4.68 -2.40
CA ASP B 12 -13.43 4.68 -3.71
C ASP B 12 -13.52 3.28 -4.24
N GLY A 1 3.32 -12.03 1.68
CA GLY A 1 2.68 -12.32 2.97
C GLY A 1 3.18 -11.41 4.08
N PRO A 2 4.34 -11.71 4.66
CA PRO A 2 4.97 -10.85 5.67
C PRO A 2 5.69 -9.68 5.02
N LEU A 3 5.22 -8.47 5.30
CA LEU A 3 5.80 -7.28 4.71
C LEU A 3 6.93 -6.72 5.56
N PRO A 4 7.80 -5.87 4.99
CA PRO A 4 8.96 -5.26 5.70
C PRO A 4 8.52 -4.42 6.90
N ASP A 5 7.20 -4.21 7.01
CA ASP A 5 6.57 -3.56 8.17
C ASP A 5 6.64 -2.06 8.07
N GLY A 6 7.06 -1.57 6.93
CA GLY A 6 6.96 -0.16 6.66
C GLY A 6 5.59 0.18 6.12
N TRP A 7 4.93 -0.84 5.60
CA TRP A 7 3.67 -0.67 4.90
C TRP A 7 2.64 -1.74 5.20
N GLU A 8 1.38 -1.30 5.12
CA GLU A 8 0.22 -2.10 5.41
C GLU A 8 -0.62 -2.23 4.14
N GLN A 9 -1.18 -3.41 3.89
CA GLN A 9 -1.98 -3.62 2.69
C GLN A 9 -3.46 -3.30 2.98
N ALA A 10 -3.94 -2.19 2.42
CA ALA A 10 -5.33 -1.81 2.59
C ALA A 10 -6.12 -2.15 1.33
N MET A 11 -7.37 -2.55 1.51
CA MET A 11 -8.20 -2.97 0.38
C MET A 11 -9.33 -1.98 0.16
N THR A 12 -9.34 -1.34 -1.00
CA THR A 12 -10.41 -0.42 -1.34
C THR A 12 -11.45 -1.11 -2.20
N GLN A 13 -12.73 -0.76 -1.95
CA GLN A 13 -13.85 -1.38 -2.66
C GLN A 13 -13.81 -1.05 -4.15
N ASP A 14 -12.92 -0.15 -4.52
CA ASP A 14 -12.67 0.19 -5.92
C ASP A 14 -12.14 -1.03 -6.68
N GLY A 15 -11.80 -2.07 -5.94
CA GLY A 15 -11.34 -3.31 -6.55
C GLY A 15 -9.84 -3.43 -6.56
N GLU A 16 -9.15 -2.65 -5.73
CA GLU A 16 -7.70 -2.64 -5.72
C GLU A 16 -7.17 -2.72 -4.29
N ILE A 17 -6.01 -3.34 -4.14
CA ILE A 17 -5.32 -3.37 -2.87
C ILE A 17 -4.06 -2.54 -2.98
N TYR A 18 -3.79 -1.73 -1.96
CA TYR A 18 -2.65 -0.83 -2.03
C TYR A 18 -1.87 -0.82 -0.69
N TYR A 19 -0.55 -0.69 -0.78
CA TYR A 19 0.31 -0.65 0.37
C TYR A 19 0.69 0.78 0.72
N ILE A 20 0.31 1.20 1.92
CA ILE A 20 0.66 2.51 2.42
C ILE A 20 1.87 2.41 3.34
N ASN A 21 2.98 3.01 2.95
CA ASN A 21 4.19 2.91 3.74
C ASN A 21 4.24 4.08 4.75
N HIS A 22 3.92 3.81 6.03
CA HIS A 22 3.81 4.87 7.03
C HIS A 22 5.19 5.32 7.50
N LYS A 23 6.19 4.47 7.35
CA LYS A 23 7.54 4.77 7.82
C LYS A 23 8.36 5.52 6.77
N ASN A 24 7.98 5.41 5.50
CA ASN A 24 8.69 6.10 4.42
C ASN A 24 7.80 7.15 3.76
N LYS A 25 6.52 7.15 4.11
CA LYS A 25 5.55 8.10 3.56
C LYS A 25 5.42 7.94 2.05
N THR A 26 5.53 6.70 1.58
CA THR A 26 5.52 6.43 0.14
C THR A 26 4.47 5.37 -0.19
N THR A 27 3.92 5.42 -1.40
CA THR A 27 2.87 4.49 -1.79
C THR A 27 3.41 3.39 -2.70
N SER A 28 2.83 2.20 -2.59
CA SER A 28 3.23 1.06 -3.40
C SER A 28 2.00 0.19 -3.66
N TRP A 29 1.96 -0.51 -4.79
CA TRP A 29 0.81 -1.34 -5.12
C TRP A 29 0.81 -2.67 -4.36
N LEU A 30 1.74 -3.56 -4.72
CA LEU A 30 1.70 -4.95 -4.28
C LEU A 30 2.92 -5.38 -3.48
N ASP A 31 2.76 -6.47 -2.74
CA ASP A 31 3.74 -6.97 -1.78
C ASP A 31 5.08 -7.28 -2.44
N PRO A 32 6.10 -6.47 -2.12
CA PRO A 32 7.44 -6.58 -2.68
C PRO A 32 8.29 -7.69 -2.03
N ARG A 33 7.83 -8.17 -0.89
CA ARG A 33 8.61 -9.07 -0.07
C ARG A 33 8.57 -10.51 -0.58
N LEU A 34 7.70 -10.77 -1.56
CA LEU A 34 7.66 -12.09 -2.19
C LEU A 34 8.92 -12.37 -3.00
N ASP A 35 9.61 -11.31 -3.43
CA ASP A 35 10.79 -11.46 -4.27
C ASP A 35 11.97 -12.16 -3.58
N PRO A 36 12.36 -11.74 -2.36
CA PRO A 36 13.38 -12.44 -1.57
C PRO A 36 12.90 -13.81 -1.12
N SER B 1 -0.39 2.94 -13.81
CA SER B 1 -1.26 3.83 -13.00
C SER B 1 -0.70 3.97 -11.58
N PRO B 2 -0.46 5.21 -11.13
CA PRO B 2 0.05 5.50 -9.80
C PRO B 2 -0.97 5.17 -8.71
N PRO B 3 -0.52 4.52 -7.62
CA PRO B 3 -1.39 4.19 -6.48
C PRO B 3 -1.91 5.44 -5.79
N PRO B 4 -3.14 5.39 -5.26
CA PRO B 4 -3.75 6.51 -4.55
C PRO B 4 -2.81 7.08 -3.50
N PRO B 5 -2.63 8.42 -3.51
CA PRO B 5 -1.65 9.10 -2.65
C PRO B 5 -1.73 8.70 -1.18
N TYR B 6 -0.58 8.35 -0.61
CA TYR B 6 -0.48 7.95 0.80
C TYR B 6 -0.90 9.10 1.74
N SER B 7 -1.08 10.29 1.20
CA SER B 7 -1.42 11.45 2.01
C SER B 7 -2.74 11.23 2.75
N ARG B 8 -3.74 10.74 2.03
CA ARG B 8 -4.96 10.27 2.66
C ARG B 8 -5.57 9.15 1.84
N TYR B 9 -6.50 8.41 2.45
CA TYR B 9 -7.03 7.21 1.84
C TYR B 9 -8.24 7.55 0.99
N PRO B 10 -8.33 6.96 -0.22
CA PRO B 10 -9.39 7.29 -1.20
C PRO B 10 -10.77 6.78 -0.80
N MET B 11 -10.91 6.36 0.45
CA MET B 11 -12.18 5.89 0.96
C MET B 11 -12.29 6.18 2.46
N ASP B 12 -13.20 7.07 2.82
CA ASP B 12 -13.40 7.45 4.21
C ASP B 12 -14.85 7.20 4.61
N GLY A 1 2.24 -11.63 2.09
CA GLY A 1 3.10 -12.36 3.06
C GLY A 1 3.60 -11.44 4.15
N PRO A 2 4.83 -11.66 4.63
CA PRO A 2 5.46 -10.79 5.60
C PRO A 2 6.13 -9.59 4.93
N LEU A 3 5.79 -8.40 5.37
CA LEU A 3 6.32 -7.18 4.75
C LEU A 3 7.50 -6.62 5.54
N PRO A 4 8.33 -5.75 4.89
CA PRO A 4 9.54 -5.16 5.50
C PRO A 4 9.24 -4.36 6.77
N ASP A 5 7.95 -4.15 7.04
CA ASP A 5 7.45 -3.53 8.28
C ASP A 5 7.39 -2.02 8.14
N GLY A 6 7.60 -1.55 6.92
CA GLY A 6 7.41 -0.15 6.64
C GLY A 6 6.00 0.14 6.18
N TRP A 7 5.37 -0.86 5.57
CA TRP A 7 4.06 -0.69 4.98
C TRP A 7 3.06 -1.77 5.32
N GLU A 8 1.80 -1.34 5.33
CA GLU A 8 0.66 -2.16 5.69
C GLU A 8 -0.32 -2.16 4.51
N GLN A 9 -0.97 -3.30 4.26
CA GLN A 9 -1.86 -3.42 3.10
C GLN A 9 -3.30 -3.02 3.49
N ALA A 10 -3.90 -2.12 2.70
CA ALA A 10 -5.28 -1.72 2.91
C ALA A 10 -6.08 -1.92 1.63
N MET A 11 -7.36 -2.21 1.77
CA MET A 11 -8.21 -2.49 0.61
C MET A 11 -9.15 -1.32 0.33
N THR A 12 -9.07 -0.77 -0.88
CA THR A 12 -10.04 0.21 -1.31
C THR A 12 -11.12 -0.45 -2.14
N GLN A 13 -12.37 -0.06 -1.89
CA GLN A 13 -13.53 -0.71 -2.50
C GLN A 13 -13.56 -0.50 -4.01
N ASP A 14 -12.68 0.38 -4.51
CA ASP A 14 -12.56 0.61 -5.95
C ASP A 14 -12.04 -0.65 -6.65
N GLY A 15 -11.61 -1.62 -5.85
CA GLY A 15 -11.23 -2.92 -6.38
C GLY A 15 -9.74 -3.17 -6.43
N GLU A 16 -8.96 -2.51 -5.58
CA GLU A 16 -7.52 -2.75 -5.54
C GLU A 16 -6.99 -2.56 -4.12
N ILE A 17 -5.94 -3.27 -3.78
CA ILE A 17 -5.33 -3.16 -2.46
C ILE A 17 -3.99 -2.43 -2.58
N TYR A 18 -3.66 -1.62 -1.58
CA TYR A 18 -2.47 -0.79 -1.64
C TYR A 18 -1.72 -0.79 -0.31
N TYR A 19 -0.40 -0.66 -0.38
CA TYR A 19 0.45 -0.58 0.80
C TYR A 19 0.80 0.86 1.10
N ILE A 20 0.43 1.32 2.29
CA ILE A 20 0.83 2.62 2.77
C ILE A 20 2.09 2.48 3.62
N ASN A 21 3.18 3.06 3.15
CA ASN A 21 4.46 2.95 3.84
C ASN A 21 4.58 4.10 4.86
N HIS A 22 4.50 3.79 6.16
CA HIS A 22 4.48 4.82 7.19
C HIS A 22 5.87 5.31 7.52
N LYS A 23 6.87 4.53 7.15
CA LYS A 23 8.26 4.87 7.42
C LYS A 23 8.91 5.65 6.27
N ASN A 24 8.34 5.54 5.07
CA ASN A 24 8.88 6.26 3.92
C ASN A 24 7.87 7.23 3.34
N LYS A 25 6.62 7.18 3.81
CA LYS A 25 5.57 8.09 3.36
C LYS A 25 5.29 7.86 1.87
N THR A 26 5.34 6.60 1.47
CA THR A 26 5.20 6.23 0.06
C THR A 26 4.09 5.17 -0.12
N THR A 27 3.44 5.17 -1.28
CA THR A 27 2.43 4.16 -1.56
C THR A 27 2.93 3.19 -2.65
N SER A 28 2.72 1.90 -2.43
CA SER A 28 3.06 0.89 -3.42
C SER A 28 1.98 -0.17 -3.44
N TRP A 29 1.57 -0.62 -4.62
CA TRP A 29 0.41 -1.50 -4.76
C TRP A 29 0.54 -2.82 -3.99
N LEU A 30 1.46 -3.67 -4.41
CA LEU A 30 1.47 -5.07 -3.98
C LEU A 30 2.75 -5.48 -3.25
N ASP A 31 2.62 -6.58 -2.50
CA ASP A 31 3.65 -7.08 -1.58
C ASP A 31 4.96 -7.36 -2.32
N PRO A 32 5.98 -6.55 -2.01
CA PRO A 32 7.30 -6.65 -2.63
C PRO A 32 8.17 -7.75 -2.03
N ARG A 33 7.85 -8.14 -0.80
CA ARG A 33 8.72 -9.01 -0.02
C ARG A 33 8.56 -10.47 -0.42
N LEU A 34 7.55 -10.76 -1.22
CA LEU A 34 7.32 -12.11 -1.70
C LEU A 34 8.24 -12.48 -2.86
N ASP A 35 8.95 -11.48 -3.38
CA ASP A 35 9.83 -11.68 -4.53
C ASP A 35 10.96 -12.68 -4.29
N PRO A 36 11.73 -12.56 -3.19
CA PRO A 36 12.83 -13.49 -2.87
C PRO A 36 12.36 -14.94 -2.76
N SER B 1 -1.63 2.92 -13.18
CA SER B 1 -2.19 3.95 -12.28
C SER B 1 -1.34 4.09 -11.02
N PRO B 2 -0.94 5.33 -10.68
CA PRO B 2 -0.18 5.59 -9.46
C PRO B 2 -1.02 5.31 -8.22
N PRO B 3 -0.43 4.69 -7.19
CA PRO B 3 -1.16 4.32 -5.97
C PRO B 3 -1.63 5.55 -5.21
N PRO B 4 -2.83 5.48 -4.62
CA PRO B 4 -3.48 6.61 -3.94
C PRO B 4 -2.56 7.31 -2.94
N PRO B 5 -2.67 8.65 -2.87
CA PRO B 5 -1.86 9.48 -1.98
C PRO B 5 -1.83 8.96 -0.54
N TYR B 6 -0.64 8.87 0.01
CA TYR B 6 -0.43 8.40 1.38
C TYR B 6 -1.06 9.36 2.41
N SER B 7 -1.47 10.53 1.94
CA SER B 7 -2.10 11.52 2.79
C SER B 7 -3.37 10.98 3.44
N ARG B 8 -4.28 10.43 2.64
CA ARG B 8 -5.49 9.83 3.17
C ARG B 8 -5.98 8.68 2.29
N TYR B 9 -6.89 7.88 2.84
CA TYR B 9 -7.30 6.63 2.21
C TYR B 9 -8.47 6.88 1.28
N PRO B 10 -8.37 6.39 0.04
CA PRO B 10 -9.45 6.50 -0.94
C PRO B 10 -10.67 5.66 -0.56
N MET B 11 -11.71 6.32 -0.11
CA MET B 11 -12.94 5.65 0.28
C MET B 11 -13.99 5.83 -0.81
N ASP B 12 -13.64 6.65 -1.79
CA ASP B 12 -14.50 6.92 -2.94
C ASP B 12 -13.90 6.32 -4.19
N GLY A 1 0.62 -11.57 3.41
CA GLY A 1 1.90 -12.15 3.88
C GLY A 1 2.65 -11.21 4.81
N PRO A 2 3.82 -11.61 5.30
CA PRO A 2 4.64 -10.77 6.19
C PRO A 2 5.38 -9.68 5.44
N LEU A 3 5.09 -8.43 5.78
CA LEU A 3 5.75 -7.30 5.14
C LEU A 3 6.93 -6.78 5.96
N PRO A 4 7.84 -6.01 5.32
CA PRO A 4 9.06 -5.48 5.97
C PRO A 4 8.76 -4.57 7.17
N ASP A 5 7.48 -4.24 7.36
CA ASP A 5 6.99 -3.50 8.53
C ASP A 5 7.03 -2.01 8.31
N GLY A 6 7.30 -1.61 7.08
CA GLY A 6 7.20 -0.21 6.72
C GLY A 6 5.82 0.11 6.16
N TRP A 7 5.14 -0.91 5.65
CA TRP A 7 3.89 -0.72 4.94
C TRP A 7 2.87 -1.80 5.21
N GLU A 8 1.60 -1.37 5.14
CA GLU A 8 0.46 -2.22 5.39
C GLU A 8 -0.49 -2.18 4.18
N GLN A 9 -1.11 -3.30 3.88
CA GLN A 9 -1.93 -3.44 2.68
C GLN A 9 -3.40 -3.05 2.95
N ALA A 10 -3.87 -1.98 2.32
CA ALA A 10 -5.25 -1.53 2.47
C ALA A 10 -5.98 -1.67 1.15
N MET A 11 -7.28 -1.90 1.19
CA MET A 11 -8.05 -2.09 -0.03
C MET A 11 -8.89 -0.87 -0.36
N THR A 12 -8.77 -0.38 -1.59
CA THR A 12 -9.59 0.73 -2.04
C THR A 12 -10.88 0.20 -2.66
N GLN A 13 -11.95 0.98 -2.54
CA GLN A 13 -13.28 0.55 -2.97
C GLN A 13 -13.35 0.38 -4.50
N ASP A 14 -12.30 0.82 -5.19
CA ASP A 14 -12.22 0.63 -6.64
C ASP A 14 -11.93 -0.83 -6.95
N GLY A 15 -11.59 -1.59 -5.91
CA GLY A 15 -11.33 -3.01 -6.07
C GLY A 15 -9.86 -3.33 -6.24
N GLU A 16 -9.01 -2.57 -5.57
CA GLU A 16 -7.56 -2.78 -5.67
C GLU A 16 -6.91 -2.67 -4.30
N ILE A 17 -5.84 -3.44 -4.11
CA ILE A 17 -5.10 -3.41 -2.86
C ILE A 17 -3.85 -2.53 -3.03
N TYR A 18 -3.57 -1.68 -2.05
CA TYR A 18 -2.42 -0.80 -2.13
C TYR A 18 -1.69 -0.73 -0.78
N TYR A 19 -0.36 -0.69 -0.82
CA TYR A 19 0.46 -0.61 0.38
C TYR A 19 0.83 0.82 0.70
N ILE A 20 0.46 1.27 1.88
CA ILE A 20 0.86 2.57 2.36
C ILE A 20 2.03 2.42 3.32
N ASN A 21 3.17 3.01 2.95
CA ASN A 21 4.37 2.91 3.77
C ASN A 21 4.39 4.07 4.77
N HIS A 22 4.17 3.78 6.07
CA HIS A 22 4.00 4.83 7.07
C HIS A 22 5.34 5.41 7.49
N LYS A 23 6.41 4.70 7.15
CA LYS A 23 7.76 5.14 7.52
C LYS A 23 8.38 6.05 6.46
N ASN A 24 8.20 5.70 5.20
CA ASN A 24 8.79 6.46 4.10
C ASN A 24 7.78 7.39 3.45
N LYS A 25 6.50 7.24 3.82
CA LYS A 25 5.43 8.07 3.25
C LYS A 25 5.30 7.78 1.75
N THR A 26 5.45 6.51 1.41
CA THR A 26 5.46 6.09 0.00
C THR A 26 4.37 5.05 -0.27
N THR A 27 3.85 5.03 -1.50
CA THR A 27 2.82 4.07 -1.86
C THR A 27 3.32 3.09 -2.93
N SER A 28 3.08 1.81 -2.70
CA SER A 28 3.43 0.75 -3.64
C SER A 28 2.29 -0.26 -3.70
N TRP A 29 1.98 -0.78 -4.87
CA TRP A 29 0.81 -1.64 -5.04
C TRP A 29 0.88 -2.93 -4.23
N LEU A 30 1.85 -3.77 -4.53
CA LEU A 30 1.86 -5.17 -4.09
C LEU A 30 3.05 -5.53 -3.22
N ASP A 31 2.88 -6.64 -2.48
CA ASP A 31 3.84 -7.07 -1.46
C ASP A 31 5.21 -7.30 -2.07
N PRO A 32 6.18 -6.48 -1.63
CA PRO A 32 7.55 -6.47 -2.13
C PRO A 32 8.41 -7.58 -1.56
N ARG A 33 7.92 -8.21 -0.51
CA ARG A 33 8.64 -9.27 0.18
C ARG A 33 8.51 -10.58 -0.60
N LEU A 34 7.57 -10.60 -1.55
CA LEU A 34 7.39 -11.74 -2.44
C LEU A 34 8.43 -11.77 -3.55
N ASP A 35 9.08 -10.63 -3.78
CA ASP A 35 10.08 -10.53 -4.85
C ASP A 35 11.30 -11.45 -4.65
N PRO A 36 11.93 -11.43 -3.46
CA PRO A 36 13.08 -12.29 -3.16
C PRO A 36 12.68 -13.77 -3.13
N SER B 1 0.56 2.31 -13.32
CA SER B 1 -0.60 3.08 -12.81
C SER B 1 -0.31 3.60 -11.40
N PRO B 2 -0.47 4.92 -11.19
CA PRO B 2 -0.23 5.54 -9.88
C PRO B 2 -1.22 5.05 -8.82
N PRO B 3 -0.71 4.56 -7.69
CA PRO B 3 -1.54 4.11 -6.57
C PRO B 3 -2.07 5.30 -5.77
N PRO B 4 -3.27 5.14 -5.16
CA PRO B 4 -3.88 6.18 -4.33
C PRO B 4 -2.91 6.77 -3.31
N PRO B 5 -2.77 8.11 -3.29
CA PRO B 5 -1.84 8.81 -2.42
C PRO B 5 -1.92 8.39 -0.95
N TYR B 6 -0.76 8.18 -0.35
CA TYR B 6 -0.66 7.78 1.05
C TYR B 6 -1.19 8.86 2.00
N SER B 7 -1.47 10.03 1.47
CA SER B 7 -1.95 11.15 2.28
C SER B 7 -3.27 10.80 2.98
N ARG B 8 -4.24 10.30 2.23
CA ARG B 8 -5.49 9.83 2.83
C ARG B 8 -6.12 8.71 2.03
N TYR B 9 -7.07 8.03 2.64
CA TYR B 9 -7.63 6.80 2.07
C TYR B 9 -8.83 7.13 1.20
N PRO B 10 -8.83 6.60 -0.03
CA PRO B 10 -9.86 6.88 -1.03
C PRO B 10 -11.23 6.31 -0.68
N MET B 11 -11.32 5.63 0.45
CA MET B 11 -12.59 5.08 0.91
C MET B 11 -13.14 5.93 2.06
N ASP B 12 -13.02 5.43 3.28
CA ASP B 12 -13.48 6.16 4.46
C ASP B 12 -12.42 6.05 5.56
N GLY A 1 4.30 -12.41 1.18
CA GLY A 1 4.50 -12.90 2.57
C GLY A 1 4.15 -11.83 3.59
N PRO A 2 4.72 -11.91 4.80
CA PRO A 2 4.60 -10.85 5.79
C PRO A 2 5.38 -9.62 5.33
N LEU A 3 4.74 -8.47 5.32
CA LEU A 3 5.33 -7.27 4.74
C LEU A 3 6.49 -6.76 5.57
N PRO A 4 7.34 -5.93 4.96
CA PRO A 4 8.56 -5.38 5.61
C PRO A 4 8.22 -4.54 6.87
N ASP A 5 6.93 -4.29 7.07
CA ASP A 5 6.40 -3.60 8.27
C ASP A 5 6.48 -2.10 8.14
N GLY A 6 6.79 -1.63 6.95
CA GLY A 6 6.75 -0.21 6.68
C GLY A 6 5.39 0.19 6.15
N TRP A 7 4.61 -0.79 5.76
CA TRP A 7 3.35 -0.57 5.09
C TRP A 7 2.29 -1.61 5.41
N GLU A 8 1.04 -1.15 5.42
CA GLU A 8 -0.11 -1.95 5.77
C GLU A 8 -1.03 -2.01 4.55
N GLN A 9 -1.69 -3.14 4.31
CA GLN A 9 -2.49 -3.33 3.11
C GLN A 9 -3.94 -2.87 3.35
N ALA A 10 -4.36 -1.78 2.70
CA ALA A 10 -5.72 -1.31 2.79
C ALA A 10 -6.43 -1.54 1.46
N MET A 11 -7.74 -1.76 1.51
CA MET A 11 -8.51 -2.08 0.32
C MET A 11 -9.26 -0.84 -0.18
N THR A 12 -9.02 -0.47 -1.43
CA THR A 12 -9.77 0.60 -2.04
C THR A 12 -11.00 0.02 -2.74
N GLN A 13 -12.09 0.78 -2.75
CA GLN A 13 -13.38 0.29 -3.20
C GLN A 13 -13.39 0.00 -4.71
N ASP A 14 -12.35 0.43 -5.40
CA ASP A 14 -12.22 0.20 -6.83
C ASP A 14 -11.80 -1.25 -7.10
N GLY A 15 -11.57 -1.99 -6.03
CA GLY A 15 -11.28 -3.42 -6.15
C GLY A 15 -9.80 -3.73 -6.14
N GLU A 16 -9.02 -2.91 -5.45
CA GLU A 16 -7.58 -3.10 -5.40
C GLU A 16 -7.04 -2.82 -4.01
N ILE A 17 -5.96 -3.49 -3.65
CA ILE A 17 -5.34 -3.29 -2.35
C ILE A 17 -4.07 -2.47 -2.50
N TYR A 18 -3.79 -1.59 -1.54
CA TYR A 18 -2.63 -0.74 -1.61
C TYR A 18 -1.92 -0.68 -0.25
N TYR A 19 -0.58 -0.67 -0.26
CA TYR A 19 0.20 -0.62 0.95
C TYR A 19 0.62 0.82 1.27
N ILE A 20 0.20 1.29 2.43
CA ILE A 20 0.57 2.62 2.89
C ILE A 20 1.86 2.56 3.72
N ASN A 21 2.93 3.11 3.19
CA ASN A 21 4.23 3.02 3.86
C ASN A 21 4.42 4.22 4.81
N HIS A 22 4.38 3.99 6.14
CA HIS A 22 4.47 5.07 7.11
C HIS A 22 5.92 5.48 7.33
N LYS A 23 6.84 4.60 6.92
CA LYS A 23 8.26 4.81 7.17
C LYS A 23 8.86 5.72 6.10
N ASN A 24 8.40 5.57 4.88
CA ASN A 24 8.93 6.36 3.77
C ASN A 24 7.86 7.28 3.18
N LYS A 25 6.64 7.18 3.68
CA LYS A 25 5.52 8.00 3.20
C LYS A 25 5.25 7.68 1.73
N THR A 26 5.44 6.42 1.36
CA THR A 26 5.38 6.01 -0.03
C THR A 26 4.23 5.02 -0.28
N THR A 27 3.69 5.03 -1.49
CA THR A 27 2.59 4.13 -1.82
C THR A 27 3.05 3.05 -2.80
N SER A 28 2.68 1.81 -2.51
CA SER A 28 3.00 0.68 -3.39
C SER A 28 1.80 -0.25 -3.44
N TRP A 29 1.58 -0.92 -4.56
CA TRP A 29 0.43 -1.79 -4.72
C TRP A 29 0.54 -3.07 -3.88
N LEU A 30 1.46 -3.94 -4.27
CA LEU A 30 1.54 -5.29 -3.73
C LEU A 30 2.85 -5.55 -3.02
N ASP A 31 2.83 -6.58 -2.17
CA ASP A 31 3.95 -6.92 -1.32
C ASP A 31 5.20 -7.23 -2.15
N PRO A 32 6.25 -6.41 -1.94
CA PRO A 32 7.53 -6.57 -2.59
C PRO A 32 8.40 -7.65 -1.94
N ARG A 33 7.98 -8.14 -0.78
CA ARG A 33 8.71 -9.17 -0.05
C ARG A 33 8.81 -10.47 -0.86
N LEU A 34 8.07 -10.53 -1.96
CA LEU A 34 8.19 -11.62 -2.94
C LEU A 34 9.55 -11.57 -3.67
N ASP A 35 10.30 -10.48 -3.46
CA ASP A 35 11.54 -10.22 -4.23
C ASP A 35 12.64 -11.31 -4.12
N PRO A 36 12.77 -12.07 -3.00
CA PRO A 36 13.72 -13.19 -2.93
C PRO A 36 13.34 -14.31 -3.90
N SER B 1 -0.10 2.04 -13.41
CA SER B 1 -1.22 2.62 -12.66
C SER B 1 -0.75 3.16 -11.32
N PRO B 2 -0.92 4.47 -11.08
CA PRO B 2 -0.49 5.12 -9.84
C PRO B 2 -1.38 4.75 -8.66
N PRO B 3 -0.77 4.28 -7.54
CA PRO B 3 -1.50 3.95 -6.33
C PRO B 3 -2.03 5.19 -5.64
N PRO B 4 -3.25 5.12 -5.07
CA PRO B 4 -3.87 6.23 -4.33
C PRO B 4 -2.93 6.81 -3.28
N PRO B 5 -2.75 8.14 -3.28
CA PRO B 5 -1.79 8.83 -2.42
C PRO B 5 -1.88 8.41 -0.95
N TYR B 6 -0.72 8.09 -0.39
CA TYR B 6 -0.60 7.65 1.00
C TYR B 6 -1.07 8.73 1.99
N SER B 7 -1.27 9.95 1.50
CA SER B 7 -1.67 11.05 2.35
C SER B 7 -3.01 10.77 3.04
N ARG B 8 -3.99 10.29 2.28
CA ARG B 8 -5.28 9.91 2.85
C ARG B 8 -5.91 8.78 2.06
N TYR B 9 -6.93 8.16 2.63
CA TYR B 9 -7.51 6.95 2.06
C TYR B 9 -8.63 7.33 1.09
N PRO B 10 -8.64 6.70 -0.09
CA PRO B 10 -9.67 6.90 -1.11
C PRO B 10 -11.05 6.35 -0.68
N MET B 11 -11.19 6.04 0.61
CA MET B 11 -12.45 5.54 1.14
C MET B 11 -13.21 6.65 1.87
N ASP B 12 -12.49 7.72 2.20
CA ASP B 12 -13.09 8.84 2.90
C ASP B 12 -13.57 9.89 1.93
N GLY A 1 3.06 -12.00 1.28
CA GLY A 1 3.61 -12.63 2.50
C GLY A 1 3.72 -11.63 3.63
N PRO A 2 4.64 -11.85 4.59
CA PRO A 2 4.89 -10.88 5.65
C PRO A 2 5.64 -9.66 5.13
N LEU A 3 5.03 -8.48 5.27
CA LEU A 3 5.60 -7.27 4.70
C LEU A 3 6.77 -6.76 5.53
N PRO A 4 7.62 -5.90 4.93
CA PRO A 4 8.84 -5.36 5.58
C PRO A 4 8.55 -4.55 6.86
N ASP A 5 7.26 -4.30 7.10
CA ASP A 5 6.78 -3.58 8.30
C ASP A 5 6.87 -2.07 8.12
N GLY A 6 7.15 -1.65 6.90
CA GLY A 6 7.08 -0.23 6.61
C GLY A 6 5.69 0.14 6.15
N TRP A 7 4.96 -0.85 5.65
CA TRP A 7 3.66 -0.63 5.04
C TRP A 7 2.64 -1.70 5.38
N GLU A 8 1.40 -1.26 5.40
CA GLU A 8 0.26 -2.09 5.72
C GLU A 8 -0.75 -2.00 4.58
N GLN A 9 -1.44 -3.09 4.28
CA GLN A 9 -2.31 -3.13 3.11
C GLN A 9 -3.73 -2.66 3.45
N ALA A 10 -4.24 -1.67 2.71
CA ALA A 10 -5.56 -1.13 2.93
C ALA A 10 -6.48 -1.49 1.76
N MET A 11 -7.76 -1.63 2.05
CA MET A 11 -8.75 -1.99 1.04
C MET A 11 -9.46 -0.75 0.52
N THR A 12 -9.48 -0.60 -0.80
CA THR A 12 -10.31 0.42 -1.42
C THR A 12 -11.39 -0.23 -2.27
N GLN A 13 -12.60 0.34 -2.20
CA GLN A 13 -13.78 -0.23 -2.85
C GLN A 13 -13.64 -0.25 -4.37
N ASP A 14 -12.60 0.40 -4.89
CA ASP A 14 -12.27 0.33 -6.31
C ASP A 14 -11.91 -1.10 -6.69
N GLY A 15 -11.70 -1.94 -5.67
CA GLY A 15 -11.42 -3.34 -5.89
C GLY A 15 -9.93 -3.65 -5.85
N GLU A 16 -9.14 -2.75 -5.25
CA GLU A 16 -7.69 -2.88 -5.26
C GLU A 16 -7.12 -2.76 -3.86
N ILE A 17 -6.00 -3.42 -3.62
CA ILE A 17 -5.32 -3.32 -2.33
C ILE A 17 -4.01 -2.55 -2.52
N TYR A 18 -3.65 -1.73 -1.54
CA TYR A 18 -2.45 -0.91 -1.66
C TYR A 18 -1.70 -0.83 -0.32
N TYR A 19 -0.37 -0.85 -0.38
CA TYR A 19 0.45 -0.71 0.81
C TYR A 19 0.83 0.73 1.06
N ILE A 20 0.30 1.27 2.15
CA ILE A 20 0.69 2.60 2.59
C ILE A 20 1.89 2.51 3.52
N ASN A 21 3.00 3.06 3.10
CA ASN A 21 4.23 2.96 3.87
C ASN A 21 4.31 4.14 4.83
N HIS A 22 4.14 3.89 6.15
CA HIS A 22 4.08 4.95 7.13
C HIS A 22 5.48 5.47 7.47
N LYS A 23 6.49 4.67 7.13
CA LYS A 23 7.88 5.02 7.44
C LYS A 23 8.53 5.86 6.33
N ASN A 24 8.09 5.65 5.09
CA ASN A 24 8.68 6.36 3.95
C ASN A 24 7.65 7.27 3.27
N LYS A 25 6.40 7.19 3.71
CA LYS A 25 5.32 8.02 3.16
C LYS A 25 5.16 7.75 1.65
N THR A 26 5.12 6.47 1.30
CA THR A 26 5.03 6.08 -0.10
C THR A 26 4.02 4.94 -0.28
N THR A 27 3.38 4.87 -1.45
CA THR A 27 2.38 3.85 -1.70
C THR A 27 2.87 2.86 -2.76
N SER A 28 2.64 1.58 -2.53
CA SER A 28 2.98 0.53 -3.48
C SER A 28 1.92 -0.57 -3.44
N TRP A 29 1.45 -1.01 -4.60
CA TRP A 29 0.28 -1.90 -4.67
C TRP A 29 0.49 -3.22 -3.92
N LEU A 30 1.37 -4.07 -4.43
CA LEU A 30 1.48 -5.43 -3.92
C LEU A 30 2.81 -5.71 -3.23
N ASP A 31 2.79 -6.77 -2.41
CA ASP A 31 3.89 -7.10 -1.51
C ASP A 31 5.21 -7.34 -2.24
N PRO A 32 6.19 -6.48 -1.98
CA PRO A 32 7.53 -6.56 -2.56
C PRO A 32 8.42 -7.58 -1.84
N ARG A 33 7.97 -8.11 -0.70
CA ARG A 33 8.75 -9.10 0.02
C ARG A 33 8.72 -10.44 -0.72
N LEU A 34 7.86 -10.52 -1.73
CA LEU A 34 7.80 -11.67 -2.62
C LEU A 34 8.91 -11.61 -3.67
N ASP A 35 9.58 -10.46 -3.74
CA ASP A 35 10.66 -10.28 -4.72
C ASP A 35 11.79 -11.29 -4.56
N PRO A 36 12.33 -11.49 -3.33
CA PRO A 36 13.33 -12.54 -3.07
C PRO A 36 12.77 -13.94 -3.35
N SER B 1 0.29 1.54 -12.78
CA SER B 1 -0.59 2.65 -12.35
C SER B 1 -0.11 3.24 -11.04
N PRO B 2 0.09 4.57 -10.99
CA PRO B 2 0.50 5.25 -9.77
C PRO B 2 -0.53 5.09 -8.66
N PRO B 3 -0.13 4.52 -7.51
CA PRO B 3 -1.04 4.25 -6.41
C PRO B 3 -1.49 5.54 -5.72
N PRO B 4 -2.74 5.56 -5.22
CA PRO B 4 -3.33 6.72 -4.55
C PRO B 4 -2.43 7.29 -3.45
N PRO B 5 -2.43 8.62 -3.29
CA PRO B 5 -1.62 9.32 -2.30
C PRO B 5 -1.77 8.73 -0.89
N TYR B 6 -0.64 8.40 -0.29
CA TYR B 6 -0.61 7.81 1.05
C TYR B 6 -1.19 8.75 2.11
N SER B 7 -1.43 10.01 1.73
CA SER B 7 -1.92 11.00 2.66
C SER B 7 -3.33 10.66 3.15
N ARG B 8 -4.17 10.14 2.26
CA ARG B 8 -5.51 9.73 2.65
C ARG B 8 -6.01 8.58 1.78
N TYR B 9 -7.07 7.93 2.24
CA TYR B 9 -7.60 6.74 1.57
C TYR B 9 -8.63 7.16 0.53
N PRO B 10 -8.66 6.48 -0.63
CA PRO B 10 -9.59 6.80 -1.71
C PRO B 10 -11.01 6.37 -1.39
N MET B 11 -11.18 5.80 -0.20
CA MET B 11 -12.47 5.32 0.26
C MET B 11 -12.96 6.19 1.42
N ASP B 12 -12.21 7.23 1.71
CA ASP B 12 -12.54 8.16 2.80
C ASP B 12 -13.41 9.28 2.26
N GLY A 1 2.84 -11.60 1.59
CA GLY A 1 3.26 -12.33 2.80
C GLY A 1 3.68 -11.41 3.91
N PRO A 2 4.85 -11.63 4.52
CA PRO A 2 5.39 -10.75 5.55
C PRO A 2 6.07 -9.52 4.94
N LEU A 3 5.45 -8.37 5.13
CA LEU A 3 5.97 -7.12 4.58
C LEU A 3 7.14 -6.60 5.39
N PRO A 4 7.95 -5.70 4.80
CA PRO A 4 9.16 -5.13 5.45
C PRO A 4 8.85 -4.39 6.75
N ASP A 5 7.55 -4.20 7.02
CA ASP A 5 7.05 -3.60 8.27
C ASP A 5 7.11 -2.08 8.20
N GLY A 6 7.39 -1.57 7.02
CA GLY A 6 7.30 -0.14 6.80
C GLY A 6 5.91 0.24 6.35
N TRP A 7 5.16 -0.73 5.88
CA TRP A 7 3.85 -0.50 5.30
C TRP A 7 2.82 -1.56 5.63
N GLU A 8 1.57 -1.10 5.69
CA GLU A 8 0.42 -1.92 5.99
C GLU A 8 -0.48 -1.99 4.76
N GLN A 9 -1.11 -3.13 4.53
CA GLN A 9 -1.94 -3.33 3.34
C GLN A 9 -3.39 -2.90 3.61
N ALA A 10 -3.85 -1.85 2.91
CA ALA A 10 -5.21 -1.38 3.06
C ALA A 10 -6.00 -1.64 1.78
N MET A 11 -7.30 -1.84 1.91
CA MET A 11 -8.14 -2.17 0.76
C MET A 11 -8.97 -0.96 0.36
N THR A 12 -8.86 -0.56 -0.90
CA THR A 12 -9.70 0.50 -1.43
C THR A 12 -10.97 -0.08 -2.03
N GLN A 13 -12.04 0.70 -1.96
CA GLN A 13 -13.38 0.26 -2.36
C GLN A 13 -13.45 -0.06 -3.85
N ASP A 14 -12.41 0.30 -4.59
CA ASP A 14 -12.33 -0.03 -6.01
C ASP A 14 -12.06 -1.52 -6.18
N GLY A 15 -11.62 -2.16 -5.11
CA GLY A 15 -11.31 -3.58 -5.17
C GLY A 15 -9.83 -3.85 -5.37
N GLU A 16 -8.99 -3.07 -4.70
CA GLU A 16 -7.54 -3.24 -4.78
C GLU A 16 -6.89 -2.95 -3.44
N ILE A 17 -5.78 -3.60 -3.17
CA ILE A 17 -5.04 -3.36 -1.94
C ILE A 17 -3.79 -2.54 -2.21
N TYR A 18 -3.44 -1.68 -1.27
CA TYR A 18 -2.28 -0.83 -1.42
C TYR A 18 -1.52 -0.72 -0.08
N TYR A 19 -0.20 -0.72 -0.15
CA TYR A 19 0.63 -0.62 1.05
C TYR A 19 0.95 0.83 1.34
N ILE A 20 0.46 1.31 2.48
CA ILE A 20 0.78 2.64 2.96
C ILE A 20 2.00 2.58 3.87
N ASN A 21 3.10 3.15 3.42
CA ASN A 21 4.34 3.11 4.17
C ASN A 21 4.39 4.32 5.11
N HIS A 22 4.03 4.13 6.40
CA HIS A 22 3.95 5.23 7.35
C HIS A 22 5.33 5.72 7.76
N LYS A 23 6.35 4.98 7.39
CA LYS A 23 7.72 5.35 7.75
C LYS A 23 8.33 6.24 6.67
N ASN A 24 8.19 5.84 5.41
CA ASN A 24 8.80 6.57 4.31
C ASN A 24 7.78 7.42 3.56
N LYS A 25 6.50 7.32 3.96
CA LYS A 25 5.43 8.11 3.35
C LYS A 25 5.21 7.68 1.89
N THR A 26 5.51 6.42 1.62
CA THR A 26 5.54 5.90 0.26
C THR A 26 4.44 4.87 0.01
N THR A 27 3.96 4.78 -1.23
CA THR A 27 2.90 3.85 -1.58
C THR A 27 3.37 2.81 -2.61
N SER A 28 2.90 1.57 -2.44
CA SER A 28 3.19 0.50 -3.38
C SER A 28 2.00 -0.46 -3.41
N TRP A 29 1.61 -0.92 -4.60
CA TRP A 29 0.42 -1.76 -4.73
C TRP A 29 0.55 -3.06 -3.93
N LEU A 30 1.42 -3.94 -4.38
CA LEU A 30 1.52 -5.29 -3.83
C LEU A 30 2.85 -5.57 -3.16
N ASP A 31 2.84 -6.59 -2.32
CA ASP A 31 3.97 -6.92 -1.45
C ASP A 31 5.23 -7.20 -2.26
N PRO A 32 6.21 -6.31 -2.13
CA PRO A 32 7.47 -6.37 -2.85
C PRO A 32 8.44 -7.36 -2.21
N ARG A 33 8.09 -7.84 -1.04
CA ARG A 33 8.92 -8.80 -0.34
C ARG A 33 8.67 -10.19 -0.93
N LEU A 34 7.57 -10.33 -1.65
CA LEU A 34 7.27 -11.59 -2.35
C LEU A 34 8.05 -11.71 -3.65
N ASP A 35 8.64 -10.60 -4.11
CA ASP A 35 9.41 -10.60 -5.35
C ASP A 35 10.62 -11.55 -5.30
N PRO A 36 11.47 -11.47 -4.24
CA PRO A 36 12.53 -12.45 -4.01
C PRO A 36 11.97 -13.86 -3.85
N SER B 1 -1.60 2.52 -13.58
CA SER B 1 -2.21 3.10 -12.37
C SER B 1 -1.20 3.22 -11.24
N PRO B 2 -0.94 4.45 -10.77
CA PRO B 2 -0.12 4.69 -9.59
C PRO B 2 -0.91 4.43 -8.31
N PRO B 3 -0.25 3.96 -7.24
CA PRO B 3 -0.94 3.68 -5.98
C PRO B 3 -1.43 4.96 -5.33
N PRO B 4 -2.71 4.97 -4.91
CA PRO B 4 -3.34 6.14 -4.28
C PRO B 4 -2.49 6.75 -3.19
N PRO B 5 -2.55 8.09 -3.04
CA PRO B 5 -1.74 8.83 -2.08
C PRO B 5 -1.81 8.23 -0.68
N TYR B 6 -0.63 7.94 -0.12
CA TYR B 6 -0.50 7.34 1.21
C TYR B 6 -1.14 8.23 2.29
N SER B 7 -1.42 9.47 1.96
CA SER B 7 -1.94 10.43 2.91
C SER B 7 -3.28 9.96 3.50
N ARG B 8 -4.19 9.54 2.63
CA ARG B 8 -5.52 9.14 3.09
C ARG B 8 -6.11 8.08 2.16
N TYR B 9 -7.16 7.41 2.62
CA TYR B 9 -7.65 6.20 1.97
C TYR B 9 -8.67 6.56 0.89
N PRO B 10 -8.40 6.14 -0.35
CA PRO B 10 -9.27 6.43 -1.49
C PRO B 10 -10.64 5.78 -1.38
N MET B 11 -11.65 6.61 -1.21
CA MET B 11 -13.04 6.17 -1.18
C MET B 11 -13.93 7.29 -1.69
N ASP B 12 -13.37 8.49 -1.74
CA ASP B 12 -14.05 9.66 -2.27
C ASP B 12 -13.41 10.07 -3.58
N GLY A 1 2.84 -11.87 2.13
CA GLY A 1 2.15 -12.03 3.44
C GLY A 1 2.74 -11.13 4.50
N PRO A 2 3.87 -11.52 5.12
CA PRO A 2 4.57 -10.65 6.06
C PRO A 2 5.31 -9.52 5.33
N LEU A 3 4.91 -8.30 5.59
CA LEU A 3 5.51 -7.14 4.91
C LEU A 3 6.71 -6.61 5.68
N PRO A 4 7.57 -5.82 5.01
CA PRO A 4 8.83 -5.28 5.57
C PRO A 4 8.64 -4.42 6.83
N ASP A 5 7.38 -4.10 7.14
CA ASP A 5 6.99 -3.34 8.35
C ASP A 5 7.02 -1.86 8.13
N GLY A 6 7.18 -1.45 6.89
CA GLY A 6 7.05 -0.05 6.57
C GLY A 6 5.63 0.30 6.19
N TRP A 7 4.91 -0.69 5.68
CA TRP A 7 3.61 -0.46 5.07
C TRP A 7 2.54 -1.48 5.45
N GLU A 8 1.30 -0.97 5.46
CA GLU A 8 0.12 -1.74 5.81
C GLU A 8 -0.78 -1.82 4.58
N GLN A 9 -1.48 -2.93 4.40
CA GLN A 9 -2.28 -3.14 3.19
C GLN A 9 -3.71 -2.62 3.39
N ALA A 10 -4.01 -1.47 2.79
CA ALA A 10 -5.34 -0.89 2.86
C ALA A 10 -6.13 -1.23 1.60
N MET A 11 -7.44 -1.33 1.74
CA MET A 11 -8.31 -1.72 0.64
C MET A 11 -9.16 -0.55 0.18
N THR A 12 -9.19 -0.30 -1.12
CA THR A 12 -10.09 0.71 -1.66
C THR A 12 -11.29 0.01 -2.30
N GLN A 13 -12.47 0.61 -2.14
CA GLN A 13 -13.72 0.03 -2.62
C GLN A 13 -13.73 -0.04 -4.16
N ASP A 14 -12.74 0.61 -4.78
CA ASP A 14 -12.59 0.57 -6.22
C ASP A 14 -12.09 -0.82 -6.65
N GLY A 15 -11.75 -1.64 -5.67
CA GLY A 15 -11.39 -3.02 -5.93
C GLY A 15 -9.90 -3.28 -5.99
N GLU A 16 -9.11 -2.49 -5.26
CA GLU A 16 -7.66 -2.63 -5.28
C GLU A 16 -7.09 -2.42 -3.89
N ILE A 17 -5.97 -3.08 -3.60
CA ILE A 17 -5.32 -2.93 -2.30
C ILE A 17 -3.97 -2.24 -2.47
N TYR A 18 -3.59 -1.44 -1.48
CA TYR A 18 -2.37 -0.65 -1.56
C TYR A 18 -1.67 -0.58 -0.21
N TYR A 19 -0.33 -0.68 -0.21
CA TYR A 19 0.44 -0.60 1.01
C TYR A 19 0.85 0.84 1.30
N ILE A 20 0.40 1.35 2.44
CA ILE A 20 0.77 2.68 2.90
C ILE A 20 2.04 2.61 3.75
N ASN A 21 3.13 3.16 3.23
CA ASN A 21 4.41 3.04 3.92
C ASN A 21 4.61 4.23 4.90
N HIS A 22 4.64 3.97 6.21
CA HIS A 22 4.75 5.02 7.20
C HIS A 22 6.19 5.44 7.40
N LYS A 23 7.11 4.56 7.02
CA LYS A 23 8.54 4.81 7.21
C LYS A 23 9.12 5.59 6.02
N ASN A 24 8.51 5.47 4.86
CA ASN A 24 9.00 6.16 3.67
C ASN A 24 7.99 7.18 3.14
N LYS A 25 6.75 7.12 3.64
CA LYS A 25 5.67 7.98 3.15
C LYS A 25 5.42 7.69 1.66
N THR A 26 5.36 6.41 1.33
CA THR A 26 5.25 5.96 -0.05
C THR A 26 4.10 4.97 -0.20
N THR A 27 3.43 4.95 -1.36
CA THR A 27 2.38 3.97 -1.62
C THR A 27 2.81 2.99 -2.71
N SER A 28 2.74 1.70 -2.40
CA SER A 28 3.01 0.65 -3.38
C SER A 28 1.95 -0.43 -3.25
N TRP A 29 1.40 -0.90 -4.37
CA TRP A 29 0.20 -1.73 -4.36
C TRP A 29 0.38 -3.05 -3.58
N LEU A 30 1.26 -3.91 -4.08
CA LEU A 30 1.33 -5.29 -3.60
C LEU A 30 2.67 -5.62 -2.96
N ASP A 31 2.66 -6.69 -2.17
CA ASP A 31 3.78 -7.07 -1.32
C ASP A 31 5.04 -7.32 -2.13
N PRO A 32 6.04 -6.45 -1.93
CA PRO A 32 7.30 -6.51 -2.64
C PRO A 32 8.26 -7.54 -2.06
N ARG A 33 7.93 -8.10 -0.91
CA ARG A 33 8.79 -9.08 -0.27
C ARG A 33 8.75 -10.42 -1.03
N LEU A 34 7.82 -10.52 -1.96
CA LEU A 34 7.74 -11.68 -2.85
C LEU A 34 8.75 -11.59 -3.99
N ASP A 35 9.39 -10.43 -4.13
CA ASP A 35 10.32 -10.18 -5.23
C ASP A 35 11.46 -11.21 -5.34
N PRO A 36 12.17 -11.50 -4.23
CA PRO A 36 13.24 -12.51 -4.20
C PRO A 36 12.77 -13.87 -4.72
N SER B 1 0.90 1.40 -12.72
CA SER B 1 -0.27 2.14 -12.20
C SER B 1 0.09 2.87 -10.91
N PRO B 2 -0.05 4.21 -10.91
CA PRO B 2 0.25 5.05 -9.75
C PRO B 2 -0.78 4.85 -8.62
N PRO B 3 -0.30 4.48 -7.42
CA PRO B 3 -1.15 4.31 -6.24
C PRO B 3 -1.55 5.64 -5.64
N PRO B 4 -2.76 5.69 -5.04
CA PRO B 4 -3.30 6.89 -4.37
C PRO B 4 -2.33 7.46 -3.32
N PRO B 5 -2.40 8.79 -3.09
CA PRO B 5 -1.57 9.48 -2.11
C PRO B 5 -1.67 8.85 -0.71
N TYR B 6 -0.51 8.58 -0.13
CA TYR B 6 -0.40 7.94 1.18
C TYR B 6 -0.99 8.81 2.31
N SER B 7 -1.29 10.06 2.01
CA SER B 7 -1.77 10.99 3.02
C SER B 7 -3.06 10.52 3.69
N ARG B 8 -3.99 9.96 2.90
CA ARG B 8 -5.20 9.40 3.46
C ARG B 8 -5.72 8.25 2.63
N TYR B 9 -6.64 7.47 3.20
CA TYR B 9 -7.12 6.25 2.57
C TYR B 9 -8.32 6.54 1.69
N PRO B 10 -8.17 6.35 0.37
CA PRO B 10 -9.30 6.41 -0.55
C PRO B 10 -10.21 5.19 -0.39
N MET B 11 -11.33 5.39 0.30
CA MET B 11 -12.23 4.28 0.57
C MET B 11 -13.39 4.31 -0.42
N ASP B 12 -13.57 5.45 -1.05
CA ASP B 12 -14.63 5.62 -2.04
C ASP B 12 -14.10 6.36 -3.25
N GLY A 1 1.64 -10.16 2.70
CA GLY A 1 1.86 -11.12 3.81
C GLY A 1 2.87 -10.60 4.81
N PRO A 2 4.11 -11.11 4.76
CA PRO A 2 5.20 -10.58 5.55
C PRO A 2 5.86 -9.39 4.85
N LEU A 3 5.90 -8.25 5.51
CA LEU A 3 6.43 -7.04 4.91
C LEU A 3 7.62 -6.48 5.69
N PRO A 4 8.44 -5.61 5.05
CA PRO A 4 9.65 -5.02 5.66
C PRO A 4 9.37 -4.20 6.93
N ASP A 5 8.09 -3.97 7.21
CA ASP A 5 7.62 -3.25 8.40
C ASP A 5 7.61 -1.76 8.13
N GLY A 6 7.78 -1.40 6.87
CA GLY A 6 7.59 -0.04 6.46
C GLY A 6 6.17 0.18 5.97
N TRP A 7 5.62 -0.84 5.31
CA TRP A 7 4.30 -0.73 4.73
C TRP A 7 3.36 -1.86 5.11
N GLU A 8 2.09 -1.50 5.14
CA GLU A 8 1.01 -2.34 5.60
C GLU A 8 -0.16 -2.17 4.62
N GLN A 9 -0.82 -3.27 4.27
CA GLN A 9 -1.73 -3.29 3.13
C GLN A 9 -3.17 -2.93 3.52
N ALA A 10 -3.78 -2.01 2.77
CA ALA A 10 -5.17 -1.64 2.97
C ALA A 10 -5.96 -1.85 1.68
N MET A 11 -7.23 -2.15 1.80
CA MET A 11 -8.06 -2.45 0.62
C MET A 11 -8.95 -1.27 0.27
N THR A 12 -8.92 -0.85 -1.00
CA THR A 12 -9.85 0.17 -1.46
C THR A 12 -11.01 -0.47 -2.21
N GLN A 13 -12.19 0.10 -2.04
CA GLN A 13 -13.41 -0.43 -2.62
C GLN A 13 -13.40 -0.33 -4.14
N ASP A 14 -12.40 0.39 -4.67
CA ASP A 14 -12.20 0.50 -6.10
C ASP A 14 -11.80 -0.87 -6.68
N GLY A 15 -11.53 -1.82 -5.79
CA GLY A 15 -11.26 -3.19 -6.21
C GLY A 15 -9.79 -3.55 -6.20
N GLU A 16 -8.98 -2.84 -5.42
CA GLU A 16 -7.54 -3.10 -5.40
C GLU A 16 -6.98 -2.91 -4.00
N ILE A 17 -5.93 -3.65 -3.69
CA ILE A 17 -5.23 -3.49 -2.42
C ILE A 17 -3.99 -2.63 -2.65
N TYR A 18 -3.66 -1.79 -1.68
CA TYR A 18 -2.55 -0.88 -1.84
C TYR A 18 -1.68 -0.84 -0.56
N TYR A 19 -0.37 -0.74 -0.73
CA TYR A 19 0.56 -0.68 0.39
C TYR A 19 0.95 0.76 0.70
N ILE A 20 0.58 1.21 1.88
CA ILE A 20 1.02 2.49 2.37
C ILE A 20 2.27 2.33 3.23
N ASN A 21 3.34 3.00 2.88
CA ASN A 21 4.57 2.93 3.66
C ASN A 21 4.53 4.02 4.72
N HIS A 22 4.45 3.63 6.01
CA HIS A 22 4.15 4.58 7.08
C HIS A 22 5.42 5.26 7.54
N LYS A 23 6.55 4.75 7.08
CA LYS A 23 7.85 5.30 7.44
C LYS A 23 8.26 6.39 6.46
N ASN A 24 8.20 6.06 5.17
CA ASN A 24 8.65 6.97 4.13
C ASN A 24 7.49 7.78 3.55
N LYS A 25 6.26 7.43 3.97
CA LYS A 25 5.05 8.11 3.49
C LYS A 25 4.93 7.94 1.96
N THR A 26 5.24 6.72 1.51
CA THR A 26 5.29 6.41 0.08
C THR A 26 4.34 5.25 -0.24
N THR A 27 3.72 5.26 -1.43
CA THR A 27 2.80 4.19 -1.79
C THR A 27 3.37 3.25 -2.84
N SER A 28 2.97 1.98 -2.74
CA SER A 28 3.31 0.95 -3.71
C SER A 28 2.18 -0.07 -3.73
N TRP A 29 1.94 -0.71 -4.86
CA TRP A 29 0.78 -1.59 -5.00
C TRP A 29 0.90 -2.88 -4.18
N LEU A 30 1.85 -3.75 -4.54
CA LEU A 30 1.85 -5.12 -4.02
C LEU A 30 3.08 -5.47 -3.20
N ASP A 31 2.92 -6.53 -2.40
CA ASP A 31 3.90 -6.99 -1.42
C ASP A 31 5.24 -7.33 -2.08
N PRO A 32 6.26 -6.51 -1.79
CA PRO A 32 7.61 -6.66 -2.34
C PRO A 32 8.46 -7.74 -1.66
N ARG A 33 8.09 -8.17 -0.46
CA ARG A 33 8.88 -9.16 0.26
C ARG A 33 8.59 -10.57 -0.26
N LEU A 34 7.40 -10.75 -0.82
CA LEU A 34 7.04 -12.01 -1.46
C LEU A 34 7.63 -12.10 -2.87
N ASP A 35 8.17 -10.97 -3.33
CA ASP A 35 8.74 -10.87 -4.69
C ASP A 35 9.85 -11.90 -4.95
N PRO A 36 10.86 -12.02 -4.07
CA PRO A 36 11.93 -13.01 -4.22
C PRO A 36 11.40 -14.45 -4.30
N SER B 1 -1.23 3.15 -13.33
CA SER B 1 -1.93 3.95 -12.30
C SER B 1 -1.14 3.95 -10.99
N PRO B 2 -0.75 5.14 -10.51
CA PRO B 2 -0.07 5.30 -9.22
C PRO B 2 -0.97 4.91 -8.06
N PRO B 3 -0.40 4.25 -7.02
CA PRO B 3 -1.16 3.83 -5.85
C PRO B 3 -1.68 5.03 -5.07
N PRO B 4 -2.95 5.00 -4.63
CA PRO B 4 -3.59 6.10 -3.91
C PRO B 4 -2.73 6.61 -2.76
N PRO B 5 -2.57 7.94 -2.67
CA PRO B 5 -1.66 8.60 -1.72
C PRO B 5 -1.79 8.09 -0.29
N TYR B 6 -0.63 7.94 0.35
CA TYR B 6 -0.55 7.44 1.73
C TYR B 6 -1.11 8.48 2.72
N SER B 7 -1.38 9.67 2.23
CA SER B 7 -1.88 10.75 3.06
C SER B 7 -3.23 10.39 3.69
N ARG B 8 -4.14 9.85 2.89
CA ARG B 8 -5.41 9.38 3.41
C ARG B 8 -5.96 8.22 2.58
N TYR B 9 -6.94 7.53 3.14
CA TYR B 9 -7.46 6.31 2.54
C TYR B 9 -8.61 6.65 1.61
N PRO B 10 -8.53 6.22 0.34
CA PRO B 10 -9.55 6.51 -0.66
C PRO B 10 -10.92 5.95 -0.28
N MET B 11 -11.87 6.85 -0.08
CA MET B 11 -13.25 6.45 0.22
C MET B 11 -14.12 6.70 -1.01
N ASP B 12 -13.47 7.18 -2.06
CA ASP B 12 -14.13 7.45 -3.32
C ASP B 12 -14.08 6.22 -4.19
N GLY A 1 1.34 -10.80 1.81
CA GLY A 1 1.85 -11.74 2.82
C GLY A 1 2.43 -11.01 4.02
N PRO A 2 3.64 -11.39 4.44
CA PRO A 2 4.36 -10.70 5.51
C PRO A 2 5.18 -9.55 4.93
N LEU A 3 5.09 -8.38 5.54
CA LEU A 3 5.76 -7.20 5.00
C LEU A 3 6.92 -6.75 5.87
N PRO A 4 7.85 -5.94 5.29
CA PRO A 4 9.05 -5.43 5.99
C PRO A 4 8.73 -4.60 7.23
N ASP A 5 7.45 -4.28 7.40
CA ASP A 5 6.93 -3.55 8.57
C ASP A 5 7.04 -2.06 8.35
N GLY A 6 7.37 -1.69 7.12
CA GLY A 6 7.33 -0.30 6.75
C GLY A 6 5.96 0.09 6.23
N TRP A 7 5.25 -0.88 5.68
CA TRP A 7 3.98 -0.62 5.04
C TRP A 7 2.94 -1.70 5.28
N GLU A 8 1.69 -1.23 5.27
CA GLU A 8 0.52 -2.05 5.51
C GLU A 8 -0.39 -1.98 4.28
N GLN A 9 -1.05 -3.10 3.97
CA GLN A 9 -1.89 -3.18 2.77
C GLN A 9 -3.34 -2.77 3.09
N ALA A 10 -3.80 -1.67 2.49
CA ALA A 10 -5.18 -1.24 2.64
C ALA A 10 -6.00 -1.71 1.45
N MET A 11 -7.26 -2.03 1.70
CA MET A 11 -8.10 -2.67 0.69
C MET A 11 -9.29 -1.77 0.33
N THR A 12 -9.44 -1.48 -0.95
CA THR A 12 -10.59 -0.72 -1.43
C THR A 12 -11.58 -1.64 -2.14
N GLN A 13 -12.87 -1.32 -1.98
CA GLN A 13 -13.97 -2.15 -2.47
C GLN A 13 -13.92 -2.32 -4.00
N ASP A 14 -13.26 -1.38 -4.65
CA ASP A 14 -13.08 -1.45 -6.11
C ASP A 14 -12.29 -2.71 -6.50
N GLY A 15 -11.68 -3.36 -5.52
CA GLY A 15 -10.98 -4.61 -5.77
C GLY A 15 -9.49 -4.42 -5.94
N GLU A 16 -8.92 -3.45 -5.24
CA GLU A 16 -7.48 -3.20 -5.30
C GLU A 16 -6.94 -2.95 -3.91
N ILE A 17 -5.69 -3.31 -3.68
CA ILE A 17 -5.04 -3.07 -2.41
C ILE A 17 -3.81 -2.20 -2.62
N TYR A 18 -3.50 -1.35 -1.66
CA TYR A 18 -2.35 -0.46 -1.79
C TYR A 18 -1.59 -0.37 -0.46
N TYR A 19 -0.26 -0.37 -0.53
CA TYR A 19 0.58 -0.29 0.65
C TYR A 19 0.89 1.14 1.04
N ILE A 20 0.42 1.53 2.20
CA ILE A 20 0.75 2.83 2.76
C ILE A 20 1.94 2.70 3.69
N ASN A 21 3.08 3.23 3.27
CA ASN A 21 4.30 3.10 4.04
C ASN A 21 4.41 4.26 5.02
N HIS A 22 4.08 4.02 6.31
CA HIS A 22 4.07 5.08 7.32
C HIS A 22 5.49 5.51 7.69
N LYS A 23 6.46 4.67 7.35
CA LYS A 23 7.86 4.95 7.68
C LYS A 23 8.56 5.79 6.61
N ASN A 24 8.09 5.70 5.37
CA ASN A 24 8.72 6.42 4.28
C ASN A 24 7.75 7.37 3.58
N LYS A 25 6.48 7.34 4.00
CA LYS A 25 5.44 8.18 3.40
C LYS A 25 5.25 7.78 1.92
N THR A 26 5.53 6.52 1.62
CA THR A 26 5.54 6.05 0.24
C THR A 26 4.36 5.10 -0.04
N THR A 27 3.89 5.08 -1.28
CA THR A 27 2.78 4.21 -1.64
C THR A 27 3.19 3.27 -2.78
N SER A 28 2.83 2.00 -2.66
CA SER A 28 3.11 1.01 -3.69
C SER A 28 2.03 -0.07 -3.67
N TRP A 29 1.61 -0.53 -4.84
CA TRP A 29 0.46 -1.43 -4.94
C TRP A 29 0.64 -2.75 -4.18
N LEU A 30 1.55 -3.59 -4.65
CA LEU A 30 1.61 -4.98 -4.22
C LEU A 30 2.83 -5.34 -3.39
N ASP A 31 2.68 -6.47 -2.68
CA ASP A 31 3.64 -6.94 -1.67
C ASP A 31 5.02 -7.15 -2.27
N PRO A 32 5.99 -6.35 -1.80
CA PRO A 32 7.36 -6.37 -2.32
C PRO A 32 8.23 -7.50 -1.77
N ARG A 33 7.81 -8.10 -0.66
CA ARG A 33 8.60 -9.15 -0.03
C ARG A 33 8.39 -10.48 -0.76
N LEU A 34 7.29 -10.59 -1.48
CA LEU A 34 6.97 -11.81 -2.22
C LEU A 34 7.74 -11.87 -3.55
N ASP A 35 8.36 -10.77 -3.95
CA ASP A 35 9.08 -10.70 -5.22
C ASP A 35 10.26 -11.69 -5.31
N PRO A 36 11.17 -11.73 -4.30
CA PRO A 36 12.32 -12.63 -4.31
C PRO A 36 11.92 -14.10 -4.42
N SER B 1 2.06 2.22 -12.51
CA SER B 1 0.91 3.15 -12.35
C SER B 1 0.89 3.72 -10.93
N PRO B 2 0.94 5.06 -10.81
CA PRO B 2 0.96 5.72 -9.50
C PRO B 2 -0.27 5.40 -8.65
N PRO B 3 -0.05 4.80 -7.48
CA PRO B 3 -1.12 4.49 -6.54
C PRO B 3 -1.67 5.75 -5.86
N PRO B 4 -2.89 5.66 -5.29
CA PRO B 4 -3.49 6.76 -4.53
C PRO B 4 -2.56 7.28 -3.44
N PRO B 5 -2.38 8.61 -3.38
CA PRO B 5 -1.46 9.27 -2.44
C PRO B 5 -1.66 8.84 -0.98
N TYR B 6 -0.54 8.55 -0.32
CA TYR B 6 -0.51 8.10 1.06
C TYR B 6 -1.06 9.15 2.04
N SER B 7 -1.29 10.36 1.55
CA SER B 7 -1.76 11.45 2.42
C SER B 7 -3.12 11.12 3.03
N ARG B 8 -4.05 10.64 2.22
CA ARG B 8 -5.34 10.22 2.74
C ARG B 8 -5.92 9.10 1.89
N TYR B 9 -6.93 8.42 2.42
CA TYR B 9 -7.46 7.22 1.79
C TYR B 9 -8.58 7.60 0.82
N PRO B 10 -8.51 7.12 -0.42
CA PRO B 10 -9.48 7.44 -1.48
C PRO B 10 -10.82 6.73 -1.30
N MET B 11 -10.98 6.02 -0.19
CA MET B 11 -12.20 5.24 0.05
C MET B 11 -13.11 5.96 1.04
N ASP B 12 -12.59 7.00 1.68
CA ASP B 12 -13.36 7.73 2.67
C ASP B 12 -13.80 9.08 2.12
N GLY A 1 1.65 -10.73 2.40
CA GLY A 1 2.08 -11.72 3.42
C GLY A 1 2.74 -11.04 4.61
N PRO A 2 3.91 -11.51 5.05
CA PRO A 2 4.69 -10.86 6.09
C PRO A 2 5.55 -9.73 5.51
N LEU A 3 5.10 -8.51 5.69
CA LEU A 3 5.76 -7.36 5.11
C LEU A 3 6.90 -6.83 5.96
N PRO A 4 7.83 -6.05 5.37
CA PRO A 4 8.97 -5.45 6.09
C PRO A 4 8.52 -4.55 7.24
N ASP A 5 7.21 -4.30 7.31
CA ASP A 5 6.58 -3.51 8.37
C ASP A 5 6.74 -2.03 8.13
N GLY A 6 7.22 -1.71 6.94
CA GLY A 6 7.24 -0.33 6.50
C GLY A 6 5.92 0.03 5.87
N TRP A 7 5.22 -0.97 5.37
CA TRP A 7 3.95 -0.77 4.68
C TRP A 7 2.91 -1.83 5.00
N GLU A 8 1.66 -1.38 4.97
CA GLU A 8 0.51 -2.20 5.33
C GLU A 8 -0.48 -2.17 4.15
N GLN A 9 -1.06 -3.32 3.81
CA GLN A 9 -1.96 -3.40 2.65
C GLN A 9 -3.42 -3.13 3.05
N ALA A 10 -4.03 -2.11 2.44
CA ALA A 10 -5.43 -1.80 2.70
C ALA A 10 -6.24 -1.96 1.41
N MET A 11 -7.50 -2.31 1.55
CA MET A 11 -8.37 -2.54 0.38
C MET A 11 -9.29 -1.34 0.15
N THR A 12 -9.17 -0.72 -1.01
CA THR A 12 -10.05 0.38 -1.36
C THR A 12 -11.15 -0.11 -2.31
N GLN A 13 -12.31 0.54 -2.22
CA GLN A 13 -13.48 0.14 -2.99
C GLN A 13 -13.29 0.42 -4.48
N ASP A 14 -12.22 1.14 -4.80
CA ASP A 14 -11.80 1.36 -6.19
C ASP A 14 -11.49 0.00 -6.84
N GLY A 15 -11.38 -1.03 -6.01
CA GLY A 15 -11.19 -2.38 -6.50
C GLY A 15 -9.74 -2.82 -6.46
N GLU A 16 -8.94 -2.21 -5.60
CA GLU A 16 -7.50 -2.47 -5.56
C GLU A 16 -6.97 -2.41 -4.14
N ILE A 17 -5.92 -3.17 -3.87
CA ILE A 17 -5.25 -3.12 -2.59
C ILE A 17 -3.97 -2.30 -2.72
N TYR A 18 -3.63 -1.56 -1.68
CA TYR A 18 -2.46 -0.68 -1.74
C TYR A 18 -1.70 -0.70 -0.41
N TYR A 19 -0.38 -0.51 -0.49
CA TYR A 19 0.49 -0.50 0.66
C TYR A 19 0.85 0.93 1.06
N ILE A 20 0.53 1.28 2.29
CA ILE A 20 0.93 2.55 2.87
C ILE A 20 2.29 2.41 3.55
N ASN A 21 3.33 2.97 2.96
CA ASN A 21 4.66 2.86 3.53
C ASN A 21 4.89 4.03 4.49
N HIS A 22 4.91 3.77 5.81
CA HIS A 22 4.97 4.82 6.82
C HIS A 22 6.36 5.41 6.94
N LYS A 23 7.36 4.71 6.42
CA LYS A 23 8.74 5.16 6.52
C LYS A 23 9.10 6.12 5.40
N ASN A 24 8.67 5.79 4.19
CA ASN A 24 8.97 6.61 3.01
C ASN A 24 7.80 7.51 2.64
N LYS A 25 6.68 7.32 3.33
CA LYS A 25 5.48 8.12 3.07
C LYS A 25 5.04 7.93 1.62
N THR A 26 5.24 6.71 1.12
CA THR A 26 5.03 6.42 -0.30
C THR A 26 4.00 5.28 -0.47
N THR A 27 3.18 5.33 -1.52
CA THR A 27 2.23 4.27 -1.79
C THR A 27 2.78 3.32 -2.86
N SER A 28 2.67 2.02 -2.60
CA SER A 28 3.08 1.01 -3.57
C SER A 28 1.99 -0.04 -3.67
N TRP A 29 1.83 -0.66 -4.82
CA TRP A 29 0.69 -1.55 -5.04
C TRP A 29 0.78 -2.88 -4.29
N LEU A 30 1.73 -3.72 -4.68
CA LEU A 30 1.70 -5.13 -4.29
C LEU A 30 2.86 -5.56 -3.42
N ASP A 31 2.64 -6.69 -2.75
CA ASP A 31 3.51 -7.22 -1.71
C ASP A 31 4.93 -7.49 -2.22
N PRO A 32 5.90 -6.72 -1.69
CA PRO A 32 7.31 -6.81 -2.09
C PRO A 32 8.07 -7.97 -1.44
N ARG A 33 7.47 -8.63 -0.46
CA ARG A 33 8.21 -9.63 0.32
C ARG A 33 8.33 -10.94 -0.45
N LEU A 34 7.61 -11.05 -1.55
CA LEU A 34 7.69 -12.23 -2.40
C LEU A 34 9.00 -12.22 -3.19
N ASP A 35 9.60 -11.04 -3.32
CA ASP A 35 10.80 -10.85 -4.15
C ASP A 35 12.03 -11.64 -3.65
N PRO A 36 12.39 -11.55 -2.35
CA PRO A 36 13.53 -12.28 -1.79
C PRO A 36 13.41 -13.79 -2.00
N SER B 1 -1.18 2.25 -13.23
CA SER B 1 -1.86 3.38 -12.58
C SER B 1 -1.12 3.78 -11.31
N PRO B 2 -0.89 5.08 -11.08
CA PRO B 2 -0.30 5.57 -9.83
C PRO B 2 -1.21 5.34 -8.64
N PRO B 3 -0.67 4.81 -7.52
CA PRO B 3 -1.45 4.51 -6.32
C PRO B 3 -1.90 5.77 -5.59
N PRO B 4 -3.14 5.75 -5.04
CA PRO B 4 -3.72 6.85 -4.27
C PRO B 4 -2.77 7.39 -3.21
N PRO B 5 -2.81 8.72 -2.99
CA PRO B 5 -1.96 9.40 -2.01
C PRO B 5 -2.00 8.75 -0.63
N TYR B 6 -0.81 8.49 -0.09
CA TYR B 6 -0.64 7.89 1.21
C TYR B 6 -1.11 8.82 2.34
N SER B 7 -1.42 10.06 2.00
CA SER B 7 -1.77 11.07 2.98
C SER B 7 -3.01 10.64 3.78
N ARG B 8 -3.98 10.06 3.10
CA ARG B 8 -5.10 9.43 3.80
C ARG B 8 -5.64 8.26 2.97
N TYR B 9 -6.44 7.42 3.62
CA TYR B 9 -6.86 6.15 3.03
C TYR B 9 -8.19 6.31 2.31
N PRO B 10 -8.19 6.16 0.98
CA PRO B 10 -9.41 6.29 0.16
C PRO B 10 -10.41 5.17 0.41
N MET B 11 -11.54 5.53 1.00
CA MET B 11 -12.59 4.57 1.31
C MET B 11 -13.76 4.74 0.33
N ASP B 12 -13.63 5.71 -0.56
CA ASP B 12 -14.69 6.01 -1.52
C ASP B 12 -14.37 5.37 -2.86
#